data_8C1C
#
_entry.id   8C1C
#
_cell.length_a   1.00
_cell.length_b   1.00
_cell.length_c   1.00
_cell.angle_alpha   90.00
_cell.angle_beta   90.00
_cell.angle_gamma   90.00
#
_symmetry.space_group_name_H-M   'P 1'
#
loop_
_entity.id
_entity.type
_entity.pdbx_description
1 polymer 'Immunoglobulin heavy constant epsilon'
2 polymer 'Immunoglobulin kappa constant'
3 polymer 'High affinity immunoglobulin epsilon receptor subunit alpha'
4 branched alpha-D-mannopyranose-(1-3)-[alpha-D-mannopyranose-(1-6)]beta-D-mannopyranose-(1-4)-2-acetamido-2-deoxy-beta-D-glucopyranose-(1-4)-2-acetamido-2-deoxy-beta-D-glucopyranose
5 branched alpha-D-mannopyranose-(1-3)-[alpha-D-mannopyranose-(1-6)]alpha-D-mannopyranose-(1-4)-2-acetamido-2-deoxy-beta-D-glucopyranose-(1-4)-2-acetamido-2-deoxy-beta-D-glucopyranose
6 branched 2-acetamido-2-deoxy-beta-D-glucopyranose-(1-4)-2-acetamido-2-deoxy-beta-D-glucopyranose
7 non-polymer 2-acetamido-2-deoxy-beta-D-glucopyranose
#
loop_
_entity_poly.entity_id
_entity_poly.type
_entity_poly.pdbx_seq_one_letter_code
_entity_poly.pdbx_strand_id
1 'polypeptide(L)'
;ASTQSPSVFPLTRCCKNIPSNATSVTLGCLATGYFPEPVMVTWDTGSLNGTTMTLPATTLTLSGHYATISLLTVSGAWAK
QMFTCRVAHTPSSTDWVDNKTFSVCSRDFTPPTVKILQSSCDGGGHFPPTIQLLCLVSGYTPGTINITWLEDGQVMDVDL
STASTTQEGELASTQSELTLSQKHWLSDRTYTCQVTYQGHTFEDSTKKCADSNPRGVSAYLSRPSPFDLFIRKSPTITCL
VVDLAPSKGTVNLTWSRASGKPVNHSTRKEEKQRNGTLTVTSTLPVGTRDWIEGETYQCRVTHPHLPRALMRSTTKTSGP
RAAPEVYAFATPEWPGSRDKRTLACLIQNFMPEDISVQWLHNEVQLPDARHSTTQPRKTKGSGFFVFSRLEVTRAEWEQK
DEFICRAVHEAASPSQTVQRAVSSVA
;
H,X
2 'polypeptide(L)'
;RTVGAPSVFIFPPSDEQLKSGTASVVCLLNNFYPREAKVQWKVDNALQSGNSQESVTEQDSKDSTYSLSSTLTLSKADYE
KHKVYACEVTHQGLSSPVTKSFNRGEC
;
L,Y
3 'polypeptide(L)'
;KPKVSLNPPWNRIFKGENVTLTCNGNNFFEVSSTKWFHNGSLSEETNSSLNIVNAKFEDSGEYKCQHQQVNESEPVYLEV
FSDWLLLQASAEVVMEGQPLFLRCHGWRNWDVYKVIYYKDGEALKYWYENHNISITNATVEDSGTYYCTGKVWQLDYESE
PLNITVIKAPR
;
R
#
loop_
_chem_comp.id
_chem_comp.type
_chem_comp.name
_chem_comp.formula
BMA D-saccharide, beta linking beta-D-mannopyranose 'C6 H12 O6'
MAN D-saccharide, alpha linking alpha-D-mannopyranose 'C6 H12 O6'
NAG D-saccharide, beta linking 2-acetamido-2-deoxy-beta-D-glucopyranose 'C8 H15 N O6'
#
# COMPACT_ATOMS: atom_id res chain seq x y z
N ALA A 1 15.10 38.64 -17.69
CA ALA A 1 14.29 37.77 -16.80
C ALA A 1 12.80 37.95 -17.08
N SER A 2 12.05 36.85 -16.98
CA SER A 2 10.62 36.91 -17.22
C SER A 2 9.91 37.62 -16.08
N THR A 3 8.74 38.17 -16.40
CA THR A 3 7.93 38.83 -15.38
C THR A 3 7.36 37.79 -14.42
N GLN A 4 7.59 38.00 -13.13
CA GLN A 4 7.18 37.08 -12.06
C GLN A 4 6.24 37.80 -11.10
N SER A 5 5.15 37.14 -10.75
CA SER A 5 4.16 37.69 -9.84
C SER A 5 4.57 37.45 -8.39
N PRO A 6 4.39 38.42 -7.47
CA PRO A 6 4.81 38.15 -6.09
C PRO A 6 3.90 37.17 -5.38
N SER A 7 4.49 36.46 -4.42
CA SER A 7 3.77 35.63 -3.46
C SER A 7 3.68 36.42 -2.16
N VAL A 8 2.46 36.61 -1.67
CA VAL A 8 2.17 37.41 -0.47
C VAL A 8 1.80 36.46 0.65
N PHE A 9 2.47 36.62 1.80
CA PHE A 9 2.28 35.79 2.99
C PHE A 9 2.13 36.68 4.21
N PRO A 10 1.35 36.27 5.23
CA PRO A 10 1.26 37.11 6.43
C PRO A 10 2.50 37.00 7.30
N LEU A 11 2.62 37.94 8.23
CA LEU A 11 3.68 37.93 9.24
C LEU A 11 3.10 38.55 10.51
N THR A 12 2.70 37.69 11.44
CA THR A 12 2.24 38.09 12.76
C THR A 12 3.17 37.50 13.80
N ARG A 13 3.41 38.25 14.87
CA ARG A 13 4.10 37.66 16.01
C ARG A 13 3.24 36.57 16.61
N CYS A 14 3.87 35.61 17.28
CA CYS A 14 3.16 34.48 17.82
C CYS A 14 2.59 34.84 19.19
N CYS A 15 1.35 34.42 19.42
CA CYS A 15 0.53 35.06 20.44
C CYS A 15 0.93 34.68 21.86
N LYS A 16 1.61 33.54 22.04
CA LYS A 16 2.17 33.26 23.35
C LYS A 16 3.26 34.25 23.72
N ASN A 17 4.03 34.70 22.72
CA ASN A 17 5.00 35.77 22.94
C ASN A 17 4.37 37.15 23.00
N ILE A 18 3.21 37.34 22.39
CA ILE A 18 2.54 38.65 22.48
C ILE A 18 1.99 38.83 23.90
N PRO A 19 2.29 39.92 24.61
CA PRO A 19 1.59 40.13 25.88
C PRO A 19 0.11 40.43 25.67
N SER A 20 -0.70 39.98 26.63
CA SER A 20 -2.13 40.23 26.54
C SER A 20 -2.45 41.69 26.84
N ASN A 21 -1.68 42.33 27.73
CA ASN A 21 -1.90 43.72 28.08
C ASN A 21 -1.33 44.70 27.06
N ALA A 22 -0.65 44.23 26.02
CA ALA A 22 -0.12 45.11 24.99
C ALA A 22 -1.27 45.71 24.20
N THR A 23 -1.48 47.02 24.36
CA THR A 23 -2.59 47.68 23.68
C THR A 23 -2.38 47.81 22.17
N SER A 24 -1.14 47.71 21.69
CA SER A 24 -0.80 47.87 20.29
C SER A 24 -0.03 46.64 19.81
N VAL A 25 -0.14 46.37 18.51
CA VAL A 25 0.52 45.22 17.88
C VAL A 25 0.92 45.59 16.46
N THR A 26 2.06 45.04 16.02
CA THR A 26 2.57 45.18 14.67
C THR A 26 2.44 43.86 13.93
N LEU A 27 1.81 43.90 12.77
CA LEU A 27 1.66 42.77 11.85
C LEU A 27 2.19 43.22 10.49
N GLY A 28 2.18 42.32 9.52
CA GLY A 28 2.74 42.67 8.23
C GLY A 28 2.43 41.63 7.17
N CYS A 29 2.85 41.95 5.94
CA CYS A 29 2.80 41.04 4.82
C CYS A 29 4.13 41.06 4.09
N LEU A 30 4.65 39.87 3.80
CA LEU A 30 5.87 39.68 3.02
C LEU A 30 5.48 39.36 1.59
N ALA A 31 5.86 40.24 0.65
CA ALA A 31 5.72 40.01 -0.78
C ALA A 31 7.09 39.61 -1.32
N THR A 32 7.23 38.35 -1.72
CA THR A 32 8.51 37.79 -2.16
C THR A 32 8.32 37.00 -3.44
N GLY A 33 9.37 36.98 -4.27
CA GLY A 33 9.34 36.25 -5.52
C GLY A 33 8.66 36.98 -6.66
N TYR A 34 9.22 38.12 -7.09
CA TYR A 34 8.67 38.87 -8.22
C TYR A 34 9.79 39.52 -9.01
N PHE A 35 9.49 39.79 -10.29
CA PHE A 35 10.34 40.53 -11.22
C PHE A 35 9.41 41.46 -12.01
N PRO A 36 9.77 42.75 -12.22
CA PRO A 36 10.78 43.63 -11.61
C PRO A 36 10.13 44.46 -10.50
N GLU A 37 10.84 45.44 -9.94
CA GLU A 37 10.24 46.34 -8.98
C GLU A 37 9.25 47.26 -9.68
N PRO A 38 8.31 47.90 -8.94
CA PRO A 38 7.91 47.77 -7.53
C PRO A 38 6.54 47.14 -7.36
N VAL A 39 6.15 46.92 -6.10
CA VAL A 39 4.80 46.55 -5.72
C VAL A 39 4.28 47.66 -4.81
N MET A 40 2.95 47.78 -4.73
CA MET A 40 2.31 48.71 -3.80
C MET A 40 1.40 47.91 -2.89
N VAL A 41 1.46 48.21 -1.59
CA VAL A 41 0.72 47.50 -0.55
C VAL A 41 -0.20 48.50 0.14
N THR A 42 -1.47 48.13 0.24
CA THR A 42 -2.46 48.85 1.03
C THR A 42 -3.00 47.92 2.11
N TRP A 43 -3.50 48.52 3.19
CA TRP A 43 -3.98 47.81 4.36
C TRP A 43 -5.38 48.29 4.73
N ASP A 44 -6.31 47.35 4.85
CA ASP A 44 -7.63 47.58 5.42
C ASP A 44 -7.63 47.07 6.85
N THR A 45 -7.84 47.99 7.80
CA THR A 45 -7.83 47.70 9.22
C THR A 45 -9.21 47.46 9.81
N GLY A 46 -10.27 47.50 8.99
CA GLY A 46 -11.62 47.44 9.50
C GLY A 46 -12.10 48.79 9.99
N SER A 47 -12.13 48.98 11.32
CA SER A 47 -12.53 50.23 11.96
C SER A 47 -11.43 50.86 12.80
N LEU A 48 -10.38 50.13 13.16
CA LEU A 48 -9.32 50.68 13.98
C LEU A 48 -8.44 51.62 13.17
N ASN A 49 -7.68 52.46 13.87
CA ASN A 49 -6.62 53.23 13.26
C ASN A 49 -5.38 52.38 13.05
N GLY A 50 -4.56 52.77 12.07
CA GLY A 50 -3.37 52.00 11.76
C GLY A 50 -2.35 52.84 11.02
N THR A 51 -1.08 52.48 11.21
CA THR A 51 0.06 53.11 10.55
C THR A 51 0.72 52.09 9.64
N THR A 52 0.75 52.39 8.33
CA THR A 52 1.31 51.51 7.31
C THR A 52 2.68 52.03 6.91
N MET A 53 3.67 51.13 6.85
CA MET A 53 5.04 51.50 6.49
C MET A 53 5.63 50.34 5.70
N THR A 54 6.20 50.65 4.54
CA THR A 54 6.75 49.65 3.62
C THR A 54 8.26 49.81 3.55
N LEU A 55 8.98 48.69 3.72
CA LEU A 55 10.43 48.72 3.71
C LEU A 55 10.96 48.67 2.27
N PRO A 56 12.24 49.02 2.07
CA PRO A 56 12.87 48.67 0.79
C PRO A 56 12.99 47.17 0.63
N ALA A 57 12.98 46.73 -0.62
CA ALA A 57 13.04 45.30 -0.93
C ALA A 57 14.47 44.77 -0.74
N THR A 58 14.55 43.44 -0.63
CA THR A 58 15.82 42.72 -0.57
C THR A 58 15.92 41.81 -1.79
N THR A 59 17.05 41.87 -2.48
CA THR A 59 17.29 40.99 -3.62
C THR A 59 17.79 39.64 -3.11
N LEU A 60 17.05 38.58 -3.42
CA LEU A 60 17.47 37.25 -3.02
C LEU A 60 18.72 36.83 -3.81
N THR A 61 19.71 36.30 -3.09
CA THR A 61 20.98 35.97 -3.73
C THR A 61 20.86 34.76 -4.64
N LEU A 62 20.09 33.74 -4.22
CA LEU A 62 20.09 32.48 -4.93
C LEU A 62 19.38 32.59 -6.29
N SER A 63 18.21 33.24 -6.31
CA SER A 63 17.37 33.35 -7.50
C SER A 63 17.33 34.73 -8.11
N GLY A 64 17.84 35.75 -7.44
CA GLY A 64 17.74 37.11 -7.93
C GLY A 64 16.39 37.76 -7.74
N HIS A 65 15.45 37.10 -7.06
CA HIS A 65 14.12 37.67 -6.88
C HIS A 65 14.18 38.78 -5.83
N TYR A 66 13.06 39.49 -5.70
CA TYR A 66 12.91 40.60 -4.76
C TYR A 66 11.96 40.19 -3.64
N ALA A 67 12.27 40.65 -2.42
CA ALA A 67 11.47 40.37 -1.25
C ALA A 67 11.36 41.64 -0.41
N THR A 68 10.12 42.09 -0.20
CA THR A 68 9.82 43.30 0.57
C THR A 68 8.78 42.97 1.63
N ILE A 69 8.82 43.73 2.71
CA ILE A 69 7.96 43.54 3.87
C ILE A 69 7.23 44.85 4.13
N SER A 70 5.90 44.79 4.20
CA SER A 70 5.05 45.94 4.48
C SER A 70 4.33 45.69 5.79
N LEU A 71 4.56 46.56 6.77
CA LEU A 71 4.07 46.39 8.13
C LEU A 71 2.95 47.38 8.42
N LEU A 72 2.01 46.92 9.25
CA LEU A 72 0.93 47.72 9.81
C LEU A 72 1.08 47.67 11.32
N THR A 73 0.94 48.82 11.96
CA THR A 73 0.89 48.93 13.43
C THR A 73 -0.46 49.47 13.84
N VAL A 74 -1.16 48.73 14.72
CA VAL A 74 -2.53 49.05 15.11
C VAL A 74 -2.64 49.03 16.63
N SER A 75 -3.71 49.64 17.12
CA SER A 75 -4.03 49.71 18.54
C SER A 75 -5.55 49.62 18.71
N GLY A 76 -5.97 49.24 19.92
CA GLY A 76 -7.37 49.11 20.27
C GLY A 76 -7.79 47.67 20.47
N ALA A 77 -8.89 47.27 19.83
CA ALA A 77 -9.37 45.88 19.85
C ALA A 77 -8.62 45.09 18.78
N TRP A 78 -7.31 44.96 19.00
CA TRP A 78 -6.43 44.39 17.99
C TRP A 78 -6.63 42.89 17.84
N ALA A 79 -6.89 42.18 18.94
CA ALA A 79 -6.91 40.72 18.88
C ALA A 79 -8.18 40.16 18.24
N LYS A 80 -9.26 40.94 18.16
CA LYS A 80 -10.55 40.48 17.65
C LYS A 80 -10.90 41.06 16.28
N GLN A 81 -9.97 41.78 15.64
CA GLN A 81 -10.24 42.56 14.43
C GLN A 81 -9.63 41.88 13.21
N MET A 82 -10.41 41.81 12.14
CA MET A 82 -9.91 41.30 10.88
C MET A 82 -8.99 42.34 10.24
N PHE A 83 -7.98 41.86 9.51
CA PHE A 83 -6.99 42.72 8.88
C PHE A 83 -6.68 42.16 7.50
N THR A 84 -6.66 43.05 6.50
CA THR A 84 -6.45 42.68 5.11
C THR A 84 -5.29 43.47 4.54
N CYS A 85 -4.43 42.80 3.77
CA CYS A 85 -3.38 43.45 2.99
C CYS A 85 -3.58 43.12 1.52
N ARG A 86 -3.49 44.17 0.70
CA ARG A 86 -3.79 44.15 -0.73
C ARG A 86 -2.53 44.60 -1.46
N VAL A 87 -1.93 43.69 -2.23
CA VAL A 87 -0.68 43.94 -2.94
C VAL A 87 -0.97 43.96 -4.43
N ALA A 88 -0.50 45.01 -5.11
CA ALA A 88 -0.61 45.14 -6.56
C ALA A 88 0.78 45.23 -7.16
N HIS A 89 0.98 44.48 -8.25
CA HIS A 89 2.22 44.43 -9.02
C HIS A 89 1.85 44.79 -10.46
N THR A 90 1.98 46.06 -10.80
CA THR A 90 1.56 46.53 -12.12
C THR A 90 2.39 45.99 -13.28
N PRO A 91 3.67 45.65 -13.12
CA PRO A 91 4.33 44.86 -14.18
C PRO A 91 3.66 43.53 -14.49
N SER A 92 3.10 42.85 -13.49
CA SER A 92 2.41 41.58 -13.77
C SER A 92 1.13 41.84 -14.57
N SER A 93 0.22 42.62 -14.01
CA SER A 93 -0.91 43.15 -14.75
C SER A 93 -1.44 44.34 -13.98
N THR A 94 -2.13 45.24 -14.71
CA THR A 94 -2.63 46.46 -14.09
C THR A 94 -3.70 46.17 -13.05
N ASP A 95 -4.50 45.12 -13.28
CA ASP A 95 -5.53 44.68 -12.33
C ASP A 95 -5.06 43.54 -11.44
N TRP A 96 -3.76 43.24 -11.40
CA TRP A 96 -3.26 42.16 -10.56
C TRP A 96 -3.33 42.59 -9.10
N VAL A 97 -4.13 41.88 -8.32
CA VAL A 97 -4.35 42.18 -6.90
C VAL A 97 -4.28 40.86 -6.15
N ASP A 98 -3.35 40.78 -5.18
CA ASP A 98 -3.31 39.71 -4.19
C ASP A 98 -3.96 40.22 -2.92
N ASN A 99 -5.05 39.57 -2.52
CA ASN A 99 -5.82 39.90 -1.34
C ASN A 99 -5.54 38.83 -0.30
N LYS A 100 -4.93 39.22 0.84
CA LYS A 100 -4.66 38.31 1.94
C LYS A 100 -5.34 38.86 3.20
N THR A 101 -6.22 38.05 3.78
CA THR A 101 -7.12 38.45 4.85
C THR A 101 -6.91 37.51 6.02
N PHE A 102 -6.64 38.05 7.21
CA PHE A 102 -6.26 37.24 8.36
C PHE A 102 -6.36 38.07 9.63
N SER A 103 -6.05 37.44 10.76
CA SER A 103 -6.10 38.03 12.08
C SER A 103 -4.71 38.08 12.69
N VAL A 104 -4.58 38.90 13.74
CA VAL A 104 -3.34 38.94 14.50
C VAL A 104 -3.06 37.59 15.14
N CYS A 105 -4.10 36.99 15.73
CA CYS A 105 -4.01 35.71 16.43
C CYS A 105 -4.92 34.69 15.76
N SER A 106 -4.33 33.57 15.36
CA SER A 106 -5.08 32.37 15.00
C SER A 106 -5.28 31.43 16.19
N ARG A 107 -5.00 31.89 17.42
CA ARG A 107 -5.25 31.17 18.66
C ARG A 107 -4.37 29.93 18.81
N ASP A 108 -4.30 29.39 20.02
CA ASP A 108 -3.38 28.31 20.39
C ASP A 108 -4.19 27.09 20.79
N PHE A 109 -3.91 25.96 20.11
CA PHE A 109 -4.49 24.67 20.42
C PHE A 109 -3.36 23.65 20.46
N THR A 110 -3.60 22.55 21.19
CA THR A 110 -2.61 21.48 21.26
C THR A 110 -2.47 20.80 19.89
N PRO A 111 -1.26 20.45 19.45
CA PRO A 111 -1.12 19.73 18.17
C PRO A 111 -1.78 18.37 18.22
N PRO A 112 -2.62 18.02 17.23
CA PRO A 112 -2.92 16.60 17.01
C PRO A 112 -1.73 15.87 16.41
N THR A 113 -1.70 14.56 16.62
CA THR A 113 -0.76 13.67 15.95
C THR A 113 -1.52 12.53 15.28
N VAL A 114 -0.87 11.92 14.29
CA VAL A 114 -1.44 10.89 13.44
C VAL A 114 -0.51 9.68 13.42
N LYS A 115 -1.07 8.49 13.61
CA LYS A 115 -0.33 7.26 13.33
C LYS A 115 -1.27 6.22 12.72
N ILE A 116 -0.71 5.36 11.88
CA ILE A 116 -1.47 4.32 11.17
C ILE A 116 -0.97 2.97 11.67
N LEU A 117 -1.89 2.13 12.13
CA LEU A 117 -1.66 0.73 12.43
C LEU A 117 -2.31 -0.15 11.35
N GLN A 118 -1.87 -1.41 11.28
CA GLN A 118 -2.38 -2.36 10.29
C GLN A 118 -2.58 -3.74 10.90
N SER A 119 -3.46 -4.53 10.29
CA SER A 119 -3.58 -5.96 10.53
C SER A 119 -2.20 -6.62 10.48
N SER A 120 -1.98 -7.61 11.34
CA SER A 120 -0.81 -8.48 11.19
C SER A 120 -1.15 -9.63 10.26
N CYS A 121 -0.23 -9.96 9.36
CA CYS A 121 -0.28 -11.27 8.73
C CYS A 121 -0.09 -12.35 9.80
N ASP A 122 -0.43 -13.59 9.44
CA ASP A 122 -0.49 -14.67 10.42
C ASP A 122 0.85 -15.34 10.74
N GLY A 123 0.77 -16.40 11.54
CA GLY A 123 1.91 -17.17 12.02
C GLY A 123 2.72 -17.87 10.95
N GLY A 124 2.18 -18.01 9.74
CA GLY A 124 2.91 -18.55 8.62
C GLY A 124 3.47 -17.49 7.69
N GLY A 125 3.28 -16.22 8.01
CA GLY A 125 3.69 -15.11 7.18
C GLY A 125 2.72 -14.73 6.10
N HIS A 126 1.48 -15.24 6.11
CA HIS A 126 0.56 -15.03 5.02
C HIS A 126 -0.42 -13.91 5.38
N PHE A 127 -0.76 -13.11 4.39
CA PHE A 127 -1.71 -12.04 4.56
C PHE A 127 -3.13 -12.60 4.81
N PRO A 128 -3.95 -11.96 5.64
CA PRO A 128 -5.37 -12.33 5.67
C PRO A 128 -6.05 -11.93 4.38
N PRO A 129 -7.28 -12.42 4.12
CA PRO A 129 -7.93 -12.07 2.84
C PRO A 129 -8.35 -10.62 2.71
N THR A 130 -8.52 -9.89 3.81
CA THR A 130 -8.69 -8.44 3.77
C THR A 130 -7.70 -7.79 4.73
N ILE A 131 -7.35 -6.54 4.43
CA ILE A 131 -6.40 -5.76 5.22
C ILE A 131 -7.16 -4.57 5.80
N GLN A 132 -7.02 -4.36 7.11
CA GLN A 132 -7.56 -3.20 7.80
C GLN A 132 -6.43 -2.22 8.06
N LEU A 133 -6.66 -0.95 7.71
CA LEU A 133 -5.78 0.16 8.08
C LEU A 133 -6.52 1.02 9.08
N LEU A 134 -5.91 1.26 10.24
CA LEU A 134 -6.52 2.04 11.31
C LEU A 134 -5.70 3.31 11.50
N CYS A 135 -6.25 4.43 11.05
CA CYS A 135 -5.63 5.74 11.23
C CYS A 135 -6.11 6.29 12.57
N LEU A 136 -5.18 6.56 13.49
CA LEU A 136 -5.47 7.01 14.84
C LEU A 136 -5.00 8.44 14.95
N VAL A 137 -5.92 9.33 15.30
CA VAL A 137 -5.66 10.73 15.62
C VAL A 137 -5.83 10.90 17.12
N SER A 138 -4.70 10.86 17.82
CA SER A 138 -4.59 10.93 19.27
C SER A 138 -5.10 12.26 19.81
N GLY A 139 -5.09 12.42 21.13
CA GLY A 139 -5.71 13.54 21.83
C GLY A 139 -5.48 14.96 21.32
N TYR A 140 -6.57 15.58 20.87
CA TYR A 140 -6.57 16.95 20.36
C TYR A 140 -7.73 17.73 20.96
N THR A 141 -7.61 19.06 20.94
CA THR A 141 -8.69 19.95 21.37
C THR A 141 -9.95 19.68 20.54
N PRO A 142 -11.12 19.37 21.14
CA PRO A 142 -12.32 19.06 20.33
C PRO A 142 -12.68 20.10 19.28
N GLY A 143 -12.99 19.63 18.09
CA GLY A 143 -13.32 20.51 16.98
C GLY A 143 -13.77 19.69 15.79
N THR A 144 -14.15 20.39 14.73
CA THR A 144 -14.60 19.72 13.52
C THR A 144 -13.39 19.10 12.83
N ILE A 145 -13.54 17.87 12.37
CA ILE A 145 -12.44 17.07 11.83
C ILE A 145 -12.97 16.22 10.69
N ASN A 146 -12.15 16.08 9.65
CA ASN A 146 -12.45 15.22 8.50
C ASN A 146 -11.25 14.33 8.22
N ILE A 147 -11.52 13.10 7.77
CA ILE A 147 -10.49 12.14 7.40
C ILE A 147 -10.79 11.67 5.98
N THR A 148 -9.79 11.78 5.10
CA THR A 148 -9.84 11.29 3.73
C THR A 148 -8.73 10.27 3.51
N TRP A 149 -9.05 9.14 2.88
CA TRP A 149 -8.04 8.17 2.50
C TRP A 149 -7.71 8.39 1.03
N LEU A 150 -6.42 8.33 0.70
CA LEU A 150 -5.91 8.47 -0.66
C LEU A 150 -5.16 7.20 -1.02
N GLU A 151 -5.30 6.74 -2.27
CA GLU A 151 -4.55 5.61 -2.82
C GLU A 151 -3.67 6.18 -3.92
N ASP A 152 -2.36 6.19 -3.67
CA ASP A 152 -1.35 6.85 -4.50
C ASP A 152 -1.79 8.29 -4.83
N GLY A 153 -2.39 8.96 -3.83
CA GLY A 153 -2.78 10.34 -3.90
C GLY A 153 -4.19 10.63 -4.40
N GLN A 154 -4.94 9.63 -4.88
CA GLN A 154 -6.29 9.86 -5.42
C GLN A 154 -7.35 9.49 -4.39
N VAL A 155 -8.31 10.39 -4.19
CA VAL A 155 -9.38 10.20 -3.21
C VAL A 155 -10.24 8.98 -3.53
N MET A 156 -10.42 8.10 -2.55
CA MET A 156 -11.32 6.95 -2.66
C MET A 156 -12.69 7.37 -2.14
N ASP A 157 -13.73 6.70 -2.64
CA ASP A 157 -15.08 6.98 -2.18
C ASP A 157 -15.20 6.69 -0.69
N VAL A 158 -15.81 7.64 0.04
CA VAL A 158 -15.99 7.54 1.48
C VAL A 158 -16.80 6.31 1.92
N ASP A 159 -17.56 5.68 1.02
CA ASP A 159 -18.32 4.48 1.36
C ASP A 159 -17.41 3.31 1.74
N LEU A 160 -16.17 3.28 1.25
CA LEU A 160 -15.27 2.15 1.47
C LEU A 160 -14.56 2.17 2.83
N SER A 161 -14.83 3.17 3.68
CA SER A 161 -14.16 3.31 4.97
C SER A 161 -15.16 3.81 5.99
N THR A 162 -14.84 3.59 7.27
CA THR A 162 -15.58 4.14 8.40
C THR A 162 -14.74 5.14 9.19
N ALA A 163 -15.40 5.81 10.12
CA ALA A 163 -14.76 6.75 11.03
C ALA A 163 -15.57 6.85 12.32
N SER A 164 -14.87 7.08 13.42
CA SER A 164 -15.45 7.14 14.76
C SER A 164 -14.71 8.19 15.57
N THR A 165 -15.48 9.00 16.31
CA THR A 165 -14.96 10.02 17.21
C THR A 165 -15.55 9.81 18.61
N THR A 166 -14.67 9.74 19.61
CA THR A 166 -15.06 9.72 21.01
C THR A 166 -14.45 10.92 21.72
N GLN A 167 -15.04 11.27 22.86
CA GLN A 167 -14.53 12.33 23.74
C GLN A 167 -14.40 11.80 25.15
N GLU A 168 -13.23 12.01 25.76
CA GLU A 168 -12.95 11.64 27.14
C GLU A 168 -12.49 12.89 27.87
N GLY A 169 -13.30 13.34 28.84
CA GLY A 169 -13.00 14.55 29.56
C GLY A 169 -13.10 15.75 28.64
N GLU A 170 -11.98 16.48 28.54
CA GLU A 170 -11.84 17.66 27.72
C GLU A 170 -11.07 17.38 26.43
N LEU A 171 -10.80 16.10 26.11
CA LEU A 171 -9.97 15.73 24.97
C LEU A 171 -10.72 14.75 24.08
N ALA A 172 -10.61 14.96 22.77
CA ALA A 172 -11.23 14.10 21.76
C ALA A 172 -10.20 13.10 21.22
N SER A 173 -10.72 12.00 20.68
CA SER A 173 -9.92 10.98 20.05
C SER A 173 -10.67 10.50 18.82
N THR A 174 -9.95 10.28 17.71
CA THR A 174 -10.58 9.91 16.45
C THR A 174 -9.85 8.72 15.84
N GLN A 175 -10.63 7.79 15.29
CA GLN A 175 -10.10 6.66 14.55
C GLN A 175 -10.85 6.55 13.24
N SER A 176 -10.15 6.09 12.21
CA SER A 176 -10.74 5.79 10.91
C SER A 176 -10.24 4.45 10.43
N GLU A 177 -11.17 3.64 9.89
CA GLU A 177 -10.84 2.29 9.43
C GLU A 177 -11.09 2.20 7.94
N LEU A 178 -10.12 1.67 7.20
CA LEU A 178 -10.21 1.42 5.77
C LEU A 178 -10.01 -0.06 5.53
N THR A 179 -10.82 -0.64 4.64
CA THR A 179 -10.75 -2.06 4.31
C THR A 179 -10.28 -2.19 2.88
N LEU A 180 -9.31 -3.09 2.67
CA LEU A 180 -8.69 -3.29 1.37
C LEU A 180 -8.64 -4.78 1.06
N SER A 181 -8.68 -5.11 -0.24
CA SER A 181 -8.47 -6.49 -0.64
C SER A 181 -6.99 -6.81 -0.52
N GLN A 182 -6.69 -8.10 -0.31
CA GLN A 182 -5.30 -8.55 -0.28
C GLN A 182 -4.57 -8.22 -1.59
N LYS A 183 -5.29 -8.31 -2.71
CA LYS A 183 -4.69 -8.06 -4.03
C LYS A 183 -4.17 -6.63 -4.13
N HIS A 184 -4.98 -5.65 -3.72
CA HIS A 184 -4.53 -4.27 -3.79
C HIS A 184 -3.33 -4.03 -2.88
N TRP A 185 -3.35 -4.60 -1.67
CA TRP A 185 -2.23 -4.43 -0.76
C TRP A 185 -0.93 -5.01 -1.32
N LEU A 186 -1.00 -6.19 -1.93
CA LEU A 186 0.21 -6.81 -2.48
C LEU A 186 0.74 -6.12 -3.73
N SER A 187 -0.02 -5.20 -4.32
CA SER A 187 0.41 -4.46 -5.49
C SER A 187 1.28 -3.23 -5.15
N ASP A 188 1.67 -3.05 -3.88
CA ASP A 188 2.63 -2.04 -3.45
C ASP A 188 2.15 -0.61 -3.62
N ARG A 189 0.84 -0.39 -3.64
CA ARG A 189 0.30 0.96 -3.69
C ARG A 189 0.47 1.64 -2.34
N THR A 190 0.57 2.96 -2.37
CA THR A 190 0.81 3.77 -1.19
C THR A 190 -0.50 4.44 -0.79
N TYR A 191 -0.80 4.40 0.50
CA TYR A 191 -2.03 4.90 1.08
C TYR A 191 -1.73 6.00 2.08
N THR A 192 -2.52 7.07 2.01
CA THR A 192 -2.31 8.29 2.78
C THR A 192 -3.56 8.55 3.61
N CYS A 193 -3.36 8.76 4.91
CA CYS A 193 -4.40 9.22 5.83
C CYS A 193 -4.26 10.73 5.94
N GLN A 194 -5.29 11.43 5.46
CA GLN A 194 -5.35 12.89 5.35
C GLN A 194 -6.32 13.42 6.39
N VAL A 195 -5.82 14.23 7.34
CA VAL A 195 -6.65 14.77 8.42
C VAL A 195 -6.77 16.27 8.19
N THR A 196 -8.02 16.76 8.18
CA THR A 196 -8.31 18.19 8.09
C THR A 196 -8.96 18.62 9.40
N TYR A 197 -8.31 19.54 10.09
CA TYR A 197 -8.76 20.02 11.40
C TYR A 197 -8.59 21.52 11.47
N GLN A 198 -9.69 22.25 11.69
CA GLN A 198 -9.73 23.71 11.78
C GLN A 198 -8.92 24.41 10.68
N GLY A 199 -9.08 23.94 9.45
CA GLY A 199 -8.39 24.58 8.35
C GLY A 199 -6.90 24.29 8.27
N HIS A 200 -6.41 23.31 9.03
CA HIS A 200 -5.01 22.87 8.98
C HIS A 200 -4.96 21.39 8.62
N THR A 201 -3.97 21.03 7.81
CA THR A 201 -3.85 19.69 7.27
C THR A 201 -2.70 18.96 7.97
N PHE A 202 -2.97 17.74 8.40
CA PHE A 202 -2.03 16.74 8.88
C PHE A 202 -2.05 15.56 7.92
N GLU A 203 -1.01 14.73 7.97
CA GLU A 203 -0.98 13.57 7.09
C GLU A 203 -0.04 12.50 7.61
N ASP A 204 -0.28 11.29 7.11
CA ASP A 204 0.57 10.14 7.38
C ASP A 204 0.46 9.20 6.19
N SER A 205 1.47 8.36 5.99
CA SER A 205 1.54 7.47 4.83
C SER A 205 1.95 6.07 5.23
N THR A 206 1.61 5.13 4.35
CA THR A 206 1.92 3.73 4.48
C THR A 206 1.93 3.11 3.10
N LYS A 207 2.73 2.08 2.91
CA LYS A 207 2.61 1.18 1.76
C LYS A 207 2.85 -0.22 2.29
N LYS A 208 2.65 -1.24 1.43
CA LYS A 208 3.02 -2.60 1.82
C LYS A 208 4.43 -2.59 2.36
N CYS A 209 4.61 -3.25 3.49
CA CYS A 209 5.91 -3.26 4.12
C CYS A 209 6.93 -4.02 3.26
N ALA A 210 8.16 -4.08 3.76
CA ALA A 210 9.19 -4.83 3.07
C ALA A 210 10.39 -5.01 3.99
N ASP A 211 11.05 -6.16 3.83
CA ASP A 211 12.34 -6.35 4.48
C ASP A 211 13.40 -5.48 3.83
N SER A 212 13.28 -5.22 2.53
CA SER A 212 14.20 -4.33 1.83
C SER A 212 13.46 -3.69 0.65
N ASN A 213 13.89 -2.47 0.32
CA ASN A 213 13.32 -1.66 -0.76
C ASN A 213 14.44 -1.11 -1.63
N PRO A 214 15.00 -1.92 -2.52
CA PRO A 214 15.86 -1.33 -3.54
C PRO A 214 15.02 -0.46 -4.46
N ARG A 215 15.66 0.58 -4.97
CA ARG A 215 15.07 1.50 -5.92
C ARG A 215 16.23 2.13 -6.66
N GLY A 216 15.97 2.48 -7.91
CA GLY A 216 16.93 3.19 -8.73
C GLY A 216 16.29 4.36 -9.43
N VAL A 217 17.14 5.20 -9.95
CA VAL A 217 16.66 6.40 -10.63
C VAL A 217 16.16 6.00 -12.01
N SER A 218 15.06 6.63 -12.42
CA SER A 218 14.49 6.50 -13.75
C SER A 218 14.21 7.90 -14.25
N ALA A 219 14.04 8.01 -15.57
CA ALA A 219 13.89 9.30 -16.21
C ALA A 219 12.92 9.20 -17.38
N TYR A 220 12.14 10.26 -17.56
CA TYR A 220 11.11 10.36 -18.57
C TYR A 220 11.22 11.74 -19.17
N LEU A 221 10.93 11.84 -20.46
CA LEU A 221 11.08 13.09 -21.20
C LEU A 221 9.88 13.26 -22.10
N SER A 222 9.18 14.38 -21.94
CA SER A 222 7.92 14.64 -22.63
C SER A 222 8.20 15.48 -23.87
N ARG A 223 7.25 15.46 -24.78
CA ARG A 223 7.16 16.41 -25.87
C ARG A 223 6.30 17.61 -25.44
N PRO A 224 6.35 18.73 -26.18
CA PRO A 224 5.46 19.84 -25.84
C PRO A 224 4.05 19.42 -26.17
N SER A 225 3.08 19.98 -25.44
CA SER A 225 1.73 19.61 -25.79
C SER A 225 1.29 20.42 -27.02
N PRO A 226 0.41 19.88 -27.88
CA PRO A 226 -0.12 20.69 -28.99
C PRO A 226 -0.80 21.97 -28.55
N PHE A 227 -1.54 21.93 -27.43
CA PHE A 227 -2.15 23.12 -26.86
C PHE A 227 -1.11 24.18 -26.56
N ASP A 228 -0.01 23.78 -25.91
CA ASP A 228 1.05 24.73 -25.62
C ASP A 228 1.74 25.20 -26.89
N LEU A 229 1.89 24.32 -27.87
CA LEU A 229 2.58 24.69 -29.10
C LEU A 229 1.79 25.70 -29.94
N PHE A 230 0.47 25.51 -30.06
CA PHE A 230 -0.33 26.20 -31.08
C PHE A 230 -1.38 27.17 -30.55
N ILE A 231 -1.86 27.00 -29.32
CA ILE A 231 -2.82 27.93 -28.71
C ILE A 231 -2.06 28.91 -27.83
N ARG A 232 -1.40 28.39 -26.79
CA ARG A 232 -0.63 29.24 -25.90
C ARG A 232 0.61 29.79 -26.62
N LYS A 233 1.11 29.07 -27.63
CA LYS A 233 2.31 29.46 -28.38
C LYS A 233 3.53 29.68 -27.48
N SER A 234 3.72 28.77 -26.52
CA SER A 234 4.84 28.84 -25.60
C SER A 234 5.24 27.41 -25.24
N PRO A 235 5.80 26.66 -26.19
CA PRO A 235 6.02 25.25 -25.93
C PRO A 235 7.21 25.06 -25.00
N THR A 236 7.14 23.99 -24.22
CA THR A 236 8.20 23.61 -23.30
C THR A 236 8.32 22.10 -23.37
N ILE A 237 9.48 21.61 -22.93
CA ILE A 237 9.66 20.18 -22.69
C ILE A 237 10.09 20.02 -21.24
N THR A 238 9.75 18.87 -20.67
CA THR A 238 10.03 18.58 -19.26
C THR A 238 10.79 17.28 -19.17
N CYS A 239 11.91 17.30 -18.45
CA CYS A 239 12.64 16.09 -18.11
C CYS A 239 12.33 15.83 -16.65
N LEU A 240 11.73 14.68 -16.36
CA LEU A 240 11.29 14.33 -15.02
C LEU A 240 12.11 13.11 -14.62
N VAL A 241 12.84 13.22 -13.51
CA VAL A 241 13.66 12.12 -13.02
C VAL A 241 13.14 11.75 -11.64
N VAL A 242 12.74 10.48 -11.49
CA VAL A 242 12.08 9.98 -10.30
C VAL A 242 12.78 8.73 -9.78
N ASP A 243 12.52 8.44 -8.51
CA ASP A 243 12.99 7.26 -7.77
C ASP A 243 14.50 7.27 -7.53
N LEU A 244 15.15 8.42 -7.54
CA LEU A 244 16.53 8.49 -7.11
C LEU A 244 16.59 8.30 -5.61
N ALA A 245 17.68 7.73 -5.13
CA ALA A 245 17.89 7.61 -3.69
C ALA A 245 18.47 8.92 -3.17
N PRO A 246 17.82 9.60 -2.18
CA PRO A 246 18.39 10.87 -1.67
C PRO A 246 19.72 10.67 -0.95
N SER A 247 20.76 10.54 -1.77
CA SER A 247 22.13 10.42 -1.30
C SER A 247 22.66 11.81 -0.96
N LYS A 248 23.98 11.94 -0.84
CA LYS A 248 24.62 13.26 -0.72
C LYS A 248 24.86 13.89 -2.08
N GLY A 249 24.34 15.11 -2.24
CA GLY A 249 24.66 16.03 -3.31
C GLY A 249 23.50 16.22 -4.29
N THR A 250 23.55 17.36 -4.99
CA THR A 250 22.60 17.70 -6.03
C THR A 250 22.85 16.90 -7.30
N VAL A 251 21.78 16.63 -8.05
CA VAL A 251 21.85 15.77 -9.23
C VAL A 251 22.09 16.67 -10.44
N ASN A 252 23.09 16.30 -11.25
CA ASN A 252 23.54 17.15 -12.34
C ASN A 252 22.57 16.91 -13.50
N LEU A 253 22.00 18.00 -14.02
CA LEU A 253 20.92 17.94 -15.02
C LEU A 253 21.18 18.99 -16.10
N THR A 254 21.48 18.53 -17.32
CA THR A 254 21.92 19.41 -18.40
C THR A 254 21.09 19.19 -19.66
N TRP A 255 20.71 20.31 -20.29
CA TRP A 255 19.96 20.31 -21.54
C TRP A 255 20.93 20.59 -22.67
N SER A 256 20.73 19.94 -23.82
CA SER A 256 21.53 20.27 -24.99
C SER A 256 20.72 19.99 -26.26
N ARG A 257 21.17 20.58 -27.36
CA ARG A 257 20.59 20.38 -28.68
C ARG A 257 21.63 19.69 -29.55
N ALA A 258 21.17 18.76 -30.40
CA ALA A 258 22.09 18.08 -31.31
C ALA A 258 22.79 19.04 -32.26
N SER A 259 22.15 20.15 -32.61
CA SER A 259 22.75 21.13 -33.51
C SER A 259 23.85 21.95 -32.86
N GLY A 260 23.99 21.92 -31.54
CA GLY A 260 24.95 22.80 -30.89
C GLY A 260 24.49 24.23 -30.69
N LYS A 261 23.27 24.57 -31.12
CA LYS A 261 22.75 25.91 -30.92
C LYS A 261 22.35 26.10 -29.46
N PRO A 262 22.22 27.35 -28.99
CA PRO A 262 22.06 27.53 -27.53
C PRO A 262 20.67 27.14 -27.07
N VAL A 263 20.62 26.68 -25.81
CA VAL A 263 19.36 26.40 -25.13
C VAL A 263 18.98 27.62 -24.29
N ASN A 264 17.70 27.74 -24.00
CA ASN A 264 17.23 28.77 -23.08
C ASN A 264 17.52 28.35 -21.64
N HIS A 265 17.38 29.29 -20.72
CA HIS A 265 17.48 28.94 -19.30
C HIS A 265 16.26 28.10 -18.92
N SER A 266 16.50 27.05 -18.14
CA SER A 266 15.46 26.17 -17.64
C SER A 266 15.16 26.48 -16.18
N THR A 267 14.03 25.95 -15.70
CA THR A 267 13.65 25.99 -14.29
C THR A 267 13.73 24.58 -13.70
N ARG A 268 14.03 24.51 -12.41
CA ARG A 268 14.31 23.24 -11.72
C ARG A 268 13.58 23.24 -10.39
N LYS A 269 12.79 22.20 -10.14
CA LYS A 269 12.13 21.96 -8.87
C LYS A 269 12.57 20.59 -8.34
N GLU A 270 12.82 20.52 -7.04
CA GLU A 270 13.13 19.26 -6.36
C GLU A 270 12.15 19.11 -5.20
N GLU A 271 11.49 17.94 -5.11
CA GLU A 271 10.40 17.74 -4.15
C GLU A 271 10.47 16.35 -3.54
N LYS A 272 10.54 16.31 -2.21
CA LYS A 272 10.45 15.05 -1.48
C LYS A 272 9.02 14.52 -1.50
N GLN A 273 8.88 13.22 -1.72
CA GLN A 273 7.59 12.56 -1.89
C GLN A 273 7.22 11.78 -0.63
N ARG A 274 5.93 11.43 -0.56
CA ARG A 274 5.38 10.69 0.57
C ARG A 274 6.04 9.31 0.73
N ASN A 275 6.27 8.64 -0.37
CA ASN A 275 6.86 7.33 -0.61
C ASN A 275 8.43 7.22 -0.43
N GLY A 276 9.07 8.30 0.04
CA GLY A 276 10.46 8.33 0.41
C GLY A 276 11.49 8.75 -0.63
N THR A 277 11.09 8.96 -1.88
CA THR A 277 12.03 9.38 -2.91
C THR A 277 12.06 10.91 -3.04
N LEU A 278 12.95 11.39 -3.92
CA LEU A 278 13.10 12.80 -4.26
C LEU A 278 12.90 12.88 -5.76
N THR A 279 11.89 13.64 -6.19
CA THR A 279 11.57 13.80 -7.61
C THR A 279 12.05 15.16 -8.07
N VAL A 280 12.85 15.17 -9.14
CA VAL A 280 13.40 16.40 -9.70
C VAL A 280 12.79 16.60 -11.08
N THR A 281 12.25 17.80 -11.29
CA THR A 281 11.60 18.20 -12.53
C THR A 281 12.36 19.37 -13.10
N SER A 282 12.75 19.28 -14.38
CA SER A 282 13.37 20.38 -15.09
C SER A 282 12.53 20.71 -16.31
N THR A 283 12.17 21.99 -16.46
CA THR A 283 11.35 22.46 -17.56
C THR A 283 12.11 23.47 -18.40
N LEU A 284 12.22 23.19 -19.71
CA LEU A 284 12.99 23.97 -20.66
C LEU A 284 12.03 24.60 -21.68
N PRO A 285 11.95 25.93 -21.83
CA PRO A 285 11.24 26.48 -22.98
C PRO A 285 11.99 26.16 -24.27
N VAL A 286 11.24 25.77 -25.30
CA VAL A 286 11.79 25.48 -26.61
C VAL A 286 11.18 26.45 -27.62
N GLY A 287 11.96 26.77 -28.65
CA GLY A 287 11.46 27.57 -29.75
C GLY A 287 10.39 26.86 -30.56
N THR A 288 9.35 27.61 -30.94
CA THR A 288 8.24 27.02 -31.65
C THR A 288 8.66 26.61 -33.06
N ARG A 289 9.35 27.52 -33.76
CA ARG A 289 9.89 27.20 -35.07
C ARG A 289 10.97 26.13 -34.98
N ASP A 290 11.81 26.20 -33.94
CA ASP A 290 12.83 25.18 -33.68
C ASP A 290 12.20 23.80 -33.61
N TRP A 291 11.13 23.67 -32.83
CA TRP A 291 10.49 22.37 -32.65
C TRP A 291 9.84 21.91 -33.95
N ILE A 292 9.09 22.81 -34.61
CA ILE A 292 8.35 22.43 -35.81
C ILE A 292 9.27 21.99 -36.94
N GLU A 293 10.51 22.48 -37.00
CA GLU A 293 11.41 22.15 -38.11
C GLU A 293 12.31 20.94 -37.80
N GLY A 294 12.07 20.24 -36.71
CA GLY A 294 12.62 18.92 -36.50
C GLY A 294 13.83 18.87 -35.60
N GLU A 295 14.03 19.87 -34.74
CA GLU A 295 15.15 19.85 -33.83
C GLU A 295 14.99 18.71 -32.83
N THR A 296 16.13 18.17 -32.40
CA THR A 296 16.21 17.11 -31.40
C THR A 296 16.83 17.69 -30.13
N TYR A 297 16.15 17.50 -29.01
CA TYR A 297 16.58 17.99 -27.70
C TYR A 297 16.96 16.80 -26.84
N GLN A 298 18.02 16.97 -26.04
CA GLN A 298 18.54 15.92 -25.17
C GLN A 298 18.58 16.41 -23.73
N CYS A 299 18.16 15.54 -22.82
CA CYS A 299 18.29 15.68 -21.38
C CYS A 299 19.35 14.68 -20.93
N ARG A 300 20.38 15.17 -20.24
CA ARG A 300 21.47 14.35 -19.73
C ARG A 300 21.55 14.48 -18.22
N VAL A 301 21.53 13.34 -17.55
CA VAL A 301 21.42 13.23 -16.10
C VAL A 301 22.70 12.55 -15.65
N THR A 302 23.42 13.19 -14.75
CA THR A 302 24.64 12.67 -14.17
C THR A 302 24.54 12.81 -12.65
N HIS A 303 25.29 11.98 -11.94
CA HIS A 303 25.36 12.01 -10.49
C HIS A 303 26.55 11.16 -10.07
N PRO A 304 27.30 11.52 -9.00
CA PRO A 304 28.50 10.72 -8.67
C PRO A 304 28.21 9.27 -8.33
N HIS A 305 27.04 9.01 -7.77
CA HIS A 305 26.64 7.67 -7.40
C HIS A 305 26.03 6.89 -8.57
N LEU A 306 25.82 7.56 -9.74
CA LEU A 306 25.31 6.83 -10.90
C LEU A 306 26.43 6.04 -11.58
N PRO A 307 26.12 4.88 -12.18
CA PRO A 307 27.16 4.16 -12.94
C PRO A 307 27.63 4.88 -14.18
N ARG A 308 26.65 5.32 -14.97
CA ARG A 308 26.89 6.04 -16.21
C ARG A 308 25.89 7.16 -16.30
N ALA A 309 26.08 8.01 -17.31
CA ALA A 309 25.10 9.05 -17.54
C ALA A 309 23.85 8.44 -18.13
N LEU A 310 22.71 8.97 -17.69
CA LEU A 310 21.40 8.60 -18.21
C LEU A 310 21.08 9.65 -19.26
N MET A 311 20.61 9.21 -20.42
CA MET A 311 20.32 10.08 -21.54
C MET A 311 18.94 9.83 -22.10
N ARG A 312 18.20 10.91 -22.31
CA ARG A 312 16.89 10.85 -22.95
C ARG A 312 16.90 11.92 -24.02
N SER A 313 16.13 11.69 -25.08
CA SER A 313 16.02 12.63 -26.18
C SER A 313 14.60 12.66 -26.69
N THR A 314 14.25 13.76 -27.33
CA THR A 314 12.90 13.93 -27.84
C THR A 314 12.95 14.79 -29.08
N THR A 315 12.01 14.53 -29.99
CA THR A 315 11.95 15.19 -31.29
C THR A 315 10.58 14.94 -31.90
N LYS A 316 10.23 15.79 -32.87
CA LYS A 316 8.94 15.70 -33.53
C LYS A 316 8.85 14.35 -34.25
N THR A 317 7.69 13.71 -34.19
CA THR A 317 7.52 12.40 -34.81
C THR A 317 7.64 12.48 -36.33
N SER A 318 8.43 11.56 -36.88
CA SER A 318 8.71 11.47 -38.31
C SER A 318 7.66 10.69 -39.10
N GLY A 319 6.60 10.20 -38.48
CA GLY A 319 5.55 9.54 -39.21
C GLY A 319 4.76 10.50 -40.08
N PRO A 320 3.77 9.96 -40.81
CA PRO A 320 2.93 10.81 -41.66
C PRO A 320 1.95 11.66 -40.84
N ARG A 321 1.03 12.35 -41.51
CA ARG A 321 0.08 13.24 -40.87
C ARG A 321 -1.33 12.90 -41.32
N ALA A 322 -2.30 13.13 -40.44
CA ALA A 322 -3.71 12.96 -40.77
C ALA A 322 -4.52 13.80 -39.80
N ALA A 323 -5.60 14.41 -40.31
CA ALA A 323 -6.35 15.35 -39.48
C ALA A 323 -7.33 14.59 -38.57
N PRO A 324 -7.65 15.13 -37.39
CA PRO A 324 -8.63 14.44 -36.53
C PRO A 324 -10.05 14.58 -37.03
N GLU A 325 -10.83 13.51 -36.86
CA GLU A 325 -12.28 13.58 -36.90
C GLU A 325 -12.74 13.76 -35.47
N VAL A 326 -13.78 14.58 -35.27
CA VAL A 326 -14.32 14.90 -33.95
C VAL A 326 -15.82 14.63 -33.93
N TYR A 327 -16.28 14.03 -32.82
CA TYR A 327 -17.70 13.73 -32.62
C TYR A 327 -18.02 13.96 -31.16
N ALA A 328 -19.02 14.79 -30.86
CA ALA A 328 -19.44 15.06 -29.49
C ALA A 328 -20.86 14.54 -29.25
N PHE A 329 -21.09 14.04 -28.03
CA PHE A 329 -22.33 13.37 -27.67
C PHE A 329 -22.73 13.73 -26.24
N ALA A 330 -24.03 13.61 -25.97
CA ALA A 330 -24.60 13.72 -24.63
C ALA A 330 -25.34 12.42 -24.36
N THR A 331 -25.26 11.93 -23.13
CA THR A 331 -26.09 10.81 -22.73
C THR A 331 -27.56 11.23 -22.52
N PRO A 332 -28.52 10.32 -22.63
CA PRO A 332 -29.92 10.72 -22.47
C PRO A 332 -30.27 10.94 -21.01
N GLU A 333 -31.40 11.60 -20.79
CA GLU A 333 -31.96 11.72 -19.45
C GLU A 333 -32.67 10.44 -19.04
N TRP A 334 -32.47 10.04 -17.78
CA TRP A 334 -33.13 8.86 -17.24
C TRP A 334 -33.18 9.05 -15.72
N PRO A 335 -33.84 8.13 -14.98
CA PRO A 335 -33.98 8.33 -13.52
C PRO A 335 -32.65 8.42 -12.78
N GLY A 336 -32.65 9.20 -11.71
CA GLY A 336 -31.47 9.30 -10.85
C GLY A 336 -30.35 10.18 -11.35
N SER A 337 -30.53 10.88 -12.47
CA SER A 337 -29.48 11.70 -13.05
C SER A 337 -30.14 12.94 -13.67
N ARG A 338 -30.96 13.60 -12.86
CA ARG A 338 -31.71 14.77 -13.30
C ARG A 338 -30.85 16.01 -13.37
N ASP A 339 -30.03 16.23 -12.34
CA ASP A 339 -29.19 17.42 -12.19
C ASP A 339 -27.71 17.15 -12.39
N LYS A 340 -27.33 15.97 -12.90
CA LYS A 340 -25.97 15.71 -13.32
C LYS A 340 -26.01 14.84 -14.57
N ARG A 341 -25.33 15.31 -15.63
CA ARG A 341 -25.25 14.60 -16.90
C ARG A 341 -23.79 14.29 -17.21
N THR A 342 -23.60 13.43 -18.21
CA THR A 342 -22.29 13.07 -18.73
C THR A 342 -22.26 13.35 -20.22
N LEU A 343 -21.24 14.09 -20.66
CA LEU A 343 -20.96 14.36 -22.05
C LEU A 343 -19.72 13.56 -22.44
N ALA A 344 -19.63 13.23 -23.72
CA ALA A 344 -18.53 12.43 -24.23
C ALA A 344 -18.09 12.96 -25.57
N CYS A 345 -16.82 12.70 -25.90
CA CYS A 345 -16.24 13.13 -27.17
C CYS A 345 -15.29 12.05 -27.69
N LEU A 346 -15.43 11.75 -28.97
CA LEU A 346 -14.57 10.83 -29.71
C LEU A 346 -13.72 11.61 -30.70
N ILE A 347 -12.41 11.42 -30.61
CA ILE A 347 -11.44 12.05 -31.50
C ILE A 347 -10.69 10.90 -32.14
N GLN A 348 -10.66 10.84 -33.48
CA GLN A 348 -10.18 9.62 -34.12
C GLN A 348 -9.58 9.86 -35.50
N ASN A 349 -8.83 8.86 -35.96
CA ASN A 349 -8.22 8.79 -37.29
C ASN A 349 -7.14 9.86 -37.52
N PHE A 350 -6.56 10.37 -36.45
CA PHE A 350 -5.49 11.37 -36.52
C PHE A 350 -4.14 10.66 -36.49
N MET A 351 -3.12 11.36 -37.00
CA MET A 351 -1.75 10.89 -37.04
C MET A 351 -0.98 12.20 -37.05
N PRO A 352 0.10 12.37 -36.26
CA PRO A 352 0.70 11.44 -35.28
C PRO A 352 -0.13 11.38 -34.00
N GLU A 353 0.38 10.76 -32.94
CA GLU A 353 -0.43 10.42 -31.78
C GLU A 353 -0.61 11.57 -30.79
N ASP A 354 0.28 12.56 -30.79
CA ASP A 354 0.21 13.62 -29.78
C ASP A 354 -0.98 14.52 -30.05
N ILE A 355 -1.84 14.67 -29.05
CA ILE A 355 -3.06 15.47 -29.17
C ILE A 355 -3.40 16.05 -27.80
N SER A 356 -4.01 17.23 -27.80
CA SER A 356 -4.53 17.87 -26.59
C SER A 356 -6.04 18.04 -26.74
N VAL A 357 -6.79 17.56 -25.75
CA VAL A 357 -8.25 17.65 -25.74
C VAL A 357 -8.66 18.54 -24.57
N GLN A 358 -9.52 19.53 -24.85
CA GLN A 358 -10.09 20.38 -23.81
C GLN A 358 -11.59 20.50 -24.07
N TRP A 359 -12.31 20.91 -23.02
CA TRP A 359 -13.71 21.30 -23.12
C TRP A 359 -13.90 22.78 -22.82
N LEU A 360 -14.72 23.42 -23.67
CA LEU A 360 -15.03 24.83 -23.61
C LEU A 360 -16.52 24.99 -23.35
N HIS A 361 -16.87 25.97 -22.51
CA HIS A 361 -18.25 26.26 -22.15
C HIS A 361 -18.38 27.75 -21.90
N ASN A 362 -19.24 28.41 -22.69
CA ASN A 362 -19.63 29.80 -22.46
C ASN A 362 -18.41 30.72 -22.41
N GLU A 363 -17.57 30.61 -23.43
CA GLU A 363 -16.42 31.48 -23.64
C GLU A 363 -15.37 31.36 -22.52
N VAL A 364 -15.32 30.22 -21.84
CA VAL A 364 -14.19 29.84 -20.98
C VAL A 364 -13.85 28.39 -21.30
N GLN A 365 -12.55 28.13 -21.46
CA GLN A 365 -12.04 26.77 -21.53
C GLN A 365 -11.88 26.23 -20.11
N LEU A 366 -12.69 25.22 -19.79
CA LEU A 366 -12.80 24.68 -18.45
C LEU A 366 -11.47 24.01 -18.05
N PRO A 367 -11.13 23.99 -16.75
CA PRO A 367 -9.89 23.34 -16.33
C PRO A 367 -9.85 21.86 -16.70
N ASP A 368 -8.63 21.38 -16.99
CA ASP A 368 -8.41 19.99 -17.38
C ASP A 368 -8.91 19.00 -16.34
N ALA A 369 -8.85 19.37 -15.05
CA ALA A 369 -9.24 18.43 -14.01
C ALA A 369 -10.74 18.11 -14.02
N ARG A 370 -11.56 18.93 -14.69
CA ARG A 370 -13.00 18.68 -14.68
C ARG A 370 -13.38 17.41 -15.42
N HIS A 371 -12.60 17.01 -16.43
CA HIS A 371 -12.92 15.89 -17.31
C HIS A 371 -11.78 14.88 -17.25
N SER A 372 -12.00 13.75 -17.91
CA SER A 372 -11.02 12.70 -18.08
C SER A 372 -10.85 12.44 -19.57
N THR A 373 -9.64 12.03 -19.96
CA THR A 373 -9.32 11.75 -21.35
C THR A 373 -8.44 10.51 -21.41
N THR A 374 -8.81 9.57 -22.29
CA THR A 374 -8.09 8.31 -22.37
C THR A 374 -6.74 8.51 -23.07
N GLN A 375 -5.88 7.49 -22.97
CA GLN A 375 -4.59 7.50 -23.64
C GLN A 375 -4.77 7.11 -25.12
N PRO A 376 -4.03 7.71 -26.06
CA PRO A 376 -4.18 7.32 -27.47
C PRO A 376 -3.89 5.85 -27.71
N ARG A 377 -4.80 5.20 -28.45
CA ARG A 377 -4.68 3.82 -28.86
C ARG A 377 -4.86 3.74 -30.36
N LYS A 378 -4.31 2.68 -30.96
CA LYS A 378 -4.36 2.53 -32.40
C LYS A 378 -5.75 2.11 -32.86
N THR A 379 -6.25 2.78 -33.90
CA THR A 379 -7.41 2.27 -34.61
C THR A 379 -7.03 1.03 -35.43
N LYS A 380 -8.05 0.25 -35.78
CA LYS A 380 -7.83 -0.97 -36.56
C LYS A 380 -7.16 -0.67 -37.89
N GLY A 381 -7.60 0.40 -38.56
CA GLY A 381 -6.96 0.82 -39.80
C GLY A 381 -5.80 1.76 -39.56
N SER A 382 -6.01 3.05 -39.81
CA SER A 382 -4.93 4.03 -39.87
C SER A 382 -5.24 5.17 -38.91
N GLY A 383 -4.35 5.38 -37.96
CA GLY A 383 -4.41 6.50 -37.03
C GLY A 383 -4.76 6.03 -35.63
N PHE A 384 -4.87 7.01 -34.75
CA PHE A 384 -5.12 6.82 -33.32
C PHE A 384 -6.49 7.36 -32.96
N PHE A 385 -6.94 7.03 -31.76
CA PHE A 385 -8.15 7.61 -31.21
C PHE A 385 -8.03 7.84 -29.71
N VAL A 386 -8.80 8.80 -29.22
CA VAL A 386 -9.01 9.03 -27.79
C VAL A 386 -10.49 9.32 -27.54
N PHE A 387 -10.90 9.01 -26.31
CA PHE A 387 -12.21 9.36 -25.76
C PHE A 387 -12.00 10.34 -24.61
N SER A 388 -12.92 11.31 -24.48
CA SER A 388 -12.98 12.18 -23.31
C SER A 388 -14.37 12.15 -22.71
N ARG A 389 -14.43 12.14 -21.38
CA ARG A 389 -15.66 12.09 -20.59
C ARG A 389 -15.70 13.27 -19.63
N LEU A 390 -16.83 13.99 -19.62
CA LEU A 390 -17.01 15.18 -18.78
C LEU A 390 -18.35 15.11 -18.08
N GLU A 391 -18.33 15.03 -16.74
CA GLU A 391 -19.55 15.14 -15.97
C GLU A 391 -19.86 16.61 -15.73
N VAL A 392 -21.10 17.01 -16.01
CA VAL A 392 -21.57 18.38 -15.89
C VAL A 392 -22.78 18.43 -14.97
N THR A 393 -23.04 19.64 -14.45
CA THR A 393 -24.07 19.93 -13.49
C THR A 393 -25.19 20.76 -14.13
N ARG A 394 -26.34 20.75 -13.45
CA ARG A 394 -27.53 21.45 -13.94
C ARG A 394 -27.28 22.94 -14.15
N ALA A 395 -26.59 23.60 -13.21
CA ALA A 395 -26.34 25.03 -13.34
C ALA A 395 -25.52 25.36 -14.58
N GLU A 396 -24.64 24.46 -15.01
CA GLU A 396 -23.84 24.75 -16.19
C GLU A 396 -24.68 24.70 -17.46
N TRP A 397 -25.48 23.65 -17.66
CA TRP A 397 -26.24 23.60 -18.89
C TRP A 397 -27.43 24.55 -18.87
N GLU A 398 -27.94 24.93 -17.69
CA GLU A 398 -28.93 25.99 -17.63
C GLU A 398 -28.32 27.36 -17.89
N GLN A 399 -27.03 27.53 -17.56
CA GLN A 399 -26.30 28.73 -17.94
C GLN A 399 -26.15 28.80 -19.46
N LYS A 400 -25.55 27.76 -20.03
CA LYS A 400 -25.45 27.61 -21.48
C LYS A 400 -25.30 26.11 -21.75
N ASP A 401 -26.14 25.60 -22.64
CA ASP A 401 -26.19 24.17 -22.90
C ASP A 401 -25.27 23.75 -24.05
N GLU A 402 -24.56 24.70 -24.66
CA GLU A 402 -23.61 24.41 -25.73
C GLU A 402 -22.26 24.14 -25.07
N PHE A 403 -21.75 22.92 -25.25
CA PHE A 403 -20.46 22.48 -24.73
C PHE A 403 -19.64 22.05 -25.92
N ILE A 404 -18.41 22.56 -26.02
CA ILE A 404 -17.56 22.36 -27.18
C ILE A 404 -16.39 21.48 -26.78
N CYS A 405 -16.23 20.38 -27.50
CA CYS A 405 -15.04 19.54 -27.43
C CYS A 405 -14.05 20.02 -28.49
N ARG A 406 -12.83 20.34 -28.05
CA ARG A 406 -11.81 20.92 -28.92
C ARG A 406 -10.56 20.05 -28.85
N ALA A 407 -10.02 19.70 -30.02
CA ALA A 407 -8.76 19.01 -30.16
C ALA A 407 -7.73 19.93 -30.80
N VAL A 408 -6.53 19.92 -30.24
CA VAL A 408 -5.36 20.61 -30.77
C VAL A 408 -4.41 19.53 -31.24
N HIS A 409 -3.99 19.62 -32.50
CA HIS A 409 -3.23 18.54 -33.12
C HIS A 409 -2.45 19.14 -34.28
N GLU A 410 -1.22 18.65 -34.50
CA GLU A 410 -0.31 19.26 -35.46
C GLU A 410 -0.83 19.20 -36.89
N ALA A 411 -1.62 18.18 -37.22
CA ALA A 411 -2.14 17.96 -38.56
C ALA A 411 -3.49 18.61 -38.81
N ALA A 412 -4.10 19.22 -37.79
CA ALA A 412 -5.36 19.91 -38.00
C ALA A 412 -5.14 21.18 -38.81
N SER A 413 -6.18 21.59 -39.54
CA SER A 413 -6.16 22.71 -40.47
C SER A 413 -7.29 23.66 -40.16
N PRO A 414 -7.16 24.97 -40.50
CA PRO A 414 -6.01 25.69 -41.04
C PRO A 414 -5.05 26.20 -39.96
N SER A 415 -5.38 26.06 -38.67
CA SER A 415 -4.65 26.67 -37.56
C SER A 415 -4.37 25.66 -36.45
N GLN A 416 -4.23 24.37 -36.80
CA GLN A 416 -3.87 23.31 -35.86
C GLN A 416 -4.90 23.11 -34.75
N THR A 417 -6.16 23.49 -34.98
CA THR A 417 -7.24 23.19 -34.04
C THR A 417 -8.45 22.71 -34.82
N VAL A 418 -9.23 21.85 -34.16
CA VAL A 418 -10.53 21.39 -34.64
C VAL A 418 -11.47 21.35 -33.44
N GLN A 419 -12.71 21.79 -33.60
CA GLN A 419 -13.64 21.81 -32.48
C GLN A 419 -15.04 21.52 -32.98
N ARG A 420 -15.86 20.97 -32.07
CA ARG A 420 -17.25 20.65 -32.34
C ARG A 420 -18.11 20.92 -31.12
N ALA A 421 -19.28 21.51 -31.35
CA ALA A 421 -20.22 21.85 -30.28
C ALA A 421 -21.30 20.77 -30.19
N VAL A 422 -21.82 20.59 -28.98
CA VAL A 422 -22.99 19.73 -28.74
C VAL A 422 -23.93 20.45 -27.77
N SER A 423 -25.23 20.27 -27.98
CA SER A 423 -26.28 20.69 -27.06
C SER A 423 -26.98 19.45 -26.54
N SER A 424 -27.11 19.35 -25.21
CA SER A 424 -27.66 18.16 -24.60
C SER A 424 -29.14 17.99 -24.94
N VAL A 425 -29.90 19.09 -24.94
CA VAL A 425 -31.33 18.99 -25.20
C VAL A 425 -31.64 18.71 -26.67
N ALA A 426 -30.71 19.00 -27.58
CA ALA A 426 -30.90 18.74 -29.01
C ALA A 426 -29.56 18.42 -29.67
N ARG B 1 19.22 63.59 16.67
CA ARG B 1 18.36 63.34 17.86
C ARG B 1 19.06 62.43 18.86
N THR B 2 18.39 62.14 19.97
CA THR B 2 18.94 61.26 20.99
C THR B 2 18.99 59.81 20.49
N VAL B 3 19.65 58.97 21.27
CA VAL B 3 19.79 57.56 20.93
C VAL B 3 18.49 56.84 21.26
N GLY B 4 17.92 56.15 20.28
CA GLY B 4 16.66 55.42 20.44
C GLY B 4 16.90 53.92 20.36
N ALA B 5 16.28 53.18 21.29
CA ALA B 5 16.46 51.74 21.30
C ALA B 5 15.62 51.10 20.19
N PRO B 6 16.07 50.03 19.55
CA PRO B 6 15.19 49.33 18.60
C PRO B 6 14.13 48.52 19.32
N SER B 7 12.89 48.67 18.86
CA SER B 7 11.82 47.78 19.28
C SER B 7 12.03 46.47 18.53
N VAL B 8 12.41 45.42 19.27
CA VAL B 8 12.79 44.14 18.69
C VAL B 8 11.54 43.26 18.60
N PHE B 9 11.30 42.72 17.41
CA PHE B 9 10.21 41.79 17.16
C PHE B 9 10.74 40.66 16.29
N ILE B 10 10.07 39.51 16.36
CA ILE B 10 10.35 38.36 15.52
C ILE B 10 9.04 37.84 14.94
N PHE B 11 9.09 37.43 13.67
CA PHE B 11 7.92 36.96 12.93
C PHE B 11 8.28 35.63 12.29
N PRO B 12 7.51 34.55 12.53
CA PRO B 12 7.76 33.31 11.80
C PRO B 12 7.29 33.40 10.36
N PRO B 13 7.67 32.46 9.50
CA PRO B 13 6.99 32.33 8.21
C PRO B 13 5.57 31.84 8.42
N SER B 14 4.69 32.24 7.51
CA SER B 14 3.31 31.78 7.56
C SER B 14 3.22 30.34 7.08
N ASP B 15 2.11 29.68 7.43
CA ASP B 15 1.87 28.32 6.95
C ASP B 15 1.71 28.29 5.43
N GLU B 16 1.22 29.38 4.84
CA GLU B 16 1.14 29.44 3.38
C GLU B 16 2.53 29.49 2.74
N GLN B 17 3.47 30.19 3.38
CA GLN B 17 4.84 30.16 2.86
C GLN B 17 5.47 28.78 3.03
N LEU B 18 5.12 28.06 4.09
CA LEU B 18 5.59 26.69 4.23
C LEU B 18 4.93 25.77 3.20
N LYS B 19 3.70 26.10 2.78
CA LYS B 19 3.11 25.38 1.65
C LYS B 19 3.83 25.72 0.35
N SER B 20 4.30 26.97 0.21
CA SER B 20 5.02 27.38 -0.99
C SER B 20 6.40 26.72 -1.09
N GLY B 21 6.97 26.26 0.02
CA GLY B 21 8.24 25.57 0.02
C GLY B 21 9.44 26.40 0.44
N THR B 22 9.23 27.63 0.90
CA THR B 22 10.28 28.52 1.39
C THR B 22 9.97 28.94 2.82
N ALA B 23 10.91 29.66 3.43
CA ALA B 23 10.74 30.18 4.79
C ALA B 23 11.55 31.45 4.91
N SER B 24 10.95 32.48 5.50
CA SER B 24 11.59 33.77 5.73
C SER B 24 11.30 34.18 7.17
N VAL B 25 12.24 33.88 8.08
CA VAL B 25 12.10 34.29 9.47
C VAL B 25 12.57 35.74 9.56
N VAL B 26 11.73 36.63 10.09
CA VAL B 26 12.01 38.06 10.10
C VAL B 26 12.32 38.49 11.53
N CYS B 27 13.35 39.30 11.70
CA CYS B 27 13.61 40.07 12.91
C CYS B 27 13.48 41.55 12.58
N LEU B 28 12.47 42.18 13.16
CA LEU B 28 12.16 43.59 12.92
C LEU B 28 12.74 44.44 14.06
N LEU B 29 13.38 45.55 13.68
CA LEU B 29 13.95 46.52 14.59
C LEU B 29 13.28 47.84 14.25
N ASN B 30 12.24 48.20 14.99
CA ASN B 30 11.41 49.36 14.68
C ASN B 30 11.88 50.57 15.47
N ASN B 31 12.07 51.69 14.76
CA ASN B 31 12.21 53.03 15.33
C ASN B 31 13.42 53.12 16.29
N PHE B 32 14.61 53.00 15.68
CA PHE B 32 15.88 53.15 16.38
C PHE B 32 16.67 54.31 15.80
N TYR B 33 17.56 54.85 16.62
CA TYR B 33 18.53 55.86 16.22
C TYR B 33 19.77 55.61 17.07
N PRO B 34 21.00 55.62 16.51
CA PRO B 34 21.43 55.85 15.12
C PRO B 34 21.25 54.62 14.22
N ARG B 35 21.63 54.75 12.96
CA ARG B 35 21.39 53.71 11.96
C ARG B 35 22.23 52.46 12.19
N GLU B 36 23.30 52.54 12.99
CA GLU B 36 24.21 51.41 13.14
C GLU B 36 23.60 50.34 14.02
N ALA B 37 22.90 49.39 13.39
CA ALA B 37 22.21 48.29 14.07
C ALA B 37 22.69 46.97 13.50
N LYS B 38 23.05 46.04 14.39
CA LYS B 38 23.55 44.72 14.01
C LYS B 38 22.54 43.66 14.44
N VAL B 39 22.11 42.85 13.48
CA VAL B 39 21.21 41.72 13.72
C VAL B 39 21.97 40.45 13.40
N GLN B 40 22.04 39.54 14.37
CA GLN B 40 22.71 38.25 14.25
C GLN B 40 21.67 37.15 14.40
N TRP B 41 21.54 36.31 13.37
CA TRP B 41 20.60 35.20 13.39
C TRP B 41 21.25 33.97 14.00
N LYS B 42 20.50 33.28 14.88
CA LYS B 42 20.89 31.98 15.39
C LYS B 42 19.71 31.02 15.26
N VAL B 43 20.02 29.78 14.88
CA VAL B 43 19.04 28.72 14.69
C VAL B 43 19.50 27.56 15.56
N ASP B 44 18.74 27.27 16.62
CA ASP B 44 19.12 26.30 17.65
C ASP B 44 20.49 26.65 18.24
N ASN B 45 20.71 27.94 18.49
CA ASN B 45 21.96 28.47 19.03
C ASN B 45 23.16 28.11 18.13
N ALA B 46 22.97 28.28 16.83
CA ALA B 46 24.03 28.14 15.84
C ALA B 46 23.96 29.33 14.90
N LEU B 47 25.04 30.11 14.85
CA LEU B 47 25.04 31.36 14.10
C LEU B 47 24.92 31.10 12.60
N GLN B 48 24.11 31.92 11.94
CA GLN B 48 23.84 31.82 10.51
C GLN B 48 24.55 32.94 9.76
N SER B 49 24.94 32.65 8.51
CA SER B 49 25.60 33.62 7.66
C SER B 49 25.33 33.26 6.21
N GLY B 50 25.22 34.27 5.35
CA GLY B 50 24.98 34.08 3.94
C GLY B 50 23.53 33.95 3.53
N ASN B 51 22.59 33.91 4.49
CA ASN B 51 21.16 33.86 4.22
C ASN B 51 20.39 34.97 4.92
N SER B 52 21.06 35.91 5.59
CA SER B 52 20.43 37.03 6.27
C SER B 52 20.53 38.26 5.37
N GLN B 53 19.38 38.86 5.04
CA GLN B 53 19.30 40.07 4.24
C GLN B 53 18.61 41.16 5.04
N GLU B 54 19.30 42.28 5.24
CA GLU B 54 18.84 43.36 6.09
C GLU B 54 18.31 44.50 5.22
N SER B 55 16.98 44.68 5.21
CA SER B 55 16.36 45.84 4.60
C SER B 55 16.38 46.96 5.62
N VAL B 56 17.14 48.01 5.34
CA VAL B 56 17.29 49.17 6.22
C VAL B 56 16.50 50.32 5.62
N THR B 57 15.62 50.92 6.41
CA THR B 57 14.81 52.03 5.93
C THR B 57 15.57 53.34 6.04
N GLU B 58 14.93 54.42 5.60
CA GLU B 58 15.47 55.75 5.70
C GLU B 58 15.25 56.32 7.10
N GLN B 59 15.66 57.57 7.30
CA GLN B 59 15.32 58.28 8.52
C GLN B 59 13.86 58.71 8.47
N ASP B 60 13.12 58.43 9.54
CA ASP B 60 11.71 58.76 9.58
C ASP B 60 11.52 60.28 9.65
N SER B 61 10.41 60.74 9.06
CA SER B 61 10.15 62.17 8.99
C SER B 61 9.56 62.76 10.28
N LYS B 62 9.08 61.92 11.20
CA LYS B 62 8.40 62.38 12.41
C LYS B 62 9.30 62.34 13.63
N ASP B 63 9.93 61.20 13.90
CA ASP B 63 10.78 60.98 15.07
C ASP B 63 12.26 60.84 14.73
N SER B 64 12.64 60.94 13.45
CA SER B 64 14.04 60.93 13.02
C SER B 64 14.75 59.63 13.37
N THR B 65 14.00 58.52 13.40
CA THR B 65 14.52 57.19 13.69
C THR B 65 14.59 56.38 12.41
N TYR B 66 15.12 55.16 12.53
CA TYR B 66 15.30 54.23 11.43
C TYR B 66 14.61 52.93 11.77
N SER B 67 14.35 52.13 10.72
CA SER B 67 13.76 50.80 10.86
C SER B 67 14.58 49.81 10.06
N LEU B 68 14.61 48.56 10.53
CA LEU B 68 15.37 47.49 9.91
C LEU B 68 14.55 46.21 9.98
N SER B 69 14.72 45.35 8.96
CA SER B 69 14.22 43.97 9.04
C SER B 69 15.28 43.04 8.47
N SER B 70 15.78 42.14 9.32
CA SER B 70 16.67 41.07 8.89
C SER B 70 15.83 39.86 8.53
N THR B 71 16.01 39.37 7.30
CA THR B 71 15.25 38.25 6.75
C THR B 71 16.19 37.07 6.59
N LEU B 72 15.99 36.03 7.39
CA LEU B 72 16.70 34.77 7.26
C LEU B 72 15.90 33.87 6.33
N THR B 73 16.45 33.61 5.15
CA THR B 73 15.79 32.83 4.11
C THR B 73 16.30 31.40 4.17
N LEU B 74 15.38 30.45 4.31
CA LEU B 74 15.69 29.03 4.37
C LEU B 74 14.65 28.27 3.56
N SER B 75 14.92 26.98 3.36
CA SER B 75 13.96 26.10 2.73
C SER B 75 12.92 25.63 3.75
N LYS B 76 11.86 25.00 3.23
CA LYS B 76 10.82 24.46 4.11
C LYS B 76 11.39 23.31 4.94
N ALA B 77 12.09 22.38 4.28
CA ALA B 77 12.66 21.23 4.98
C ALA B 77 13.71 21.67 6.00
N ASP B 78 14.55 22.64 5.62
CA ASP B 78 15.50 23.19 6.59
C ASP B 78 14.79 23.95 7.71
N TYR B 79 13.58 24.47 7.46
CA TYR B 79 12.85 25.12 8.54
C TYR B 79 12.37 24.11 9.57
N GLU B 80 11.76 23.00 9.12
CA GLU B 80 11.29 21.98 10.06
C GLU B 80 12.41 21.04 10.53
N LYS B 81 13.65 21.20 10.05
CA LYS B 81 14.77 20.50 10.66
C LYS B 81 15.19 21.10 12.00
N HIS B 82 14.68 22.28 12.38
CA HIS B 82 15.10 22.98 13.58
C HIS B 82 13.88 23.50 14.33
N LYS B 83 14.08 23.80 15.62
CA LYS B 83 13.02 24.21 16.52
C LYS B 83 13.18 25.67 16.94
N VAL B 84 14.31 26.03 17.54
CA VAL B 84 14.51 27.36 18.11
C VAL B 84 15.07 28.28 17.05
N TYR B 85 14.46 29.47 16.91
CA TYR B 85 14.94 30.51 16.02
C TYR B 85 14.99 31.81 16.79
N ALA B 86 16.12 32.52 16.73
CA ALA B 86 16.29 33.75 17.48
C ALA B 86 17.17 34.73 16.72
N CYS B 87 17.01 36.00 17.06
CA CYS B 87 17.79 37.10 16.51
C CYS B 87 18.31 37.96 17.65
N GLU B 88 19.59 38.31 17.57
CA GLU B 88 20.27 39.14 18.57
C GLU B 88 20.52 40.51 17.98
N VAL B 89 20.09 41.54 18.71
CA VAL B 89 20.14 42.92 18.28
C VAL B 89 21.17 43.66 19.13
N THR B 90 22.24 44.12 18.48
CA THR B 90 23.24 44.99 19.09
C THR B 90 23.07 46.38 18.53
N HIS B 91 22.99 47.37 19.43
CA HIS B 91 22.71 48.75 19.09
C HIS B 91 23.19 49.64 20.23
N GLN B 92 23.37 50.93 19.91
CA GLN B 92 23.80 51.89 20.91
C GLN B 92 22.76 52.08 22.01
N GLY B 93 21.48 52.03 21.65
CA GLY B 93 20.40 52.21 22.62
C GLY B 93 20.17 51.04 23.55
N LEU B 94 20.80 49.90 23.31
CA LEU B 94 20.72 48.72 24.17
C LEU B 94 22.03 48.55 24.91
N SER B 95 21.96 48.44 26.23
CA SER B 95 23.18 48.25 27.02
C SER B 95 23.78 46.86 26.78
N SER B 96 22.94 45.85 26.55
CA SER B 96 23.32 44.48 26.23
C SER B 96 22.68 44.08 24.90
N PRO B 97 23.29 43.16 24.12
CA PRO B 97 22.60 42.71 22.90
C PRO B 97 21.36 41.90 23.25
N VAL B 98 20.19 42.38 22.82
CA VAL B 98 18.92 41.75 23.18
C VAL B 98 18.60 40.65 22.19
N THR B 99 18.40 39.44 22.71
CA THR B 99 18.07 38.27 21.90
C THR B 99 16.59 37.96 22.06
N LYS B 100 15.86 37.98 20.95
CA LYS B 100 14.45 37.59 20.90
C LYS B 100 14.34 36.26 20.17
N SER B 101 13.64 35.30 20.79
CA SER B 101 13.60 33.92 20.35
C SER B 101 12.16 33.42 20.28
N PHE B 102 11.96 32.39 19.46
CA PHE B 102 10.69 31.66 19.46
C PHE B 102 10.99 30.23 19.02
N ASN B 103 9.92 29.41 19.03
CA ASN B 103 9.98 28.00 18.69
C ASN B 103 8.88 27.68 17.68
N ARG B 104 9.04 26.56 16.99
CA ARG B 104 8.12 26.22 15.91
C ARG B 104 6.80 25.69 16.45
N GLY B 105 6.85 24.65 17.28
CA GLY B 105 5.66 23.92 17.67
C GLY B 105 4.75 24.63 18.66
N GLU B 106 5.19 25.73 19.26
CA GLU B 106 4.38 26.48 20.21
C GLU B 106 3.49 27.51 19.53
N CYS B 107 3.20 27.35 18.25
CA CYS B 107 2.70 28.48 17.48
C CYS B 107 1.90 28.00 16.27
N LYS C 1 59.60 -17.14 -22.78
CA LYS C 1 59.28 -15.70 -22.61
C LYS C 1 58.46 -15.45 -21.34
N PRO C 2 58.43 -14.21 -20.80
CA PRO C 2 57.52 -13.92 -19.69
C PRO C 2 56.11 -13.66 -20.18
N LYS C 3 55.18 -14.51 -19.80
CA LYS C 3 53.77 -14.29 -20.07
C LYS C 3 53.18 -13.35 -19.03
N VAL C 4 52.04 -12.75 -19.37
CA VAL C 4 51.39 -11.74 -18.53
C VAL C 4 50.13 -12.31 -17.90
N SER C 5 50.06 -12.22 -16.57
CA SER C 5 48.97 -12.72 -15.76
C SER C 5 48.23 -11.50 -15.21
N LEU C 6 46.93 -11.67 -15.02
CA LEU C 6 46.00 -10.66 -14.55
C LEU C 6 45.40 -11.13 -13.24
N ASN C 7 45.39 -10.24 -12.23
CA ASN C 7 44.67 -10.53 -11.00
C ASN C 7 43.79 -9.30 -10.71
N PRO C 8 42.43 -9.39 -10.74
CA PRO C 8 41.65 -10.60 -11.09
C PRO C 8 41.87 -10.88 -12.58
N PRO C 9 41.59 -12.08 -13.11
CA PRO C 9 41.97 -12.38 -14.51
C PRO C 9 41.28 -11.49 -15.56
N TRP C 10 40.17 -10.88 -15.18
CA TRP C 10 39.25 -10.21 -16.08
C TRP C 10 39.85 -8.94 -16.66
N ASN C 11 39.99 -8.94 -17.98
CA ASN C 11 40.47 -7.83 -18.80
C ASN C 11 39.40 -6.79 -19.08
N ARG C 12 38.19 -6.96 -18.55
CA ARG C 12 37.11 -5.99 -18.69
C ARG C 12 36.67 -5.72 -17.27
N ILE C 13 36.86 -4.47 -16.84
CA ILE C 13 36.52 -3.95 -15.53
C ILE C 13 35.62 -2.74 -15.67
N PHE C 14 35.19 -2.20 -14.53
CA PHE C 14 34.42 -0.98 -14.42
C PHE C 14 35.38 0.17 -14.19
N LYS C 15 34.87 1.39 -14.37
CA LYS C 15 35.68 2.54 -14.01
C LYS C 15 35.96 2.46 -12.52
N GLY C 16 37.13 2.92 -12.10
CA GLY C 16 37.42 2.98 -10.69
C GLY C 16 37.89 1.69 -10.04
N GLU C 17 37.69 0.54 -10.67
CA GLU C 17 38.08 -0.75 -10.14
C GLU C 17 39.58 -0.94 -10.25
N ASN C 18 40.12 -1.81 -9.41
CA ASN C 18 41.54 -2.08 -9.49
C ASN C 18 41.77 -3.36 -10.27
N VAL C 19 43.05 -3.68 -10.50
CA VAL C 19 43.58 -4.87 -11.19
C VAL C 19 45.09 -4.71 -11.07
N THR C 20 45.82 -5.82 -11.06
CA THR C 20 47.27 -5.84 -10.86
C THR C 20 47.82 -6.81 -11.90
N LEU C 21 48.63 -6.26 -12.81
CA LEU C 21 49.24 -7.04 -13.88
C LEU C 21 50.58 -7.57 -13.39
N THR C 22 50.71 -8.88 -13.33
CA THR C 22 51.90 -9.61 -12.93
C THR C 22 52.42 -10.29 -14.18
N CYS C 23 53.72 -10.51 -14.26
CA CYS C 23 54.34 -10.94 -15.52
C CYS C 23 55.61 -11.72 -15.21
N ASN C 24 55.61 -12.97 -15.65
CA ASN C 24 56.58 -13.97 -15.20
C ASN C 24 56.76 -14.99 -16.31
N GLY C 25 57.95 -15.59 -16.34
CA GLY C 25 58.25 -16.68 -17.24
C GLY C 25 59.11 -17.73 -16.57
N ASN C 26 59.72 -18.60 -17.35
CA ASN C 26 60.70 -19.53 -16.80
C ASN C 26 61.90 -18.75 -16.28
N ASN C 27 62.44 -19.20 -15.16
CA ASN C 27 63.55 -18.52 -14.49
C ASN C 27 64.90 -18.95 -15.04
N PHE C 28 65.06 -18.88 -16.37
CA PHE C 28 66.36 -19.10 -16.97
C PHE C 28 67.32 -17.98 -16.59
N PHE C 29 66.81 -16.74 -16.53
CA PHE C 29 67.53 -15.59 -16.01
C PHE C 29 66.85 -15.14 -14.72
N GLU C 30 67.64 -14.77 -13.73
CA GLU C 30 67.12 -14.45 -12.41
C GLU C 30 66.29 -13.17 -12.45
N VAL C 31 65.25 -13.14 -11.61
CA VAL C 31 64.29 -12.04 -11.61
C VAL C 31 64.89 -10.88 -10.82
N SER C 32 65.18 -9.77 -11.52
CA SER C 32 65.72 -8.55 -10.93
C SER C 32 64.81 -7.35 -11.15
N SER C 33 64.35 -7.14 -12.38
CA SER C 33 63.55 -5.97 -12.71
C SER C 33 62.73 -6.29 -13.95
N THR C 34 61.65 -5.52 -14.13
CA THR C 34 60.73 -5.72 -15.23
C THR C 34 60.42 -4.37 -15.85
N LYS C 35 59.97 -4.39 -17.10
CA LYS C 35 59.57 -3.22 -17.86
C LYS C 35 58.09 -3.37 -18.21
N TRP C 36 57.36 -2.26 -18.20
CA TRP C 36 55.93 -2.26 -18.53
C TRP C 36 55.74 -1.35 -19.74
N PHE C 37 54.75 -1.69 -20.56
CA PHE C 37 54.48 -1.04 -21.85
C PHE C 37 53.00 -0.71 -22.01
N HIS C 38 52.57 0.42 -21.47
CA HIS C 38 51.19 0.87 -21.67
C HIS C 38 51.08 1.48 -23.05
N ASN C 39 50.29 0.87 -23.94
CA ASN C 39 50.09 1.34 -25.31
C ASN C 39 51.32 1.29 -26.24
N GLY C 40 52.53 1.09 -25.71
CA GLY C 40 53.77 1.13 -26.42
C GLY C 40 54.76 1.96 -25.60
N SER C 41 54.26 2.96 -24.85
CA SER C 41 55.14 3.77 -24.02
C SER C 41 55.61 3.00 -22.79
N LEU C 42 56.88 3.18 -22.45
CA LEU C 42 57.45 2.57 -21.25
C LEU C 42 56.89 3.24 -20.00
N SER C 43 56.35 2.43 -19.09
CA SER C 43 55.86 2.87 -17.80
C SER C 43 56.99 2.95 -16.78
N GLU C 44 56.85 3.85 -15.82
CA GLU C 44 57.83 4.08 -14.76
C GLU C 44 57.77 3.06 -13.61
N GLU C 45 57.48 1.77 -13.88
CA GLU C 45 57.43 0.72 -12.87
C GLU C 45 58.46 -0.35 -13.19
N THR C 46 59.27 -0.68 -12.19
CA THR C 46 60.32 -1.70 -12.28
C THR C 46 59.85 -3.06 -11.78
N ASN C 47 59.13 -3.07 -10.64
CA ASN C 47 58.56 -4.21 -9.93
C ASN C 47 57.93 -5.22 -10.89
N SER C 48 57.97 -6.51 -10.58
CA SER C 48 57.38 -7.46 -11.52
C SER C 48 55.86 -7.35 -11.64
N SER C 49 55.18 -6.83 -10.60
CA SER C 49 53.73 -6.60 -10.67
C SER C 49 53.41 -5.12 -10.62
N LEU C 50 52.65 -4.63 -11.60
CA LEU C 50 52.19 -3.26 -11.67
C LEU C 50 50.73 -3.22 -11.22
N ASN C 51 50.40 -2.39 -10.23
CA ASN C 51 49.03 -2.32 -9.73
C ASN C 51 48.31 -1.17 -10.44
N ILE C 52 47.43 -1.51 -11.37
CA ILE C 52 46.57 -0.55 -12.07
C ILE C 52 45.42 -0.24 -11.11
N VAL C 53 45.54 0.91 -10.44
CA VAL C 53 44.61 1.49 -9.49
C VAL C 53 43.68 2.51 -10.15
N ASN C 54 42.44 2.58 -9.64
CA ASN C 54 41.36 3.47 -10.09
C ASN C 54 41.26 3.68 -11.60
N ALA C 55 40.61 2.75 -12.31
CA ALA C 55 40.60 2.82 -13.77
C ALA C 55 39.90 4.08 -14.26
N LYS C 56 40.53 4.73 -15.24
CA LYS C 56 40.03 5.82 -16.05
C LYS C 56 39.83 5.37 -17.49
N PHE C 57 39.19 6.19 -18.33
CA PHE C 57 38.97 5.79 -19.72
C PHE C 57 40.30 5.64 -20.44
N GLU C 58 41.28 6.48 -20.10
CA GLU C 58 42.57 6.42 -20.76
C GLU C 58 43.37 5.20 -20.33
N ASP C 59 42.97 4.51 -19.24
CA ASP C 59 43.55 3.24 -18.80
C ASP C 59 43.21 2.08 -19.75
N SER C 60 42.42 2.30 -20.79
CA SER C 60 42.14 1.28 -21.78
C SER C 60 43.38 1.01 -22.62
N GLY C 61 43.30 -0.03 -23.43
CA GLY C 61 44.32 -0.24 -24.45
C GLY C 61 45.25 -1.40 -24.16
N GLU C 62 46.06 -1.61 -25.18
CA GLU C 62 47.08 -2.64 -25.27
C GLU C 62 48.10 -2.47 -24.14
N TYR C 63 48.37 -3.58 -23.47
CA TYR C 63 49.34 -3.73 -22.39
C TYR C 63 50.36 -4.77 -22.81
N LYS C 64 51.57 -4.60 -22.26
CA LYS C 64 52.70 -5.50 -22.46
C LYS C 64 53.77 -5.28 -21.40
N CYS C 65 54.52 -6.35 -21.17
CA CYS C 65 55.55 -6.46 -20.14
C CYS C 65 56.83 -6.94 -20.81
N GLN C 66 57.94 -6.89 -20.07
CA GLN C 66 59.24 -7.31 -20.58
C GLN C 66 60.16 -7.53 -19.39
N HIS C 67 61.16 -8.39 -19.59
CA HIS C 67 62.26 -8.60 -18.65
C HIS C 67 63.58 -8.24 -19.31
N GLN C 68 64.71 -8.62 -18.70
CA GLN C 68 66.02 -8.53 -19.33
C GLN C 68 66.25 -9.58 -20.45
N GLN C 69 65.23 -10.33 -20.88
CA GLN C 69 65.38 -11.20 -22.04
C GLN C 69 65.47 -10.35 -23.31
N VAL C 70 65.60 -11.04 -24.45
CA VAL C 70 65.76 -10.39 -25.75
C VAL C 70 64.41 -10.19 -26.44
N ASN C 71 63.31 -10.55 -25.80
CA ASN C 71 62.05 -10.54 -26.54
C ASN C 71 60.83 -10.64 -25.62
N GLU C 72 59.73 -10.06 -26.14
CA GLU C 72 58.67 -9.41 -25.36
C GLU C 72 57.47 -10.33 -25.17
N SER C 73 56.43 -9.80 -24.55
CA SER C 73 55.25 -10.53 -24.13
C SER C 73 54.08 -10.13 -25.02
N GLU C 74 52.95 -10.81 -24.86
CA GLU C 74 51.92 -10.65 -25.87
C GLU C 74 51.09 -9.40 -25.63
N PRO C 75 50.21 -9.02 -26.60
CA PRO C 75 49.58 -7.67 -26.51
C PRO C 75 48.26 -7.98 -25.81
N VAL C 76 48.28 -8.14 -24.49
CA VAL C 76 46.99 -8.26 -23.81
C VAL C 76 46.26 -6.93 -23.89
N TYR C 77 44.94 -6.98 -24.07
CA TYR C 77 44.13 -5.79 -24.26
C TYR C 77 43.19 -5.62 -23.08
N LEU C 78 43.03 -4.39 -22.59
CA LEU C 78 42.17 -4.14 -21.43
C LEU C 78 41.24 -3.01 -21.86
N GLU C 79 39.97 -3.30 -22.12
CA GLU C 79 38.98 -2.25 -22.39
C GLU C 79 38.35 -1.88 -21.06
N VAL C 80 38.15 -0.57 -20.82
CA VAL C 80 37.47 -0.07 -19.62
C VAL C 80 36.18 0.70 -19.96
N PHE C 81 35.07 0.28 -19.35
CA PHE C 81 33.74 0.86 -19.56
C PHE C 81 33.16 1.40 -18.26
N SER C 82 32.28 2.38 -18.42
CA SER C 82 31.33 2.83 -17.40
C SER C 82 29.96 2.57 -18.01
N ASP C 83 29.13 1.85 -17.28
CA ASP C 83 27.83 1.39 -17.74
C ASP C 83 27.18 0.75 -16.52
N TRP C 84 26.03 0.09 -16.72
CA TRP C 84 25.31 -0.58 -15.64
C TRP C 84 25.69 -2.05 -15.46
N LEU C 85 25.72 -2.82 -16.54
CA LEU C 85 26.06 -4.23 -16.53
C LEU C 85 27.17 -4.56 -17.51
N LEU C 86 28.25 -5.16 -17.01
CA LEU C 86 29.33 -5.67 -17.86
C LEU C 86 29.32 -7.19 -17.74
N LEU C 87 29.09 -7.88 -18.85
CA LEU C 87 29.17 -9.34 -18.88
C LEU C 87 30.64 -9.71 -18.90
N GLN C 88 31.21 -9.94 -17.73
CA GLN C 88 32.60 -10.31 -17.68
C GLN C 88 32.79 -11.77 -18.08
N ALA C 89 33.99 -12.03 -18.59
CA ALA C 89 34.44 -13.33 -19.06
C ALA C 89 35.91 -13.53 -18.74
N SER C 90 36.26 -14.77 -18.42
CA SER C 90 37.62 -15.18 -18.12
C SER C 90 38.67 -14.87 -19.19
N ALA C 91 38.57 -15.52 -20.36
CA ALA C 91 39.48 -15.29 -21.48
C ALA C 91 38.71 -15.12 -22.78
N GLU C 92 39.27 -14.29 -23.67
CA GLU C 92 38.58 -13.98 -24.93
C GLU C 92 38.80 -15.04 -25.99
N VAL C 93 39.90 -15.81 -25.92
CA VAL C 93 40.10 -16.97 -26.77
C VAL C 93 40.58 -18.08 -25.86
N VAL C 94 39.92 -19.24 -25.93
CA VAL C 94 40.26 -20.41 -25.14
C VAL C 94 40.38 -21.63 -26.03
N MET C 95 41.06 -22.66 -25.53
CA MET C 95 41.13 -23.98 -26.16
C MET C 95 40.35 -24.95 -25.27
N GLU C 96 39.46 -25.74 -25.89
CA GLU C 96 38.57 -26.75 -25.28
C GLU C 96 39.06 -27.34 -23.97
N GLY C 97 38.14 -27.56 -23.03
CA GLY C 97 38.46 -28.21 -21.78
C GLY C 97 39.12 -27.34 -20.74
N GLN C 98 39.55 -26.10 -21.08
CA GLN C 98 40.04 -25.23 -20.03
C GLN C 98 38.83 -24.63 -19.28
N PRO C 99 38.99 -24.25 -18.00
CA PRO C 99 37.85 -23.63 -17.30
C PRO C 99 37.48 -22.28 -17.88
N LEU C 100 36.17 -22.05 -17.98
CA LEU C 100 35.63 -20.76 -18.41
C LEU C 100 34.56 -20.37 -17.41
N PHE C 101 34.74 -19.21 -16.76
CA PHE C 101 33.78 -18.67 -15.81
C PHE C 101 33.22 -17.38 -16.40
N LEU C 102 31.89 -17.25 -16.42
CA LEU C 102 31.21 -16.03 -16.81
C LEU C 102 30.40 -15.46 -15.65
N ARG C 103 30.29 -14.13 -15.66
CA ARG C 103 29.76 -13.36 -14.53
C ARG C 103 29.17 -12.06 -15.05
N CYS C 104 27.86 -11.88 -14.86
CA CYS C 104 27.17 -10.67 -15.29
C CYS C 104 27.28 -9.72 -14.11
N HIS C 105 28.24 -8.80 -14.18
CA HIS C 105 28.67 -7.98 -13.05
C HIS C 105 28.05 -6.58 -13.07
N GLY C 106 27.70 -6.09 -11.88
CA GLY C 106 27.04 -4.81 -11.70
C GLY C 106 27.91 -3.82 -10.95
N TRP C 107 27.79 -2.54 -11.30
CA TRP C 107 28.50 -1.39 -10.74
C TRP C 107 28.69 -1.34 -9.22
N ARG C 108 29.94 -1.45 -8.73
CA ARG C 108 30.28 -1.25 -7.32
C ARG C 108 29.59 -2.29 -6.43
N ASN C 109 29.83 -3.57 -6.70
CA ASN C 109 29.35 -4.71 -5.90
C ASN C 109 27.81 -4.83 -5.86
N TRP C 110 27.08 -4.04 -6.64
CA TRP C 110 25.62 -4.05 -6.66
C TRP C 110 25.10 -5.39 -7.16
N ASP C 111 23.92 -5.76 -6.67
CA ASP C 111 23.34 -7.08 -6.93
C ASP C 111 22.28 -6.97 -8.03
N VAL C 112 22.55 -7.69 -9.10
CA VAL C 112 21.72 -7.82 -10.29
C VAL C 112 20.85 -9.06 -10.14
N TYR C 113 19.54 -8.88 -10.29
CA TYR C 113 18.55 -9.94 -10.13
C TYR C 113 18.04 -10.32 -11.52
N LYS C 114 17.20 -11.37 -11.55
CA LYS C 114 16.57 -11.94 -12.75
C LYS C 114 17.54 -12.01 -13.95
N VAL C 115 18.72 -12.57 -13.70
CA VAL C 115 19.81 -12.57 -14.68
C VAL C 115 19.62 -13.65 -15.73
N ILE C 116 19.74 -13.27 -17.01
CA ILE C 116 19.63 -14.21 -18.15
C ILE C 116 20.84 -14.00 -19.04
N TYR C 117 21.54 -15.09 -19.34
CA TYR C 117 22.63 -15.11 -20.32
C TYR C 117 22.08 -15.50 -21.70
N TYR C 118 22.61 -14.84 -22.74
CA TYR C 118 22.31 -15.13 -24.13
C TYR C 118 23.59 -15.54 -24.85
N LYS C 119 23.53 -16.66 -25.59
CA LYS C 119 24.62 -17.14 -26.46
C LYS C 119 24.09 -17.13 -27.88
N ASP C 120 24.58 -16.19 -28.68
CA ASP C 120 24.28 -16.06 -30.11
C ASP C 120 22.81 -15.71 -30.37
N GLY C 121 22.09 -15.23 -29.34
CA GLY C 121 20.69 -14.84 -29.44
C GLY C 121 19.78 -15.66 -28.55
N GLU C 122 20.09 -16.96 -28.37
CA GLU C 122 19.20 -17.83 -27.60
C GLU C 122 19.59 -17.75 -26.13
N ALA C 123 18.62 -18.02 -25.26
CA ALA C 123 18.79 -18.02 -23.81
C ALA C 123 19.51 -19.24 -23.27
N LEU C 124 20.80 -19.08 -22.96
CA LEU C 124 21.60 -20.22 -22.49
C LEU C 124 21.17 -20.67 -21.10
N LYS C 125 21.13 -19.74 -20.14
CA LYS C 125 20.64 -20.05 -18.81
C LYS C 125 20.10 -18.79 -18.14
N TYR C 126 19.10 -19.00 -17.27
CA TYR C 126 18.51 -17.96 -16.43
C TYR C 126 18.56 -18.40 -14.98
N TRP C 127 18.85 -17.45 -14.09
CA TRP C 127 18.78 -17.70 -12.66
C TRP C 127 18.26 -16.46 -11.97
N TYR C 128 17.64 -16.69 -10.80
CA TYR C 128 16.99 -15.64 -10.04
C TYR C 128 17.97 -14.54 -9.67
N GLU C 129 19.09 -14.92 -9.08
CA GLU C 129 20.17 -14.04 -8.69
C GLU C 129 21.31 -14.13 -9.71
N ASN C 130 22.40 -13.41 -9.42
CA ASN C 130 23.56 -13.42 -10.31
C ASN C 130 24.22 -14.77 -10.12
N HIS C 131 24.85 -15.29 -11.17
CA HIS C 131 25.51 -16.58 -11.06
C HIS C 131 26.77 -16.58 -11.89
N ASN C 132 27.48 -17.68 -11.75
CA ASN C 132 28.81 -17.89 -12.25
C ASN C 132 28.53 -19.02 -13.21
N ILE C 133 28.23 -18.71 -14.48
CA ILE C 133 28.18 -19.80 -15.44
C ILE C 133 29.60 -20.34 -15.44
N SER C 134 29.72 -21.66 -15.48
CA SER C 134 31.02 -22.29 -15.51
C SER C 134 31.00 -23.53 -16.38
N ILE C 135 31.73 -23.47 -17.51
CA ILE C 135 31.85 -24.62 -18.39
C ILE C 135 33.32 -24.99 -18.35
N THR C 136 33.60 -26.17 -17.79
CA THR C 136 34.95 -26.69 -17.73
C THR C 136 35.38 -27.38 -19.02
N ASN C 137 34.44 -27.82 -19.86
CA ASN C 137 34.88 -28.49 -21.07
C ASN C 137 34.40 -27.85 -22.36
N ALA C 138 34.80 -26.59 -22.61
CA ALA C 138 34.38 -25.79 -23.77
C ALA C 138 34.42 -26.59 -25.08
N THR C 139 33.31 -26.56 -25.81
CA THR C 139 33.26 -27.16 -27.15
C THR C 139 33.49 -26.09 -28.21
N VAL C 140 33.89 -26.56 -29.41
CA VAL C 140 34.16 -25.65 -30.51
C VAL C 140 32.90 -24.91 -30.94
N GLU C 141 31.72 -25.50 -30.72
CA GLU C 141 30.47 -24.78 -30.94
C GLU C 141 30.17 -23.77 -29.84
N ASP C 142 31.00 -23.65 -28.79
CA ASP C 142 30.68 -22.70 -27.73
C ASP C 142 30.93 -21.26 -28.19
N SER C 143 31.78 -21.08 -29.21
CA SER C 143 32.05 -19.79 -29.85
C SER C 143 30.78 -19.01 -30.14
N GLY C 144 30.65 -17.83 -29.56
CA GLY C 144 29.51 -16.98 -29.86
C GLY C 144 29.71 -15.58 -29.35
N THR C 145 28.81 -14.70 -29.78
CA THR C 145 28.71 -13.35 -29.22
C THR C 145 27.71 -13.46 -28.07
N TYR C 146 28.19 -13.21 -26.86
CA TYR C 146 27.38 -13.38 -25.65
C TYR C 146 26.89 -12.03 -25.18
N TYR C 147 25.80 -12.04 -24.42
CA TYR C 147 25.41 -10.85 -23.68
C TYR C 147 24.37 -11.25 -22.64
N CYS C 148 24.24 -10.42 -21.59
CA CYS C 148 23.35 -10.72 -20.48
C CYS C 148 22.41 -9.57 -20.13
N THR C 149 21.14 -9.93 -19.90
CA THR C 149 20.11 -8.99 -19.48
C THR C 149 19.90 -9.19 -17.98
N GLY C 150 19.82 -8.09 -17.25
CA GLY C 150 19.65 -8.12 -15.81
C GLY C 150 18.72 -7.04 -15.31
N LYS C 151 18.50 -7.07 -13.99
CA LYS C 151 17.61 -6.14 -13.31
C LYS C 151 18.38 -5.62 -12.09
N VAL C 152 18.75 -4.35 -12.14
CA VAL C 152 19.53 -3.68 -11.10
C VAL C 152 18.71 -2.51 -10.57
N TRP C 153 18.43 -2.53 -9.26
CA TRP C 153 17.63 -1.48 -8.64
C TRP C 153 16.25 -1.32 -9.27
N GLN C 154 15.63 -2.43 -9.62
CA GLN C 154 14.32 -2.58 -10.22
C GLN C 154 14.30 -2.25 -11.71
N LEU C 155 15.40 -1.78 -12.32
CA LEU C 155 15.40 -1.38 -13.72
C LEU C 155 16.16 -2.36 -14.58
N ASP C 156 15.77 -2.42 -15.86
CA ASP C 156 16.32 -3.41 -16.79
C ASP C 156 17.57 -2.86 -17.46
N TYR C 157 18.60 -3.69 -17.60
CA TYR C 157 19.84 -3.26 -18.24
C TYR C 157 20.40 -4.42 -19.04
N GLU C 158 20.76 -4.14 -20.30
CA GLU C 158 21.49 -5.08 -21.14
C GLU C 158 22.96 -4.69 -21.23
N SER C 159 23.84 -5.70 -21.11
CA SER C 159 25.27 -5.47 -21.21
C SER C 159 25.66 -5.34 -22.68
N GLU C 160 26.78 -4.68 -22.93
CA GLU C 160 27.27 -4.67 -24.31
C GLU C 160 27.73 -6.08 -24.72
N PRO C 161 27.45 -6.53 -25.95
CA PRO C 161 27.82 -7.92 -26.30
C PRO C 161 29.32 -8.09 -26.45
N LEU C 162 29.79 -9.32 -26.23
CA LEU C 162 31.21 -9.65 -26.36
C LEU C 162 31.35 -10.99 -27.05
N ASN C 163 32.03 -11.00 -28.20
CA ASN C 163 32.30 -12.21 -28.96
C ASN C 163 33.52 -12.98 -28.43
N ILE C 164 33.37 -14.30 -28.31
CA ILE C 164 34.39 -15.23 -27.82
C ILE C 164 34.39 -16.40 -28.79
N THR C 165 35.57 -16.94 -29.08
CA THR C 165 35.72 -18.00 -30.09
C THR C 165 36.79 -18.99 -29.66
N VAL C 166 36.38 -20.27 -29.60
CA VAL C 166 37.26 -21.39 -29.27
C VAL C 166 37.95 -21.88 -30.53
N ILE C 167 39.08 -22.58 -30.34
CA ILE C 167 39.89 -23.15 -31.40
C ILE C 167 40.26 -24.58 -31.02
N LYS C 168 40.69 -25.34 -32.02
CA LYS C 168 41.17 -26.70 -31.81
C LYS C 168 42.61 -26.69 -31.33
N ALA C 169 42.86 -27.37 -30.21
CA ALA C 169 44.16 -27.33 -29.54
C ALA C 169 45.24 -28.08 -30.33
N PRO C 170 44.95 -29.23 -30.95
CA PRO C 170 45.87 -29.72 -31.97
C PRO C 170 45.96 -28.73 -33.12
N ARG C 171 47.19 -28.31 -33.42
CA ARG C 171 47.48 -27.35 -34.48
C ARG C 171 46.76 -26.02 -34.24
N ALA D 1 -3.14 -52.38 35.38
CA ALA D 1 -2.57 -51.04 35.11
C ALA D 1 -2.26 -50.32 36.41
N SER D 2 -1.75 -49.09 36.30
CA SER D 2 -1.36 -48.31 37.46
C SER D 2 -2.58 -47.69 38.13
N THR D 3 -2.40 -47.24 39.37
CA THR D 3 -3.43 -46.54 40.11
C THR D 3 -3.43 -45.07 39.72
N GLN D 4 -4.59 -44.57 39.30
CA GLN D 4 -4.76 -43.19 38.86
C GLN D 4 -6.00 -42.61 39.53
N SER D 5 -5.89 -41.36 39.96
CA SER D 5 -7.02 -40.71 40.60
C SER D 5 -8.06 -40.30 39.56
N PRO D 6 -9.36 -40.29 39.90
CA PRO D 6 -10.34 -39.77 38.93
C PRO D 6 -10.23 -38.26 38.77
N SER D 7 -10.49 -37.81 37.55
CA SER D 7 -10.75 -36.41 37.26
C SER D 7 -12.26 -36.22 37.32
N VAL D 8 -12.72 -35.32 38.19
CA VAL D 8 -14.13 -35.08 38.46
C VAL D 8 -14.52 -33.79 37.77
N PHE D 9 -15.58 -33.84 36.97
CA PHE D 9 -16.11 -32.72 36.22
C PHE D 9 -17.62 -32.61 36.40
N PRO D 10 -18.21 -31.42 36.36
CA PRO D 10 -19.67 -31.33 36.47
C PRO D 10 -20.35 -31.73 35.17
N LEU D 11 -21.66 -31.96 35.27
CA LEU D 11 -22.51 -32.30 34.13
C LEU D 11 -23.88 -31.68 34.37
N THR D 12 -24.12 -30.53 33.75
CA THR D 12 -25.40 -29.84 33.79
C THR D 12 -25.79 -29.42 32.38
N ARG D 13 -27.09 -29.45 32.11
CA ARG D 13 -27.57 -28.99 30.82
C ARG D 13 -27.34 -27.49 30.65
N CYS D 14 -27.40 -27.05 29.40
CA CYS D 14 -27.29 -25.64 29.10
C CYS D 14 -28.47 -24.89 29.71
N CYS D 15 -28.22 -23.65 30.12
CA CYS D 15 -29.27 -22.85 30.75
C CYS D 15 -30.42 -22.56 29.79
N LYS D 16 -30.14 -22.51 28.49
CA LYS D 16 -31.21 -22.39 27.50
C LYS D 16 -31.89 -23.71 27.19
N ASN D 17 -31.31 -24.85 27.57
CA ASN D 17 -31.91 -26.16 27.37
C ASN D 17 -32.87 -26.53 28.50
N ILE D 18 -32.53 -26.16 29.73
CA ILE D 18 -33.43 -26.45 30.85
C ILE D 18 -34.66 -25.55 30.72
N PRO D 19 -35.89 -26.07 30.70
CA PRO D 19 -37.05 -25.17 30.70
C PRO D 19 -37.16 -24.41 32.01
N SER D 20 -37.66 -23.17 31.91
CA SER D 20 -37.84 -22.35 33.10
C SER D 20 -38.96 -22.85 33.99
N ASN D 21 -39.93 -23.58 33.44
CA ASN D 21 -41.08 -24.10 34.20
C ASN D 21 -40.87 -25.54 34.67
N ALA D 22 -39.64 -26.05 34.62
CA ALA D 22 -39.40 -27.42 35.05
C ALA D 22 -39.46 -27.51 36.57
N THR D 23 -40.26 -28.45 37.07
CA THR D 23 -40.34 -28.66 38.52
C THR D 23 -39.17 -29.48 39.06
N SER D 24 -38.41 -30.17 38.20
CA SER D 24 -37.28 -30.97 38.63
C SER D 24 -36.19 -30.89 37.57
N VAL D 25 -34.95 -31.12 38.01
CA VAL D 25 -33.79 -31.08 37.13
C VAL D 25 -32.84 -32.20 37.54
N THR D 26 -32.17 -32.78 36.55
CA THR D 26 -31.14 -33.80 36.74
C THR D 26 -29.79 -33.21 36.40
N LEU D 27 -28.83 -33.35 37.32
CA LEU D 27 -27.44 -32.95 37.14
C LEU D 27 -26.55 -34.13 37.53
N GLY D 28 -25.24 -33.96 37.40
CA GLY D 28 -24.36 -35.07 37.70
C GLY D 28 -22.91 -34.65 37.76
N CYS D 29 -22.06 -35.63 38.08
CA CYS D 29 -20.61 -35.49 38.06
C CYS D 29 -20.01 -36.69 37.35
N LEU D 30 -19.10 -36.43 36.41
CA LEU D 30 -18.36 -37.45 35.69
C LEU D 30 -16.99 -37.60 36.34
N ALA D 31 -16.71 -38.79 36.86
CA ALA D 31 -15.39 -39.17 37.36
C ALA D 31 -14.74 -40.10 36.34
N THR D 32 -13.71 -39.59 35.65
CA THR D 32 -13.10 -40.27 34.51
C THR D 32 -11.61 -40.47 34.73
N GLY D 33 -11.08 -41.54 34.12
CA GLY D 33 -9.65 -41.75 34.12
C GLY D 33 -9.08 -42.26 35.43
N TYR D 34 -9.80 -43.15 36.11
CA TYR D 34 -9.36 -43.80 37.34
C TYR D 34 -9.29 -45.31 37.12
N PHE D 35 -8.38 -45.96 37.87
CA PHE D 35 -8.19 -47.39 37.82
C PHE D 35 -7.62 -47.83 39.16
N PRO D 36 -8.02 -49.00 39.71
CA PRO D 36 -9.11 -49.93 39.36
C PRO D 36 -10.42 -49.50 40.03
N GLU D 37 -11.47 -50.32 39.94
CA GLU D 37 -12.72 -50.02 40.62
C GLU D 37 -12.53 -50.15 42.13
N PRO D 38 -13.43 -49.56 42.96
CA PRO D 38 -14.55 -48.65 42.68
C PRO D 38 -14.29 -47.23 43.15
N VAL D 39 -15.23 -46.32 42.91
CA VAL D 39 -15.28 -45.00 43.51
C VAL D 39 -16.59 -44.87 44.25
N MET D 40 -16.61 -43.91 45.19
CA MET D 40 -17.75 -43.64 46.05
C MET D 40 -18.08 -42.16 45.89
N VAL D 41 -19.32 -41.88 45.47
CA VAL D 41 -19.79 -40.53 45.21
C VAL D 41 -20.97 -40.23 46.13
N THR D 42 -20.90 -39.09 46.81
CA THR D 42 -22.02 -38.54 47.58
C THR D 42 -22.33 -37.13 47.10
N TRP D 43 -23.51 -36.65 47.49
CA TRP D 43 -24.05 -35.36 47.05
C TRP D 43 -24.53 -34.57 48.25
N ASP D 44 -24.09 -33.30 48.33
CA ASP D 44 -24.64 -32.32 49.25
C ASP D 44 -25.53 -31.39 48.44
N THR D 45 -26.84 -31.47 48.70
CA THR D 45 -27.86 -30.69 48.02
C THR D 45 -28.39 -29.53 48.86
N GLY D 46 -27.77 -29.26 50.01
CA GLY D 46 -28.26 -28.18 50.86
C GLY D 46 -29.57 -28.58 51.51
N SER D 47 -30.56 -27.70 51.41
CA SER D 47 -31.86 -27.88 52.05
C SER D 47 -32.87 -28.64 51.19
N LEU D 48 -32.53 -28.98 49.94
CA LEU D 48 -33.45 -29.66 49.04
C LEU D 48 -33.28 -31.17 49.16
N ASN D 49 -34.38 -31.89 48.93
CA ASN D 49 -34.41 -33.34 48.92
C ASN D 49 -34.31 -33.83 47.48
N GLY D 50 -33.37 -34.76 47.22
CA GLY D 50 -33.14 -35.26 45.88
C GLY D 50 -32.76 -36.72 45.92
N THR D 51 -32.82 -37.34 44.74
CA THR D 51 -32.54 -38.76 44.54
C THR D 51 -31.20 -38.88 43.82
N THR D 52 -30.22 -39.46 44.49
CA THR D 52 -28.92 -39.77 43.90
C THR D 52 -28.99 -41.10 43.16
N MET D 53 -28.04 -41.30 42.25
CA MET D 53 -28.01 -42.53 41.45
C MET D 53 -26.60 -42.72 40.91
N THR D 54 -26.05 -43.92 41.12
CA THR D 54 -24.70 -44.28 40.72
C THR D 54 -24.79 -45.33 39.61
N LEU D 55 -24.17 -45.03 38.46
CA LEU D 55 -24.14 -45.93 37.32
C LEU D 55 -22.91 -46.84 37.38
N PRO D 56 -22.94 -48.01 36.72
CA PRO D 56 -21.69 -48.74 36.54
C PRO D 56 -20.74 -47.98 35.62
N ALA D 57 -19.45 -48.14 35.88
CA ALA D 57 -18.43 -47.43 35.13
C ALA D 57 -18.22 -48.06 33.76
N THR D 58 -17.79 -47.24 32.80
CA THR D 58 -17.40 -47.68 31.46
C THR D 58 -15.89 -47.55 31.32
N THR D 59 -15.25 -48.62 30.86
CA THR D 59 -13.79 -48.65 30.76
C THR D 59 -13.35 -47.87 29.52
N LEU D 60 -12.44 -46.92 29.74
CA LEU D 60 -11.87 -46.18 28.62
C LEU D 60 -10.98 -47.10 27.79
N THR D 61 -11.18 -47.10 26.48
CA THR D 61 -10.45 -47.99 25.60
C THR D 61 -9.00 -47.58 25.41
N LEU D 62 -8.71 -46.27 25.45
CA LEU D 62 -7.38 -45.80 25.09
C LEU D 62 -6.36 -46.04 26.20
N SER D 63 -6.79 -46.01 27.47
CA SER D 63 -5.91 -46.21 28.63
C SER D 63 -6.27 -47.41 29.49
N GLY D 64 -7.49 -47.96 29.37
CA GLY D 64 -7.94 -49.00 30.26
C GLY D 64 -8.49 -48.52 31.59
N HIS D 65 -8.49 -47.22 31.85
CA HIS D 65 -9.07 -46.68 33.07
C HIS D 65 -10.59 -46.68 32.97
N TYR D 66 -11.23 -46.45 34.11
CA TYR D 66 -12.68 -46.44 34.23
C TYR D 66 -13.23 -45.02 34.17
N ALA D 67 -14.49 -44.91 33.75
CA ALA D 67 -15.20 -43.64 33.70
C ALA D 67 -16.64 -43.90 34.10
N THR D 68 -17.10 -43.18 35.13
CA THR D 68 -18.44 -43.31 35.68
C THR D 68 -19.09 -41.94 35.77
N ILE D 69 -20.42 -41.97 35.78
CA ILE D 69 -21.25 -40.78 35.92
C ILE D 69 -22.16 -41.02 37.11
N SER D 70 -22.19 -40.08 38.05
CA SER D 70 -23.07 -40.11 39.21
C SER D 70 -24.06 -38.98 39.09
N LEU D 71 -25.35 -39.32 38.94
CA LEU D 71 -26.40 -38.36 38.70
C LEU D 71 -27.18 -38.09 39.99
N LEU D 72 -27.90 -36.97 39.97
CA LEU D 72 -28.80 -36.58 41.05
C LEU D 72 -29.96 -35.83 40.41
N THR D 73 -31.18 -36.22 40.78
CA THR D 73 -32.41 -35.54 40.35
C THR D 73 -33.00 -34.84 41.56
N VAL D 74 -33.21 -33.52 41.44
CA VAL D 74 -33.74 -32.68 42.51
C VAL D 74 -34.98 -31.97 42.02
N SER D 75 -35.79 -31.50 42.97
CA SER D 75 -36.97 -30.71 42.71
C SER D 75 -37.02 -29.55 43.70
N GLY D 76 -37.72 -28.49 43.32
CA GLY D 76 -37.89 -27.31 44.16
C GLY D 76 -37.11 -26.12 43.65
N ALA D 77 -36.45 -25.40 44.56
CA ALA D 77 -35.66 -24.22 44.21
C ALA D 77 -34.24 -24.64 43.79
N TRP D 78 -34.19 -25.42 42.72
CA TRP D 78 -32.92 -25.99 42.25
C TRP D 78 -32.04 -24.99 41.50
N ALA D 79 -32.62 -23.90 40.99
CA ALA D 79 -31.80 -22.94 40.24
C ALA D 79 -30.82 -22.22 41.14
N LYS D 80 -31.30 -21.69 42.28
CA LYS D 80 -30.45 -21.02 43.24
C LYS D 80 -29.64 -21.95 44.11
N GLN D 81 -29.98 -23.25 44.15
CA GLN D 81 -29.31 -24.16 45.06
C GLN D 81 -27.90 -24.47 44.59
N MET D 82 -26.97 -24.49 45.54
CA MET D 82 -25.57 -24.83 45.29
C MET D 82 -25.39 -26.32 45.59
N PHE D 83 -24.84 -27.05 44.62
CA PHE D 83 -24.71 -28.50 44.68
C PHE D 83 -23.24 -28.86 44.78
N THR D 84 -22.91 -29.78 45.70
CA THR D 84 -21.57 -30.32 45.84
C THR D 84 -21.62 -31.81 45.57
N CYS D 85 -20.64 -32.32 44.82
CA CYS D 85 -20.42 -33.75 44.64
C CYS D 85 -19.04 -34.12 45.15
N ARG D 86 -19.01 -35.19 45.94
CA ARG D 86 -17.87 -35.61 46.75
C ARG D 86 -17.47 -37.01 46.32
N VAL D 87 -16.35 -37.12 45.60
CA VAL D 87 -15.87 -38.36 45.00
C VAL D 87 -14.64 -38.83 45.78
N ALA D 88 -14.57 -40.12 46.05
CA ALA D 88 -13.41 -40.76 46.66
C ALA D 88 -13.07 -42.03 45.91
N HIS D 89 -11.78 -42.33 45.79
CA HIS D 89 -11.25 -43.49 45.08
C HIS D 89 -10.35 -44.24 46.06
N THR D 90 -10.89 -45.31 46.67
CA THR D 90 -10.17 -45.97 47.76
C THR D 90 -8.92 -46.74 47.32
N PRO D 91 -8.81 -47.25 46.09
CA PRO D 91 -7.47 -47.69 45.64
C PRO D 91 -6.41 -46.61 45.67
N SER D 92 -6.77 -45.36 45.35
CA SER D 92 -5.78 -44.29 45.33
C SER D 92 -5.31 -43.97 46.74
N SER D 93 -6.22 -43.54 47.60
CA SER D 93 -5.90 -43.29 49.00
C SER D 93 -7.19 -43.32 49.81
N THR D 94 -7.04 -43.45 51.13
CA THR D 94 -8.19 -43.57 52.01
C THR D 94 -8.88 -42.23 52.29
N ASP D 95 -8.23 -41.10 52.03
CA ASP D 95 -8.77 -39.77 52.31
C ASP D 95 -8.67 -38.83 51.11
N TRP D 96 -8.42 -39.34 49.91
CA TRP D 96 -8.46 -38.51 48.71
C TRP D 96 -9.92 -38.19 48.38
N VAL D 97 -10.30 -36.93 48.57
CA VAL D 97 -11.67 -36.45 48.40
C VAL D 97 -11.62 -35.31 47.39
N ASP D 98 -12.37 -35.47 46.30
CA ASP D 98 -12.59 -34.41 45.31
C ASP D 98 -13.99 -33.86 45.51
N ASN D 99 -14.06 -32.63 45.99
CA ASN D 99 -15.32 -31.91 46.23
C ASN D 99 -15.47 -30.87 45.13
N LYS D 100 -16.36 -31.13 44.18
CA LYS D 100 -16.68 -30.20 43.11
C LYS D 100 -17.99 -29.51 43.45
N THR D 101 -17.94 -28.18 43.59
CA THR D 101 -19.06 -27.35 44.02
C THR D 101 -19.49 -26.46 42.85
N PHE D 102 -20.77 -26.50 42.51
CA PHE D 102 -21.26 -25.78 41.35
C PHE D 102 -22.78 -25.74 41.41
N SER D 103 -23.35 -24.82 40.64
CA SER D 103 -24.78 -24.66 40.47
C SER D 103 -25.22 -25.26 39.13
N VAL D 104 -26.54 -25.39 38.97
CA VAL D 104 -27.08 -26.01 37.77
C VAL D 104 -26.83 -25.14 36.53
N CYS D 105 -26.79 -23.82 36.69
CA CYS D 105 -26.58 -22.84 35.63
C CYS D 105 -25.41 -21.94 36.03
N SER D 106 -24.28 -22.57 36.36
CA SER D 106 -23.09 -21.85 36.81
C SER D 106 -22.63 -20.83 35.78
N ARG D 107 -22.44 -21.26 34.54
CA ARG D 107 -22.04 -20.37 33.45
C ARG D 107 -22.15 -21.11 32.13
N ASP D 108 -22.34 -20.34 31.07
CA ASP D 108 -22.12 -20.78 29.70
C ASP D 108 -20.77 -20.26 29.25
N PHE D 109 -20.09 -21.03 28.40
CA PHE D 109 -18.80 -20.59 27.88
C PHE D 109 -19.01 -19.32 27.06
N THR D 110 -18.17 -18.30 27.28
CA THR D 110 -18.24 -17.02 26.56
C THR D 110 -16.94 -16.76 25.80
N PRO D 111 -16.87 -16.95 24.48
CA PRO D 111 -15.60 -16.74 23.76
C PRO D 111 -15.24 -15.28 23.54
N PRO D 112 -14.27 -14.67 24.23
CA PRO D 112 -13.90 -13.31 23.82
C PRO D 112 -13.19 -13.49 22.49
N THR D 113 -13.25 -12.48 21.63
CA THR D 113 -12.43 -12.54 20.42
C THR D 113 -11.05 -11.94 20.64
N VAL D 114 -10.09 -12.39 19.84
CA VAL D 114 -8.69 -11.97 19.93
C VAL D 114 -8.34 -11.42 18.56
N LYS D 115 -7.65 -10.28 18.51
CA LYS D 115 -7.05 -9.85 17.25
C LYS D 115 -5.77 -9.08 17.53
N ILE D 116 -4.80 -9.21 16.63
CA ILE D 116 -3.50 -8.54 16.77
C ILE D 116 -3.44 -7.52 15.64
N LEU D 117 -3.15 -6.28 16.02
CA LEU D 117 -2.85 -5.17 15.14
C LEU D 117 -1.38 -4.81 15.33
N GLN D 118 -0.76 -4.14 14.36
CA GLN D 118 0.66 -3.81 14.47
C GLN D 118 0.95 -2.41 13.93
N SER D 119 2.06 -1.87 14.39
CA SER D 119 2.68 -0.64 13.88
C SER D 119 2.84 -0.59 12.38
N SER D 120 2.99 0.64 11.88
CA SER D 120 3.40 0.85 10.49
C SER D 120 4.91 0.78 10.36
N CYS D 121 5.35 0.35 9.19
CA CYS D 121 6.57 0.86 8.57
C CYS D 121 6.16 2.04 7.69
N ASP D 122 7.13 2.87 7.32
CA ASP D 122 6.79 4.13 6.64
C ASP D 122 6.56 3.99 5.14
N GLY D 123 6.44 5.14 4.47
CA GLY D 123 6.15 5.21 3.06
C GLY D 123 7.22 4.67 2.14
N GLY D 124 8.45 4.51 2.63
CA GLY D 124 9.46 3.82 1.86
C GLY D 124 9.60 2.36 2.22
N GLY D 125 8.77 1.86 3.13
CA GLY D 125 8.87 0.49 3.59
C GLY D 125 9.96 0.21 4.59
N HIS D 126 10.51 1.22 5.26
CA HIS D 126 11.60 1.00 6.22
C HIS D 126 10.98 0.83 7.59
N PHE D 127 11.60 -0.02 8.40
CA PHE D 127 11.05 -0.23 9.74
C PHE D 127 11.40 0.93 10.68
N PRO D 128 10.54 1.24 11.66
CA PRO D 128 10.88 2.26 12.65
C PRO D 128 11.76 1.67 13.73
N PRO D 129 12.29 2.49 14.65
CA PRO D 129 13.21 1.96 15.67
C PRO D 129 12.58 0.91 16.56
N THR D 130 11.28 1.04 16.85
CA THR D 130 10.53 0.04 17.59
C THR D 130 9.24 -0.31 16.86
N ILE D 131 8.70 -1.47 17.23
CA ILE D 131 7.47 -2.04 16.70
C ILE D 131 6.45 -2.11 17.82
N GLN D 132 5.28 -1.53 17.59
CA GLN D 132 4.15 -1.71 18.50
C GLN D 132 3.23 -2.81 17.98
N LEU D 133 2.87 -3.74 18.87
CA LEU D 133 1.78 -4.70 18.67
C LEU D 133 0.64 -4.38 19.62
N LEU D 134 -0.59 -4.36 19.11
CA LEU D 134 -1.77 -4.01 19.88
C LEU D 134 -2.74 -5.19 19.82
N CYS D 135 -2.91 -5.89 20.94
CA CYS D 135 -3.82 -7.03 21.04
C CYS D 135 -5.15 -6.47 21.51
N LEU D 136 -6.21 -6.73 20.76
CA LEU D 136 -7.55 -6.22 21.00
C LEU D 136 -8.49 -7.37 21.32
N VAL D 137 -9.23 -7.20 22.43
CA VAL D 137 -10.28 -8.11 22.88
C VAL D 137 -11.58 -7.32 22.89
N SER D 138 -12.29 -7.34 21.76
CA SER D 138 -13.37 -6.41 21.46
C SER D 138 -14.72 -7.10 21.63
N GLY D 139 -15.59 -6.52 22.47
CA GLY D 139 -16.97 -6.90 22.60
C GLY D 139 -17.28 -8.21 23.30
N TYR D 140 -17.13 -8.23 24.63
CA TYR D 140 -17.32 -9.44 25.43
C TYR D 140 -17.98 -9.05 26.76
N THR D 141 -18.65 -10.01 27.37
CA THR D 141 -19.29 -9.78 28.66
C THR D 141 -18.22 -9.46 29.71
N PRO D 142 -18.34 -8.38 30.51
CA PRO D 142 -17.24 -8.02 31.43
C PRO D 142 -16.92 -9.11 32.45
N GLY D 143 -15.65 -9.21 32.78
CA GLY D 143 -15.20 -10.16 33.79
C GLY D 143 -13.70 -10.07 33.94
N THR D 144 -13.15 -10.96 34.76
CA THR D 144 -11.73 -10.97 35.01
C THR D 144 -11.00 -11.37 33.74
N ILE D 145 -9.90 -10.69 33.44
CA ILE D 145 -9.14 -10.93 32.23
C ILE D 145 -7.66 -10.70 32.51
N ASN D 146 -6.81 -11.55 31.92
CA ASN D 146 -5.37 -11.43 31.99
C ASN D 146 -4.81 -11.55 30.58
N ILE D 147 -3.77 -10.77 30.27
CA ILE D 147 -3.13 -10.77 28.95
C ILE D 147 -1.64 -11.00 29.16
N THR D 148 -1.11 -12.05 28.52
CA THR D 148 0.30 -12.41 28.57
C THR D 148 0.85 -12.49 27.15
N TRP D 149 2.06 -11.97 26.95
CA TRP D 149 2.76 -12.07 25.68
C TRP D 149 3.84 -13.14 25.77
N LEU D 150 3.92 -13.98 24.73
CA LEU D 150 5.00 -14.96 24.59
C LEU D 150 5.87 -14.58 23.41
N GLU D 151 7.19 -14.77 23.56
CA GLU D 151 8.15 -14.67 22.46
C GLU D 151 8.73 -16.06 22.31
N ASP D 152 8.46 -16.68 21.17
CA ASP D 152 8.75 -18.10 20.90
C ASP D 152 8.36 -18.96 22.10
N GLY D 153 7.13 -18.76 22.57
CA GLY D 153 6.53 -19.58 23.60
C GLY D 153 6.96 -19.34 25.03
N GLN D 154 7.83 -18.36 25.33
CA GLN D 154 8.22 -18.04 26.70
C GLN D 154 7.64 -16.70 27.14
N VAL D 155 7.14 -16.66 28.38
CA VAL D 155 6.52 -15.44 28.92
C VAL D 155 7.55 -14.32 29.08
N MET D 156 7.25 -13.16 28.50
CA MET D 156 8.07 -11.97 28.59
C MET D 156 7.70 -11.16 29.84
N ASP D 157 8.67 -10.41 30.37
CA ASP D 157 8.50 -9.62 31.61
C ASP D 157 7.27 -8.72 31.56
N VAL D 158 6.57 -8.64 32.71
CA VAL D 158 5.30 -7.92 32.78
C VAL D 158 5.44 -6.43 32.45
N ASP D 159 6.60 -5.84 32.74
CA ASP D 159 6.75 -4.40 32.52
C ASP D 159 6.94 -4.00 31.06
N LEU D 160 7.03 -4.96 30.14
CA LEU D 160 7.30 -4.71 28.74
C LEU D 160 6.03 -4.43 27.93
N SER D 161 4.85 -4.52 28.56
CA SER D 161 3.57 -4.34 27.89
C SER D 161 2.59 -3.77 28.91
N THR D 162 1.63 -2.99 28.41
CA THR D 162 0.59 -2.36 29.24
C THR D 162 -0.80 -2.63 28.71
N ALA D 163 -1.71 -3.01 29.61
CA ALA D 163 -3.10 -3.35 29.32
C ALA D 163 -4.06 -2.33 29.92
N SER D 164 -5.17 -2.11 29.21
CA SER D 164 -6.23 -1.20 29.66
C SER D 164 -7.58 -1.74 29.21
N THR D 165 -8.63 -1.36 29.96
CA THR D 165 -9.99 -1.87 29.76
C THR D 165 -11.01 -0.72 29.78
N THR D 166 -11.96 -0.76 28.84
CA THR D 166 -13.11 0.13 28.81
C THR D 166 -14.39 -0.70 28.70
N GLN D 167 -15.52 -0.04 28.96
CA GLN D 167 -16.85 -0.63 28.84
C GLN D 167 -17.76 0.29 28.03
N GLU D 168 -18.62 -0.31 27.21
CA GLU D 168 -19.61 0.43 26.42
C GLU D 168 -20.91 -0.38 26.43
N GLY D 169 -21.94 0.21 27.03
CA GLY D 169 -23.21 -0.49 27.20
C GLY D 169 -23.02 -1.71 28.09
N GLU D 170 -23.34 -2.87 27.51
CA GLU D 170 -23.04 -4.16 28.13
C GLU D 170 -21.64 -4.64 27.78
N LEU D 171 -21.20 -4.40 26.54
CA LEU D 171 -20.01 -5.04 26.02
C LEU D 171 -18.74 -4.33 26.51
N ALA D 172 -17.75 -5.12 26.89
CA ALA D 172 -16.44 -4.61 27.29
C ALA D 172 -15.47 -4.65 26.12
N SER D 173 -14.40 -3.87 26.24
CA SER D 173 -13.28 -3.93 25.32
C SER D 173 -12.00 -3.78 26.11
N THR D 174 -11.00 -4.56 25.74
CA THR D 174 -9.73 -4.62 26.40
C THR D 174 -8.67 -4.48 25.32
N GLN D 175 -7.56 -3.81 25.67
CA GLN D 175 -6.44 -3.69 24.76
C GLN D 175 -5.16 -3.86 25.55
N SER D 176 -4.12 -4.28 24.84
CA SER D 176 -2.79 -4.42 25.41
C SER D 176 -1.77 -4.03 24.35
N GLU D 177 -0.78 -3.21 24.75
CA GLU D 177 0.25 -2.71 23.84
C GLU D 177 1.61 -3.24 24.27
N LEU D 178 2.33 -3.85 23.33
CA LEU D 178 3.66 -4.40 23.48
C LEU D 178 4.65 -3.68 22.57
N THR D 179 5.80 -3.31 23.12
CA THR D 179 6.86 -2.65 22.37
C THR D 179 7.98 -3.67 22.15
N LEU D 180 8.41 -3.80 20.89
CA LEU D 180 9.51 -4.68 20.48
C LEU D 180 10.61 -3.87 19.83
N SER D 181 11.85 -4.33 19.99
CA SER D 181 12.94 -3.77 19.20
C SER D 181 12.80 -4.20 17.74
N GLN D 182 13.33 -3.36 16.84
CA GLN D 182 13.38 -3.69 15.42
C GLN D 182 14.10 -5.02 15.19
N LYS D 183 15.20 -5.23 15.91
CA LYS D 183 16.01 -6.44 15.76
C LYS D 183 15.20 -7.69 16.10
N HIS D 184 14.47 -7.63 17.21
CA HIS D 184 13.64 -8.75 17.62
C HIS D 184 12.55 -9.04 16.59
N TRP D 185 11.87 -7.98 16.10
CA TRP D 185 10.87 -8.16 15.06
C TRP D 185 11.48 -8.82 13.82
N LEU D 186 12.68 -8.39 13.45
CA LEU D 186 13.34 -8.87 12.24
C LEU D 186 13.96 -10.25 12.39
N SER D 187 14.04 -10.80 13.61
CA SER D 187 14.60 -12.14 13.78
C SER D 187 13.62 -13.26 13.42
N ASP D 188 12.37 -12.94 13.08
CA ASP D 188 11.35 -13.91 12.64
C ASP D 188 10.84 -14.77 13.80
N ARG D 189 10.98 -14.31 15.03
CA ARG D 189 10.36 -14.94 16.18
C ARG D 189 8.84 -14.78 16.12
N THR D 190 8.15 -15.70 16.80
CA THR D 190 6.70 -15.72 16.85
C THR D 190 6.27 -15.09 18.16
N TYR D 191 5.34 -14.14 18.09
CA TYR D 191 4.80 -13.44 19.23
C TYR D 191 3.34 -13.84 19.40
N THR D 192 2.99 -14.28 20.60
CA THR D 192 1.65 -14.79 20.90
C THR D 192 0.98 -13.93 21.95
N CYS D 193 -0.24 -13.46 21.64
CA CYS D 193 -1.11 -12.80 22.61
C CYS D 193 -2.03 -13.85 23.24
N GLN D 194 -1.89 -14.04 24.55
CA GLN D 194 -2.59 -15.04 25.34
C GLN D 194 -3.55 -14.36 26.30
N VAL D 195 -4.84 -14.53 26.07
CA VAL D 195 -5.89 -13.85 26.83
C VAL D 195 -6.51 -14.96 27.66
N THR D 196 -6.55 -14.78 28.98
CA THR D 196 -7.18 -15.73 29.88
C THR D 196 -8.39 -15.02 30.47
N TYR D 197 -9.57 -15.53 30.12
CA TYR D 197 -10.85 -14.94 30.49
C TYR D 197 -11.66 -16.00 31.22
N GLN D 198 -12.03 -15.69 32.46
CA GLN D 198 -12.78 -16.61 33.33
C GLN D 198 -12.12 -17.99 33.45
N GLY D 199 -10.79 -18.01 33.45
CA GLY D 199 -10.03 -19.23 33.57
C GLY D 199 -9.75 -19.99 32.29
N HIS D 200 -10.30 -19.58 31.14
CA HIS D 200 -10.08 -20.29 29.87
C HIS D 200 -9.17 -19.45 28.98
N THR D 201 -8.36 -20.13 28.18
CA THR D 201 -7.28 -19.48 27.40
C THR D 201 -7.71 -19.37 25.94
N PHE D 202 -7.48 -18.18 25.39
CA PHE D 202 -7.71 -17.81 23.99
C PHE D 202 -6.40 -17.21 23.47
N GLU D 203 -6.01 -17.60 22.25
CA GLU D 203 -4.71 -17.23 21.69
C GLU D 203 -4.81 -16.68 20.28
N ASP D 204 -3.88 -15.76 19.98
CA ASP D 204 -3.57 -15.39 18.60
C ASP D 204 -2.06 -15.17 18.51
N SER D 205 -1.53 -15.25 17.28
CA SER D 205 -0.09 -15.21 17.06
C SER D 205 0.26 -14.42 15.81
N THR D 206 1.54 -14.04 15.75
CA THR D 206 2.09 -13.25 14.65
C THR D 206 3.58 -13.60 14.58
N LYS D 207 4.18 -13.33 13.43
CA LYS D 207 5.62 -13.37 13.22
C LYS D 207 5.90 -12.43 12.06
N LYS D 208 7.20 -12.21 11.76
CA LYS D 208 7.53 -11.28 10.68
C LYS D 208 6.85 -11.78 9.43
N CYS D 209 6.34 -10.84 8.65
CA CYS D 209 5.52 -11.20 7.51
C CYS D 209 6.36 -11.89 6.43
N ALA D 210 5.69 -12.30 5.35
CA ALA D 210 6.33 -12.85 4.15
C ALA D 210 5.85 -12.04 2.94
N ASP D 211 6.79 -11.39 2.25
CA ASP D 211 6.48 -10.41 1.22
C ASP D 211 6.42 -10.99 -0.20
N SER D 212 5.75 -12.12 -0.39
CA SER D 212 5.19 -12.56 -1.68
C SER D 212 6.16 -12.75 -2.86
N ASN D 213 7.47 -12.54 -2.68
CA ASN D 213 8.44 -12.73 -3.75
C ASN D 213 9.75 -13.21 -3.13
N PRO D 214 9.82 -14.47 -2.71
CA PRO D 214 10.98 -14.90 -1.91
C PRO D 214 12.29 -14.97 -2.69
N ARG D 215 12.25 -15.44 -3.94
CA ARG D 215 13.41 -15.59 -4.81
C ARG D 215 13.21 -14.85 -6.12
N GLY D 216 12.46 -13.76 -6.11
CA GLY D 216 12.26 -12.99 -7.30
C GLY D 216 11.14 -13.49 -8.18
N VAL D 217 10.54 -14.63 -7.83
CA VAL D 217 9.43 -15.18 -8.58
C VAL D 217 8.28 -14.21 -8.41
N SER D 218 7.38 -14.15 -9.40
CA SER D 218 6.10 -13.47 -9.22
C SER D 218 4.98 -14.45 -9.48
N ALA D 219 3.87 -14.21 -8.80
CA ALA D 219 2.64 -14.96 -8.98
C ALA D 219 1.46 -14.01 -8.98
N TYR D 220 0.53 -14.29 -9.87
CA TYR D 220 -0.66 -13.48 -10.11
C TYR D 220 -1.84 -14.43 -10.18
N LEU D 221 -2.98 -13.95 -9.70
CA LEU D 221 -4.19 -14.75 -9.62
C LEU D 221 -5.35 -13.87 -10.01
N SER D 222 -6.05 -14.26 -11.06
CA SER D 222 -7.08 -13.43 -11.65
C SER D 222 -8.43 -13.77 -11.04
N ARG D 223 -9.39 -12.92 -11.28
CA ARG D 223 -10.78 -13.18 -11.00
C ARG D 223 -11.50 -13.68 -12.23
N PRO D 224 -12.67 -14.32 -12.10
CA PRO D 224 -13.38 -14.75 -13.31
C PRO D 224 -13.79 -13.55 -14.15
N SER D 225 -13.86 -13.75 -15.44
CA SER D 225 -14.41 -12.68 -16.25
C SER D 225 -15.93 -12.69 -16.08
N PRO D 226 -16.60 -11.52 -16.05
CA PRO D 226 -18.07 -11.55 -15.90
C PRO D 226 -18.77 -12.26 -17.05
N PHE D 227 -18.22 -12.16 -18.27
CA PHE D 227 -18.79 -12.88 -19.41
C PHE D 227 -18.75 -14.39 -19.20
N ASP D 228 -17.61 -14.90 -18.74
CA ASP D 228 -17.49 -16.33 -18.46
C ASP D 228 -18.46 -16.76 -17.36
N LEU D 229 -18.65 -15.89 -16.36
CA LEU D 229 -19.43 -16.22 -15.17
C LEU D 229 -20.93 -16.22 -15.42
N PHE D 230 -21.45 -15.18 -16.06
CA PHE D 230 -22.90 -14.95 -16.17
C PHE D 230 -23.51 -15.33 -17.51
N ILE D 231 -22.75 -15.39 -18.61
CA ILE D 231 -23.29 -15.68 -19.94
C ILE D 231 -23.02 -17.14 -20.25
N ARG D 232 -21.75 -17.54 -20.22
CA ARG D 232 -21.43 -18.95 -20.47
C ARG D 232 -21.75 -19.82 -19.27
N LYS D 233 -21.81 -19.26 -18.06
CA LYS D 233 -21.99 -20.00 -16.81
C LYS D 233 -20.93 -21.08 -16.65
N SER D 234 -19.69 -20.74 -17.03
CA SER D 234 -18.52 -21.57 -16.77
C SER D 234 -17.38 -20.67 -16.31
N PRO D 235 -17.47 -20.13 -15.10
CA PRO D 235 -16.40 -19.23 -14.65
C PRO D 235 -15.16 -20.03 -14.32
N THR D 236 -14.02 -19.40 -14.57
CA THR D 236 -12.73 -19.98 -14.26
C THR D 236 -11.89 -18.90 -13.62
N ILE D 237 -10.89 -19.33 -12.86
CA ILE D 237 -9.86 -18.42 -12.35
C ILE D 237 -8.54 -19.01 -12.80
N THR D 238 -7.53 -18.14 -12.90
CA THR D 238 -6.25 -18.52 -13.46
C THR D 238 -5.13 -18.05 -12.56
N CYS D 239 -4.22 -18.96 -12.25
CA CYS D 239 -3.05 -18.70 -11.43
C CYS D 239 -1.84 -18.83 -12.33
N LEU D 240 -1.04 -17.76 -12.43
CA LEU D 240 0.12 -17.72 -13.29
C LEU D 240 1.31 -17.35 -12.43
N VAL D 241 2.38 -18.16 -12.53
CA VAL D 241 3.59 -17.96 -11.75
C VAL D 241 4.72 -17.87 -12.76
N VAL D 242 5.46 -16.76 -12.72
CA VAL D 242 6.49 -16.41 -13.69
C VAL D 242 7.84 -16.27 -12.99
N ASP D 243 8.88 -16.38 -13.83
CA ASP D 243 10.29 -16.19 -13.48
C ASP D 243 10.80 -17.29 -12.55
N LEU D 244 10.26 -18.50 -12.70
CA LEU D 244 10.81 -19.68 -12.04
C LEU D 244 12.04 -20.16 -12.80
N ALA D 245 12.89 -20.92 -12.11
CA ALA D 245 14.05 -21.49 -12.78
C ALA D 245 13.67 -22.75 -13.57
N PRO D 246 14.32 -23.01 -14.76
CA PRO D 246 13.98 -24.25 -15.49
C PRO D 246 14.62 -25.52 -14.95
N SER D 247 14.92 -25.61 -13.66
CA SER D 247 15.62 -26.77 -13.13
C SER D 247 14.69 -27.98 -13.09
N LYS D 248 15.25 -29.11 -12.69
CA LYS D 248 14.48 -30.34 -12.56
C LYS D 248 13.62 -30.30 -11.31
N GLY D 249 12.79 -31.32 -11.15
CA GLY D 249 11.85 -31.38 -10.05
C GLY D 249 10.62 -30.54 -10.33
N THR D 250 9.51 -31.22 -10.63
CA THR D 250 8.29 -30.55 -11.02
C THR D 250 7.75 -29.69 -9.88
N VAL D 251 7.22 -28.51 -10.23
CA VAL D 251 6.60 -27.65 -9.24
C VAL D 251 5.30 -28.28 -8.75
N ASN D 252 5.03 -28.11 -7.45
CA ASN D 252 3.82 -28.60 -6.81
C ASN D 252 2.82 -27.46 -6.74
N LEU D 253 1.72 -27.59 -7.49
CA LEU D 253 0.63 -26.63 -7.54
C LEU D 253 -0.63 -27.20 -6.92
N THR D 254 -1.18 -26.49 -5.93
CA THR D 254 -2.35 -26.93 -5.19
C THR D 254 -3.36 -25.80 -5.07
N TRP D 255 -4.65 -26.14 -5.18
CA TRP D 255 -5.75 -25.21 -5.08
C TRP D 255 -6.46 -25.48 -3.76
N SER D 256 -7.10 -24.46 -3.19
CA SER D 256 -7.89 -24.73 -2.00
C SER D 256 -8.85 -23.58 -1.72
N ARG D 257 -9.87 -23.90 -0.92
CA ARG D 257 -10.83 -22.96 -0.40
C ARG D 257 -10.61 -22.77 1.09
N ALA D 258 -10.87 -21.56 1.59
CA ALA D 258 -10.69 -21.29 3.02
C ALA D 258 -11.62 -22.15 3.88
N SER D 259 -12.78 -22.54 3.34
CA SER D 259 -13.73 -23.38 4.05
C SER D 259 -13.37 -24.86 4.06
N GLY D 260 -12.37 -25.29 3.28
CA GLY D 260 -12.02 -26.70 3.23
C GLY D 260 -12.89 -27.57 2.35
N LYS D 261 -13.91 -27.02 1.70
CA LYS D 261 -14.70 -27.81 0.78
C LYS D 261 -13.86 -28.22 -0.44
N PRO D 262 -14.26 -29.26 -1.17
CA PRO D 262 -13.37 -29.76 -2.22
C PRO D 262 -13.32 -28.83 -3.42
N VAL D 263 -12.21 -28.91 -4.16
CA VAL D 263 -12.02 -28.19 -5.41
C VAL D 263 -11.84 -29.22 -6.51
N ASN D 264 -12.10 -28.80 -7.74
CA ASN D 264 -11.92 -29.68 -8.88
C ASN D 264 -10.44 -29.74 -9.28
N HIS D 265 -10.16 -30.60 -10.26
CA HIS D 265 -8.88 -30.59 -10.95
C HIS D 265 -8.79 -29.35 -11.82
N SER D 266 -7.55 -28.92 -12.11
CA SER D 266 -7.28 -27.76 -12.95
C SER D 266 -6.46 -28.19 -14.15
N THR D 267 -6.32 -27.27 -15.11
CA THR D 267 -5.42 -27.43 -16.26
C THR D 267 -3.99 -26.98 -15.96
N ARG D 268 -3.22 -27.85 -15.31
CA ARG D 268 -1.82 -27.52 -15.05
C ARG D 268 -1.03 -27.52 -16.35
N LYS D 269 -0.28 -26.45 -16.61
CA LYS D 269 0.52 -26.30 -17.82
C LYS D 269 1.81 -25.56 -17.49
N GLU D 270 2.93 -26.05 -18.04
CA GLU D 270 4.23 -25.39 -17.91
C GLU D 270 4.75 -25.10 -19.32
N GLU D 271 5.48 -23.99 -19.47
CA GLU D 271 6.26 -23.81 -20.69
C GLU D 271 7.42 -22.85 -20.50
N LYS D 272 8.58 -23.25 -21.04
CA LYS D 272 9.75 -22.38 -21.07
C LYS D 272 9.53 -21.26 -22.08
N GLN D 273 9.97 -20.05 -21.71
CA GLN D 273 9.79 -18.86 -22.54
C GLN D 273 11.05 -18.61 -23.36
N ARG D 274 10.89 -17.72 -24.35
CA ARG D 274 12.00 -17.38 -25.25
C ARG D 274 13.15 -16.72 -24.52
N ASN D 275 12.92 -16.13 -23.35
CA ASN D 275 14.00 -15.50 -22.59
C ASN D 275 14.64 -16.45 -21.61
N GLY D 276 14.39 -17.75 -21.70
CA GLY D 276 15.04 -18.71 -20.83
C GLY D 276 14.39 -18.90 -19.48
N THR D 277 13.24 -18.29 -19.24
CA THR D 277 12.52 -18.44 -17.98
C THR D 277 11.46 -19.50 -18.20
N LEU D 278 10.80 -19.89 -17.12
CA LEU D 278 9.74 -20.88 -17.16
C LEU D 278 8.52 -20.29 -16.50
N THR D 279 7.38 -20.35 -17.19
CA THR D 279 6.09 -19.94 -16.64
C THR D 279 5.19 -21.14 -16.47
N VAL D 280 4.46 -21.17 -15.35
CA VAL D 280 3.47 -22.21 -15.09
C VAL D 280 2.14 -21.49 -14.97
N THR D 281 1.14 -22.01 -15.66
CA THR D 281 -0.20 -21.46 -15.67
C THR D 281 -1.17 -22.59 -15.39
N SER D 282 -2.16 -22.29 -14.56
CA SER D 282 -3.23 -23.22 -14.26
C SER D 282 -4.53 -22.47 -14.28
N THR D 283 -5.56 -23.12 -14.80
CA THR D 283 -6.91 -22.58 -14.87
C THR D 283 -7.81 -23.58 -14.18
N LEU D 284 -8.56 -23.10 -13.18
CA LEU D 284 -9.45 -23.88 -12.37
C LEU D 284 -10.89 -23.48 -12.66
N PRO D 285 -11.81 -24.40 -13.00
CA PRO D 285 -13.22 -24.01 -13.05
C PRO D 285 -13.76 -23.95 -11.64
N VAL D 286 -14.61 -22.95 -11.39
CA VAL D 286 -15.19 -22.72 -10.07
C VAL D 286 -16.71 -22.64 -10.21
N GLY D 287 -17.38 -22.92 -9.09
CA GLY D 287 -18.83 -22.82 -9.08
C GLY D 287 -19.28 -21.37 -9.16
N THR D 288 -20.33 -21.13 -9.95
CA THR D 288 -20.88 -19.79 -10.10
C THR D 288 -21.42 -19.27 -8.77
N ARG D 289 -22.26 -20.08 -8.13
CA ARG D 289 -22.84 -19.68 -6.85
C ARG D 289 -21.77 -19.57 -5.77
N ASP D 290 -20.82 -20.52 -5.77
CA ASP D 290 -19.69 -20.49 -4.83
C ASP D 290 -18.98 -19.14 -4.90
N TRP D 291 -18.71 -18.66 -6.12
CA TRP D 291 -18.04 -17.37 -6.25
C TRP D 291 -18.93 -16.24 -5.77
N ILE D 292 -20.20 -16.24 -6.18
CA ILE D 292 -21.10 -15.11 -5.90
C ILE D 292 -21.33 -14.93 -4.39
N GLU D 293 -21.25 -16.01 -3.61
CA GLU D 293 -21.47 -15.93 -2.17
C GLU D 293 -20.20 -15.61 -1.39
N GLY D 294 -19.08 -15.33 -2.06
CA GLY D 294 -17.92 -14.77 -1.41
C GLY D 294 -16.87 -15.77 -0.99
N GLU D 295 -16.77 -16.91 -1.66
CA GLU D 295 -15.69 -17.84 -1.36
C GLU D 295 -14.35 -17.20 -1.68
N THR D 296 -13.33 -17.64 -0.95
CA THR D 296 -11.94 -17.25 -1.16
C THR D 296 -11.20 -18.45 -1.73
N TYR D 297 -10.46 -18.24 -2.82
CA TYR D 297 -9.72 -19.29 -3.49
C TYR D 297 -8.24 -19.00 -3.38
N GLN D 298 -7.45 -20.06 -3.19
CA GLN D 298 -6.03 -19.94 -2.85
C GLN D 298 -5.25 -20.83 -3.80
N CYS D 299 -4.20 -20.26 -4.40
CA CYS D 299 -3.25 -20.96 -5.25
C CYS D 299 -1.93 -21.04 -4.51
N ARG D 300 -1.39 -22.24 -4.38
CA ARG D 300 -0.20 -22.50 -3.58
C ARG D 300 0.85 -23.24 -4.41
N VAL D 301 2.07 -22.68 -4.47
CA VAL D 301 3.14 -23.18 -5.31
C VAL D 301 4.35 -23.47 -4.42
N THR D 302 4.91 -24.67 -4.60
CA THR D 302 6.12 -25.11 -3.93
C THR D 302 7.09 -25.60 -4.98
N HIS D 303 8.32 -25.07 -4.98
CA HIS D 303 9.41 -25.52 -5.81
C HIS D 303 10.56 -25.99 -4.91
N PRO D 304 11.37 -26.99 -5.32
CA PRO D 304 12.43 -27.48 -4.40
C PRO D 304 13.46 -26.45 -4.00
N HIS D 305 13.75 -25.50 -4.88
CA HIS D 305 14.75 -24.46 -4.62
C HIS D 305 14.19 -23.27 -3.85
N LEU D 306 12.86 -23.12 -3.76
CA LEU D 306 12.30 -22.01 -3.00
C LEU D 306 12.36 -22.32 -1.51
N PRO D 307 12.64 -21.31 -0.64
CA PRO D 307 12.83 -21.63 0.79
C PRO D 307 11.52 -21.91 1.50
N ARG D 308 10.42 -21.34 1.01
CA ARG D 308 9.12 -21.57 1.61
C ARG D 308 8.05 -21.51 0.53
N ALA D 309 6.87 -22.02 0.88
CA ALA D 309 5.76 -22.05 -0.04
C ALA D 309 5.29 -20.64 -0.33
N LEU D 310 4.83 -20.41 -1.56
CA LEU D 310 4.28 -19.14 -1.99
C LEU D 310 2.81 -19.30 -2.29
N MET D 311 2.00 -18.39 -1.75
CA MET D 311 0.55 -18.45 -1.84
C MET D 311 0.01 -17.12 -2.35
N ARG D 312 -1.06 -17.23 -3.13
CA ARG D 312 -1.85 -16.10 -3.58
C ARG D 312 -3.30 -16.44 -3.30
N SER D 313 -4.08 -15.42 -2.98
CA SER D 313 -5.48 -15.57 -2.62
C SER D 313 -6.30 -14.54 -3.35
N THR D 314 -7.53 -14.93 -3.71
CA THR D 314 -8.43 -14.05 -4.42
C THR D 314 -9.84 -14.27 -3.90
N THR D 315 -10.63 -13.21 -3.94
CA THR D 315 -12.01 -13.27 -3.47
C THR D 315 -12.80 -12.14 -4.08
N LYS D 316 -14.12 -12.25 -3.93
CA LYS D 316 -15.06 -11.27 -4.43
C LYS D 316 -14.88 -9.94 -3.69
N THR D 317 -15.32 -8.86 -4.33
CA THR D 317 -15.15 -7.51 -3.79
C THR D 317 -15.95 -7.33 -2.50
N SER D 318 -15.43 -6.46 -1.63
CA SER D 318 -16.07 -6.12 -0.37
C SER D 318 -16.72 -4.74 -0.37
N GLY D 319 -16.77 -4.06 -1.52
CA GLY D 319 -17.31 -2.72 -1.61
C GLY D 319 -18.80 -2.80 -1.93
N PRO D 320 -19.43 -1.66 -2.16
CA PRO D 320 -20.85 -1.65 -2.52
C PRO D 320 -21.05 -2.12 -3.96
N ARG D 321 -22.31 -2.12 -4.40
CA ARG D 321 -22.71 -2.54 -5.74
C ARG D 321 -23.52 -1.47 -6.43
N ALA D 322 -23.25 -1.28 -7.71
CA ALA D 322 -23.98 -0.31 -8.54
C ALA D 322 -24.03 -0.85 -9.95
N ALA D 323 -25.23 -0.87 -10.55
CA ALA D 323 -25.34 -1.45 -11.87
C ALA D 323 -24.82 -0.47 -12.91
N PRO D 324 -24.30 -0.94 -14.06
CA PRO D 324 -23.77 0.02 -15.04
C PRO D 324 -24.88 0.69 -15.82
N GLU D 325 -24.63 1.95 -16.18
CA GLU D 325 -25.40 2.65 -17.20
C GLU D 325 -24.71 2.40 -18.52
N VAL D 326 -25.49 2.17 -19.57
CA VAL D 326 -25.00 1.84 -20.90
C VAL D 326 -25.59 2.83 -21.90
N TYR D 327 -24.73 3.51 -22.66
CA TYR D 327 -25.11 4.47 -23.67
C TYR D 327 -24.38 4.09 -24.95
N ALA D 328 -25.07 4.15 -26.10
CA ALA D 328 -24.49 3.75 -27.38
C ALA D 328 -24.81 4.80 -28.43
N PHE D 329 -23.80 5.17 -29.21
CA PHE D 329 -23.88 6.23 -30.20
C PHE D 329 -23.28 5.74 -31.51
N ALA D 330 -23.85 6.25 -32.61
CA ALA D 330 -23.32 6.06 -33.95
C ALA D 330 -22.76 7.40 -34.43
N THR D 331 -21.56 7.37 -34.99
CA THR D 331 -21.00 8.59 -35.55
C THR D 331 -21.80 9.01 -36.79
N PRO D 332 -21.98 10.32 -37.03
CA PRO D 332 -22.49 10.75 -38.34
C PRO D 332 -21.45 10.54 -39.43
N GLU D 333 -21.92 10.56 -40.68
CA GLU D 333 -21.03 10.40 -41.82
C GLU D 333 -20.01 11.52 -41.89
N TRP D 334 -18.70 11.13 -42.10
CA TRP D 334 -17.62 12.07 -42.31
C TRP D 334 -17.27 12.18 -43.80
N PRO D 335 -17.07 13.36 -44.39
CA PRO D 335 -16.81 13.46 -45.84
C PRO D 335 -15.60 12.65 -46.28
N GLY D 336 -15.80 11.81 -47.31
CA GLY D 336 -14.74 10.95 -47.80
C GLY D 336 -14.65 9.55 -47.23
N SER D 337 -15.54 9.17 -46.31
CA SER D 337 -15.51 7.84 -45.68
C SER D 337 -16.90 7.22 -45.76
N ARG D 338 -17.36 7.05 -47.01
CA ARG D 338 -18.72 6.59 -47.26
C ARG D 338 -18.97 5.18 -46.76
N ASP D 339 -17.93 4.34 -46.71
CA ASP D 339 -18.10 2.91 -46.51
C ASP D 339 -17.64 2.44 -45.13
N LYS D 340 -17.43 3.37 -44.18
CA LYS D 340 -17.06 3.01 -42.81
C LYS D 340 -17.80 3.90 -41.82
N ARG D 341 -18.08 3.32 -40.65
CA ARG D 341 -18.57 4.07 -39.51
C ARG D 341 -17.93 3.54 -38.25
N THR D 342 -17.98 4.35 -37.19
CA THR D 342 -17.53 3.98 -35.87
C THR D 342 -18.71 4.04 -34.91
N LEU D 343 -18.86 2.99 -34.10
CA LEU D 343 -19.83 2.93 -33.03
C LEU D 343 -19.07 3.11 -31.72
N ALA D 344 -19.64 3.91 -30.81
CA ALA D 344 -19.05 4.18 -29.52
C ALA D 344 -20.04 3.81 -28.43
N CYS D 345 -19.55 3.11 -27.41
CA CYS D 345 -20.35 2.67 -26.28
C CYS D 345 -19.70 3.19 -25.01
N LEU D 346 -20.48 3.89 -24.19
CA LEU D 346 -20.05 4.38 -22.87
C LEU D 346 -20.74 3.58 -21.78
N ILE D 347 -19.95 2.98 -20.90
CA ILE D 347 -20.45 2.14 -19.81
C ILE D 347 -19.92 2.79 -18.55
N GLN D 348 -20.81 3.18 -17.62
CA GLN D 348 -20.37 4.06 -16.54
C GLN D 348 -21.16 3.87 -15.24
N ASN D 349 -20.52 4.33 -14.15
CA ASN D 349 -21.10 4.43 -12.80
C ASN D 349 -21.35 3.07 -12.16
N PHE D 350 -20.63 2.04 -12.57
CA PHE D 350 -20.76 0.71 -11.98
C PHE D 350 -19.75 0.50 -10.87
N MET D 351 -20.10 -0.40 -9.94
CA MET D 351 -19.24 -0.80 -8.84
C MET D 351 -19.60 -2.27 -8.61
N PRO D 352 -18.62 -3.19 -8.42
CA PRO D 352 -17.15 -3.06 -8.45
C PRO D 352 -16.61 -2.90 -9.87
N GLU D 353 -15.29 -2.94 -10.06
CA GLU D 353 -14.69 -2.59 -11.34
C GLU D 353 -14.74 -3.70 -12.39
N ASP D 354 -15.06 -4.94 -12.01
CA ASP D 354 -14.98 -6.04 -12.96
C ASP D 354 -16.15 -5.99 -13.93
N ILE D 355 -15.86 -6.00 -15.23
CA ILE D 355 -16.89 -5.85 -16.25
C ILE D 355 -16.40 -6.51 -17.54
N SER D 356 -17.34 -7.06 -18.31
CA SER D 356 -17.07 -7.56 -19.66
C SER D 356 -17.95 -6.81 -20.64
N VAL D 357 -17.39 -6.53 -21.82
CA VAL D 357 -18.09 -5.82 -22.89
C VAL D 357 -18.04 -6.70 -24.12
N GLN D 358 -19.18 -6.89 -24.77
CA GLN D 358 -19.30 -7.60 -26.02
C GLN D 358 -20.08 -6.75 -27.01
N TRP D 359 -19.83 -7.00 -28.29
CA TRP D 359 -20.61 -6.43 -29.39
C TRP D 359 -21.26 -7.56 -30.15
N LEU D 360 -22.52 -7.33 -30.56
CA LEU D 360 -23.29 -8.27 -31.34
C LEU D 360 -23.82 -7.61 -32.60
N HIS D 361 -23.87 -8.41 -33.67
CA HIS D 361 -24.46 -8.04 -34.94
C HIS D 361 -25.17 -9.25 -35.49
N ASN D 362 -26.44 -9.07 -35.87
CA ASN D 362 -27.27 -10.15 -36.41
C ASN D 362 -27.41 -11.28 -35.39
N GLU D 363 -27.63 -10.90 -34.13
CA GLU D 363 -27.85 -11.74 -32.96
C GLU D 363 -26.66 -12.61 -32.56
N VAL D 364 -25.49 -12.50 -33.22
CA VAL D 364 -24.32 -13.31 -32.92
C VAL D 364 -23.23 -12.35 -32.46
N GLN D 365 -22.45 -12.79 -31.46
CA GLN D 365 -21.40 -11.96 -30.90
C GLN D 365 -20.20 -11.91 -31.84
N LEU D 366 -19.74 -10.69 -32.11
CA LEU D 366 -18.64 -10.45 -33.02
C LEU D 366 -17.30 -10.81 -32.36
N PRO D 367 -16.27 -11.19 -33.14
CA PRO D 367 -14.95 -11.46 -32.55
C PRO D 367 -14.40 -10.29 -31.75
N ASP D 368 -13.68 -10.61 -30.68
CA ASP D 368 -13.10 -9.58 -29.81
C ASP D 368 -12.11 -8.68 -30.55
N ALA D 369 -11.42 -9.20 -31.56
CA ALA D 369 -10.45 -8.39 -32.29
C ALA D 369 -11.07 -7.25 -33.07
N ARG D 370 -12.40 -7.24 -33.27
CA ARG D 370 -13.03 -6.20 -34.08
C ARG D 370 -13.17 -4.87 -33.37
N HIS D 371 -13.11 -4.85 -32.03
CA HIS D 371 -13.40 -3.66 -31.24
C HIS D 371 -12.34 -3.49 -30.16
N SER D 372 -12.18 -2.25 -29.71
CA SER D 372 -11.22 -1.87 -28.68
C SER D 372 -11.95 -1.25 -27.51
N THR D 373 -11.67 -1.74 -26.31
CA THR D 373 -12.27 -1.26 -25.08
C THR D 373 -11.19 -0.89 -24.09
N THR D 374 -11.37 0.25 -23.43
CA THR D 374 -10.40 0.73 -22.46
C THR D 374 -10.51 -0.04 -21.15
N GLN D 375 -9.50 0.15 -20.29
CA GLN D 375 -9.47 -0.48 -18.98
C GLN D 375 -10.32 0.36 -18.01
N PRO D 376 -10.94 -0.25 -16.99
CA PRO D 376 -11.77 0.55 -16.07
C PRO D 376 -10.98 1.60 -15.32
N ARG D 377 -11.51 2.82 -15.31
CA ARG D 377 -10.94 3.96 -14.62
C ARG D 377 -12.07 4.63 -13.83
N LYS D 378 -11.71 5.27 -12.73
CA LYS D 378 -12.72 5.88 -11.87
C LYS D 378 -13.40 7.07 -12.52
N THR D 379 -14.71 7.18 -12.30
CA THR D 379 -15.43 8.41 -12.61
C THR D 379 -15.04 9.49 -11.60
N LYS D 380 -15.73 10.64 -11.67
CA LYS D 380 -15.51 11.72 -10.70
C LYS D 380 -16.14 11.43 -9.35
N GLY D 381 -17.22 10.65 -9.31
CA GLY D 381 -17.88 10.29 -8.05
C GLY D 381 -17.83 8.80 -7.79
N SER D 382 -18.98 8.14 -7.75
CA SER D 382 -19.04 6.71 -7.47
C SER D 382 -18.91 5.93 -8.77
N GLY D 383 -18.08 4.89 -8.75
CA GLY D 383 -18.06 3.92 -9.82
C GLY D 383 -16.97 4.21 -10.82
N PHE D 384 -16.96 3.38 -11.87
CA PHE D 384 -15.91 3.31 -12.86
C PHE D 384 -16.57 3.51 -14.21
N PHE D 385 -15.78 3.84 -15.23
CA PHE D 385 -16.28 3.86 -16.60
C PHE D 385 -15.28 3.25 -17.57
N VAL D 386 -15.84 2.78 -18.70
CA VAL D 386 -15.07 2.39 -19.88
C VAL D 386 -15.77 2.88 -21.13
N PHE D 387 -14.97 3.03 -22.18
CA PHE D 387 -15.44 3.28 -23.55
C PHE D 387 -15.10 2.07 -24.41
N SER D 388 -15.99 1.73 -25.36
CA SER D 388 -15.73 0.73 -26.38
C SER D 388 -15.95 1.33 -27.76
N ARG D 389 -15.11 0.91 -28.71
CA ARG D 389 -15.05 1.45 -30.08
C ARG D 389 -15.12 0.28 -31.05
N LEU D 390 -16.03 0.37 -32.04
CA LEU D 390 -16.16 -0.67 -33.07
C LEU D 390 -16.29 -0.04 -34.45
N GLU D 391 -15.32 -0.29 -35.31
CA GLU D 391 -15.40 0.14 -36.71
C GLU D 391 -16.21 -0.89 -37.50
N VAL D 392 -17.15 -0.41 -38.31
CA VAL D 392 -18.02 -1.24 -39.13
C VAL D 392 -17.95 -0.77 -40.58
N THR D 393 -18.34 -1.69 -41.48
CA THR D 393 -18.31 -1.52 -42.92
C THR D 393 -19.72 -1.41 -43.49
N ARG D 394 -19.81 -0.83 -44.70
CA ARG D 394 -21.10 -0.67 -45.37
C ARG D 394 -21.81 -2.00 -45.58
N ALA D 395 -21.08 -3.04 -45.98
CA ALA D 395 -21.66 -4.37 -46.17
C ALA D 395 -22.35 -4.87 -44.90
N GLU D 396 -21.76 -4.55 -43.75
CA GLU D 396 -22.29 -5.04 -42.48
C GLU D 396 -23.60 -4.34 -42.15
N TRP D 397 -23.64 -3.00 -42.21
CA TRP D 397 -24.87 -2.33 -41.81
C TRP D 397 -25.95 -2.49 -42.87
N GLU D 398 -25.58 -2.68 -44.14
CA GLU D 398 -26.60 -3.00 -45.13
C GLU D 398 -27.14 -4.40 -44.92
N GLN D 399 -26.32 -5.30 -44.35
CA GLN D 399 -26.81 -6.62 -44.02
C GLN D 399 -27.77 -6.55 -42.84
N LYS D 400 -27.36 -5.84 -41.79
CA LYS D 400 -28.22 -5.48 -40.67
C LYS D 400 -27.60 -4.26 -39.99
N ASP D 401 -28.35 -3.18 -39.89
CA ASP D 401 -27.84 -1.89 -39.42
C ASP D 401 -28.03 -1.71 -37.91
N GLU D 402 -28.54 -2.72 -37.20
CA GLU D 402 -28.69 -2.66 -35.75
C GLU D 402 -27.54 -3.46 -35.13
N PHE D 403 -26.80 -2.82 -34.20
CA PHE D 403 -25.68 -3.44 -33.48
C PHE D 403 -25.86 -3.22 -31.99
N ILE D 404 -25.58 -4.25 -31.18
CA ILE D 404 -25.87 -4.23 -29.75
C ILE D 404 -24.55 -4.22 -28.98
N CYS D 405 -24.42 -3.22 -28.10
CA CYS D 405 -23.35 -3.16 -27.11
C CYS D 405 -23.90 -3.69 -25.79
N ARG D 406 -23.34 -4.80 -25.30
CA ARG D 406 -23.82 -5.48 -24.10
C ARG D 406 -22.71 -5.53 -23.06
N ALA D 407 -23.06 -5.13 -21.84
CA ALA D 407 -22.17 -5.16 -20.69
C ALA D 407 -22.65 -6.24 -19.73
N VAL D 408 -21.69 -7.03 -19.24
CA VAL D 408 -21.92 -8.02 -18.20
C VAL D 408 -21.21 -7.53 -16.94
N HIS D 409 -21.96 -7.43 -15.85
CA HIS D 409 -21.47 -6.82 -14.62
C HIS D 409 -22.24 -7.44 -13.46
N GLU D 410 -21.54 -7.71 -12.35
CA GLU D 410 -22.12 -8.46 -11.24
C GLU D 410 -23.31 -7.76 -10.57
N ALA D 411 -23.42 -6.44 -10.68
CA ALA D 411 -24.45 -5.64 -10.03
C ALA D 411 -25.69 -5.42 -10.88
N ALA D 412 -25.70 -5.88 -12.13
CA ALA D 412 -26.82 -5.68 -13.03
C ALA D 412 -27.90 -6.72 -12.74
N SER D 413 -29.16 -6.27 -12.83
CA SER D 413 -30.33 -7.07 -12.48
C SER D 413 -31.30 -7.13 -13.66
N PRO D 414 -31.99 -8.28 -13.88
CA PRO D 414 -32.06 -9.50 -13.06
C PRO D 414 -31.04 -10.58 -13.42
N SER D 415 -30.24 -10.47 -14.50
CA SER D 415 -29.36 -11.57 -14.92
C SER D 415 -27.94 -11.09 -15.17
N GLN D 416 -27.49 -10.05 -14.45
CA GLN D 416 -26.12 -9.55 -14.51
C GLN D 416 -25.73 -9.09 -15.92
N THR D 417 -26.70 -8.59 -16.67
CA THR D 417 -26.52 -8.25 -18.08
C THR D 417 -27.39 -7.05 -18.40
N VAL D 418 -26.80 -6.04 -19.01
CA VAL D 418 -27.55 -4.90 -19.52
C VAL D 418 -26.93 -4.50 -20.85
N GLN D 419 -27.80 -4.20 -21.82
CA GLN D 419 -27.38 -3.96 -23.19
C GLN D 419 -28.12 -2.77 -23.75
N ARG D 420 -27.60 -2.26 -24.85
CA ARG D 420 -28.22 -1.15 -25.57
C ARG D 420 -27.90 -1.34 -27.04
N ALA D 421 -28.94 -1.26 -27.87
CA ALA D 421 -28.77 -1.37 -29.30
C ALA D 421 -28.58 0.03 -29.90
N VAL D 422 -27.99 0.08 -31.09
CA VAL D 422 -27.82 1.33 -31.83
C VAL D 422 -27.91 1.06 -33.32
N SER D 423 -28.39 2.06 -34.05
CA SER D 423 -28.51 2.06 -35.50
C SER D 423 -27.66 3.18 -36.08
N SER D 424 -27.00 2.92 -37.21
CA SER D 424 -26.16 3.97 -37.81
C SER D 424 -26.98 4.95 -38.64
N VAL D 425 -28.02 4.47 -39.32
CA VAL D 425 -28.87 5.37 -40.09
C VAL D 425 -29.81 6.18 -39.21
N ALA D 426 -30.11 5.70 -38.00
CA ALA D 426 -30.97 6.42 -37.06
C ALA D 426 -30.56 6.09 -35.63
N ARG E 1 -43.24 -54.71 32.97
CA ARG E 1 -44.21 -53.62 33.28
C ARG E 1 -44.64 -52.96 31.96
N THR E 2 -45.34 -51.83 32.05
CA THR E 2 -45.74 -51.09 30.86
C THR E 2 -44.53 -50.50 30.15
N VAL E 3 -44.72 -50.19 28.87
CA VAL E 3 -43.67 -49.61 28.04
C VAL E 3 -43.52 -48.15 28.42
N GLY E 4 -42.33 -47.78 28.90
CA GLY E 4 -42.04 -46.43 29.35
C GLY E 4 -41.10 -45.72 28.37
N ALA E 5 -41.46 -44.49 28.02
CA ALA E 5 -40.62 -43.71 27.11
C ALA E 5 -39.39 -43.18 27.86
N PRO E 6 -38.21 -43.11 27.22
CA PRO E 6 -37.10 -42.41 27.87
C PRO E 6 -37.31 -40.91 27.87
N SER E 7 -37.16 -40.31 29.05
CA SER E 7 -36.91 -38.88 29.12
C SER E 7 -35.50 -38.63 28.64
N VAL E 8 -35.36 -38.02 27.47
CA VAL E 8 -34.06 -37.84 26.81
C VAL E 8 -33.53 -36.47 27.18
N PHE E 9 -32.33 -36.44 27.75
CA PHE E 9 -31.59 -35.23 28.08
C PHE E 9 -30.20 -35.31 27.45
N ILE E 10 -29.61 -34.14 27.21
CA ILE E 10 -28.25 -34.03 26.66
C ILE E 10 -27.49 -33.02 27.50
N PHE E 11 -26.31 -33.43 28.00
CA PHE E 11 -25.44 -32.63 28.85
C PHE E 11 -24.16 -32.31 28.08
N PRO E 12 -23.75 -31.03 27.96
CA PRO E 12 -22.46 -30.75 27.31
C PRO E 12 -21.29 -31.13 28.22
N PRO E 13 -20.07 -31.18 27.70
CA PRO E 13 -18.91 -31.29 28.59
C PRO E 13 -18.72 -30.01 29.39
N SER E 14 -18.12 -30.15 30.56
CA SER E 14 -17.76 -28.99 31.36
C SER E 14 -16.54 -28.29 30.77
N ASP E 15 -16.41 -27.00 31.08
CA ASP E 15 -15.22 -26.27 30.66
C ASP E 15 -13.97 -26.77 31.37
N GLU E 16 -14.12 -27.33 32.57
CA GLU E 16 -12.96 -27.91 33.25
C GLU E 16 -12.46 -29.15 32.53
N GLN E 17 -13.35 -29.94 31.94
CA GLN E 17 -12.90 -31.03 31.09
C GLN E 17 -12.17 -30.53 29.86
N LEU E 18 -12.57 -29.37 29.33
CA LEU E 18 -11.82 -28.77 28.24
C LEU E 18 -10.46 -28.28 28.69
N LYS E 19 -10.35 -27.83 29.95
CA LYS E 19 -9.04 -27.51 30.50
C LYS E 19 -8.19 -28.77 30.63
N SER E 20 -8.82 -29.90 31.00
CA SER E 20 -8.10 -31.17 31.03
C SER E 20 -7.77 -31.69 29.64
N GLY E 21 -8.47 -31.23 28.61
CA GLY E 21 -8.16 -31.57 27.22
C GLY E 21 -9.05 -32.61 26.59
N THR E 22 -10.09 -33.09 27.27
CA THR E 22 -11.04 -34.07 26.77
C THR E 22 -12.43 -33.44 26.71
N ALA E 23 -13.41 -34.21 26.23
CA ALA E 23 -14.78 -33.75 26.13
C ALA E 23 -15.71 -34.94 26.13
N SER E 24 -16.64 -34.98 27.09
CA SER E 24 -17.59 -36.08 27.28
C SER E 24 -19.00 -35.53 27.12
N VAL E 25 -19.58 -35.73 25.94
CA VAL E 25 -20.96 -35.32 25.68
C VAL E 25 -21.86 -36.46 26.16
N VAL E 26 -22.77 -36.17 27.09
CA VAL E 26 -23.59 -37.21 27.72
C VAL E 26 -25.01 -37.09 27.17
N CYS E 27 -25.61 -38.24 26.86
CA CYS E 27 -27.04 -38.35 26.58
C CYS E 27 -27.64 -39.27 27.63
N LEU E 28 -28.54 -38.73 28.44
CA LEU E 28 -29.23 -39.46 29.50
C LEU E 28 -30.60 -39.87 29.02
N LEU E 29 -30.91 -41.16 29.16
CA LEU E 29 -32.22 -41.74 28.89
C LEU E 29 -32.75 -42.21 30.23
N ASN E 30 -33.70 -41.46 30.79
CA ASN E 30 -34.21 -41.71 32.14
C ASN E 30 -35.56 -42.41 32.09
N ASN E 31 -35.71 -43.47 32.90
CA ASN E 31 -37.01 -44.09 33.19
C ASN E 31 -37.68 -44.62 31.92
N PHE E 32 -37.03 -45.60 31.30
CA PHE E 32 -37.52 -46.26 30.09
C PHE E 32 -37.61 -47.77 30.31
N TYR E 33 -38.68 -48.35 29.80
CA TYR E 33 -38.89 -49.79 29.73
C TYR E 33 -39.43 -50.11 28.35
N PRO E 34 -38.95 -51.19 27.66
CA PRO E 34 -37.94 -52.20 28.02
C PRO E 34 -36.51 -51.69 27.86
N ARG E 35 -35.53 -52.58 28.07
CA ARG E 35 -34.13 -52.20 28.06
C ARG E 35 -33.59 -51.92 26.66
N GLU E 36 -34.29 -52.35 25.60
CA GLU E 36 -33.78 -52.24 24.23
C GLU E 36 -33.92 -50.81 23.75
N ALA E 37 -32.90 -50.00 24.04
CA ALA E 37 -32.80 -48.62 23.59
C ALA E 37 -31.54 -48.46 22.75
N LYS E 38 -31.68 -47.75 21.62
CA LYS E 38 -30.57 -47.46 20.72
C LYS E 38 -30.28 -45.96 20.77
N VAL E 39 -29.02 -45.62 21.00
CA VAL E 39 -28.54 -44.23 21.02
C VAL E 39 -27.57 -44.05 19.86
N GLN E 40 -27.84 -43.05 19.03
CA GLN E 40 -27.01 -42.68 17.89
C GLN E 40 -26.51 -41.26 18.08
N TRP E 41 -25.26 -41.01 17.69
CA TRP E 41 -24.61 -39.72 17.89
C TRP E 41 -24.50 -38.99 16.56
N LYS E 42 -25.08 -37.79 16.50
CA LYS E 42 -25.09 -36.93 15.31
C LYS E 42 -24.34 -35.66 15.66
N VAL E 43 -23.11 -35.54 15.17
CA VAL E 43 -22.24 -34.39 15.39
C VAL E 43 -22.19 -33.61 14.08
N ASP E 44 -22.80 -32.42 14.08
CA ASP E 44 -23.01 -31.63 12.87
C ASP E 44 -23.74 -32.45 11.81
N ASN E 45 -24.76 -33.19 12.26
CA ASN E 45 -25.58 -34.05 11.40
C ASN E 45 -24.73 -35.08 10.65
N ALA E 46 -23.77 -35.66 11.37
CA ALA E 46 -22.94 -36.75 10.86
C ALA E 46 -22.94 -37.87 11.88
N LEU E 47 -23.30 -39.08 11.45
CA LEU E 47 -23.40 -40.20 12.36
C LEU E 47 -22.02 -40.61 12.85
N GLN E 48 -21.89 -40.83 14.15
CA GLN E 48 -20.64 -41.22 14.79
C GLN E 48 -20.76 -42.63 15.34
N SER E 49 -19.64 -43.36 15.29
CA SER E 49 -19.57 -44.72 15.80
C SER E 49 -18.15 -44.99 16.26
N GLY E 50 -18.02 -45.90 17.22
CA GLY E 50 -16.71 -46.28 17.74
C GLY E 50 -16.13 -45.35 18.78
N ASN E 51 -16.85 -44.30 19.19
CA ASN E 51 -16.41 -43.35 20.20
C ASN E 51 -17.51 -43.08 21.22
N SER E 52 -18.36 -44.08 21.47
CA SER E 52 -19.50 -43.97 22.38
C SER E 52 -19.47 -45.13 23.36
N GLN E 53 -19.72 -44.81 24.64
CA GLN E 53 -19.78 -45.80 25.71
C GLN E 53 -21.09 -45.65 26.47
N GLU E 54 -21.88 -46.73 26.53
CA GLU E 54 -23.19 -46.72 27.16
C GLU E 54 -23.11 -47.43 28.50
N SER E 55 -23.52 -46.74 29.57
CA SER E 55 -23.64 -47.31 30.91
C SER E 55 -25.11 -47.46 31.24
N VAL E 56 -25.52 -48.69 31.57
CA VAL E 56 -26.90 -49.06 31.84
C VAL E 56 -26.98 -49.60 33.27
N THR E 57 -27.94 -49.10 34.05
CA THR E 57 -28.16 -49.56 35.40
C THR E 57 -29.01 -50.83 35.39
N GLU E 58 -29.19 -51.41 36.57
CA GLU E 58 -30.07 -52.55 36.75
C GLU E 58 -31.52 -52.07 36.80
N GLN E 59 -32.46 -53.01 36.85
CA GLN E 59 -33.86 -52.66 36.96
C GLN E 59 -34.13 -52.01 38.31
N ASP E 60 -34.79 -50.85 38.27
CA ASP E 60 -35.08 -50.13 39.50
C ASP E 60 -36.14 -50.85 40.32
N SER E 61 -36.06 -50.68 41.63
CA SER E 61 -36.97 -51.33 42.56
C SER E 61 -38.27 -50.56 42.81
N LYS E 62 -38.40 -49.33 42.29
CA LYS E 62 -39.57 -48.48 42.51
C LYS E 62 -40.52 -48.50 41.32
N ASP E 63 -40.01 -48.20 40.12
CA ASP E 63 -40.81 -48.10 38.90
C ASP E 63 -40.49 -49.18 37.88
N SER E 64 -39.48 -50.04 38.12
CA SER E 64 -39.12 -51.14 37.24
C SER E 64 -38.72 -50.67 35.84
N THR E 65 -38.14 -49.47 35.75
CA THR E 65 -37.64 -48.88 34.51
C THR E 65 -36.11 -48.95 34.52
N TYR E 66 -35.50 -48.36 33.49
CA TYR E 66 -34.06 -48.36 33.31
C TYR E 66 -33.56 -46.94 33.07
N SER E 67 -32.27 -46.76 33.33
CA SER E 67 -31.56 -45.51 33.09
C SER E 67 -30.28 -45.80 32.33
N LEU E 68 -30.06 -45.06 31.25
CA LEU E 68 -28.88 -45.22 30.39
C LEU E 68 -28.19 -43.87 30.25
N SER E 69 -26.85 -43.91 30.19
CA SER E 69 -26.05 -42.73 29.88
C SER E 69 -25.06 -43.10 28.79
N SER E 70 -25.20 -42.48 27.62
CA SER E 70 -24.27 -42.65 26.50
C SER E 70 -23.28 -41.50 26.52
N THR E 71 -21.99 -41.83 26.56
CA THR E 71 -20.89 -40.88 26.68
C THR E 71 -20.10 -40.89 25.38
N LEU E 72 -20.13 -39.77 24.66
CA LEU E 72 -19.28 -39.56 23.48
C LEU E 72 -18.02 -38.86 23.93
N THR E 73 -16.88 -39.55 23.80
CA THR E 73 -15.58 -39.04 24.22
C THR E 73 -14.83 -38.52 23.00
N LEU E 74 -14.40 -37.26 23.06
CA LEU E 74 -13.63 -36.63 22.01
C LEU E 74 -12.52 -35.79 22.64
N SER E 75 -11.60 -35.32 21.81
CA SER E 75 -10.55 -34.41 22.26
C SER E 75 -11.08 -32.99 22.35
N LYS E 76 -10.25 -32.10 22.90
CA LYS E 76 -10.65 -30.70 23.03
C LYS E 76 -10.71 -30.04 21.65
N ALA E 77 -9.70 -30.28 20.81
CA ALA E 77 -9.73 -29.72 19.46
C ALA E 77 -10.85 -30.33 18.64
N ASP E 78 -11.09 -31.63 18.79
CA ASP E 78 -12.19 -32.27 18.08
C ASP E 78 -13.54 -31.77 18.58
N TYR E 79 -13.64 -31.37 19.85
CA TYR E 79 -14.87 -30.77 20.33
C TYR E 79 -15.05 -29.34 19.81
N GLU E 80 -13.97 -28.56 19.80
CA GLU E 80 -14.09 -27.15 19.44
C GLU E 80 -14.26 -26.93 17.94
N LYS E 81 -13.84 -27.90 17.10
CA LYS E 81 -14.04 -27.77 15.67
C LYS E 81 -15.50 -27.99 15.25
N HIS E 82 -16.25 -28.78 16.01
CA HIS E 82 -17.65 -29.07 15.74
C HIS E 82 -18.54 -28.13 16.53
N LYS E 83 -19.78 -27.94 16.04
CA LYS E 83 -20.69 -26.91 16.52
C LYS E 83 -21.94 -27.47 17.16
N VAL E 84 -22.68 -28.34 16.47
CA VAL E 84 -23.95 -28.89 16.95
C VAL E 84 -23.72 -30.36 17.31
N TYR E 85 -24.16 -30.75 18.51
CA TYR E 85 -24.04 -32.10 19.01
C TYR E 85 -25.42 -32.61 19.41
N ALA E 86 -25.78 -33.80 18.93
CA ALA E 86 -27.11 -34.36 19.15
C ALA E 86 -27.02 -35.86 19.40
N CYS E 87 -27.98 -36.36 20.19
CA CYS E 87 -28.18 -37.78 20.42
C CYS E 87 -29.61 -38.14 20.04
N GLU E 88 -29.74 -39.19 19.24
CA GLU E 88 -31.02 -39.69 18.76
C GLU E 88 -31.31 -41.02 19.46
N VAL E 89 -32.48 -41.09 20.09
CA VAL E 89 -32.89 -42.22 20.92
C VAL E 89 -34.05 -42.92 20.23
N THR E 90 -33.81 -44.17 19.83
CA THR E 90 -34.85 -45.05 19.29
C THR E 90 -35.23 -46.05 20.38
N HIS E 91 -36.53 -46.17 20.62
CA HIS E 91 -37.05 -47.01 21.70
C HIS E 91 -38.49 -47.38 21.37
N GLN E 92 -38.97 -48.44 22.03
CA GLN E 92 -40.35 -48.86 21.84
C GLN E 92 -41.33 -47.79 22.33
N GLY E 93 -41.00 -47.14 23.44
CA GLY E 93 -41.87 -46.11 24.01
C GLY E 93 -41.94 -44.83 23.21
N LEU E 94 -41.04 -44.63 22.25
CA LEU E 94 -41.06 -43.47 21.36
C LEU E 94 -41.58 -43.90 19.99
N SER E 95 -42.58 -43.18 19.49
CA SER E 95 -43.11 -43.47 18.17
C SER E 95 -42.10 -43.12 17.07
N SER E 96 -41.33 -42.05 17.27
CA SER E 96 -40.27 -41.60 16.39
C SER E 96 -38.98 -41.53 17.19
N PRO E 97 -37.80 -41.71 16.57
CA PRO E 97 -36.56 -41.54 17.35
C PRO E 97 -36.36 -40.09 17.77
N VAL E 98 -36.33 -39.86 19.08
CA VAL E 98 -36.28 -38.50 19.60
C VAL E 98 -34.83 -38.01 19.56
N THR E 99 -34.59 -36.89 18.88
CA THR E 99 -33.27 -36.27 18.78
C THR E 99 -33.21 -35.07 19.72
N LYS E 100 -32.30 -35.13 20.68
CA LYS E 100 -32.01 -34.03 21.61
C LYS E 100 -30.64 -33.48 21.29
N SER E 101 -30.56 -32.16 21.10
CA SER E 101 -29.39 -31.49 20.56
C SER E 101 -29.06 -30.24 21.36
N PHE E 102 -27.78 -29.84 21.28
CA PHE E 102 -27.34 -28.55 21.76
C PHE E 102 -26.32 -27.99 20.78
N ASN E 103 -26.04 -26.69 20.96
CA ASN E 103 -25.14 -25.91 20.12
C ASN E 103 -24.02 -25.32 20.97
N ARG E 104 -22.80 -25.39 20.44
CA ARG E 104 -21.63 -24.89 21.17
C ARG E 104 -21.69 -23.38 21.37
N GLY E 105 -22.33 -22.66 20.46
CA GLY E 105 -22.38 -21.20 20.57
C GLY E 105 -23.13 -20.71 21.79
N GLU E 106 -24.19 -21.42 22.20
CA GLU E 106 -25.03 -21.06 23.33
C GLU E 106 -24.81 -21.93 24.56
N CYS E 107 -23.74 -22.74 24.59
CA CYS E 107 -23.41 -23.59 25.73
C CYS E 107 -21.93 -23.44 26.10
C1 NAG F . 7.36 7.34 -5.50
C2 NAG F . 7.12 6.39 -6.66
C3 NAG F . 7.43 7.09 -7.98
C4 NAG F . 6.55 8.33 -8.10
C5 NAG F . 6.76 9.24 -6.90
C6 NAG F . 5.82 10.41 -6.88
C7 NAG F . 7.34 4.06 -5.98
C8 NAG F . 8.24 2.86 -5.90
N2 NAG F . 7.86 5.15 -6.53
O3 NAG F . 7.22 6.20 -9.07
O4 NAG F . 6.90 9.08 -9.27
O5 NAG F . 6.56 8.52 -5.68
O6 NAG F . 4.46 10.01 -6.82
O7 NAG F . 6.18 4.02 -5.58
C1 NAG F . 6.06 8.75 -10.39
C2 NAG F . 5.59 10.03 -11.08
C3 NAG F . 4.80 9.69 -12.34
C4 NAG F . 5.62 8.79 -13.25
C5 NAG F . 6.02 7.54 -12.47
C6 NAG F . 6.90 6.60 -13.27
C7 NAG F . 4.74 12.19 -10.27
C8 NAG F . 3.89 12.87 -9.26
N2 NAG F . 4.80 10.85 -10.18
O3 NAG F . 4.42 10.89 -13.02
O4 NAG F . 4.88 8.43 -14.41
O5 NAG F . 6.78 7.93 -11.31
O6 NAG F . 8.06 6.22 -12.53
O7 NAG F . 5.37 12.81 -11.13
C1 BMA F . 5.45 9.08 -15.57
C2 BMA F . 5.20 8.18 -16.80
C3 BMA F . 5.57 8.90 -18.10
C4 BMA F . 4.97 10.31 -18.15
C5 BMA F . 5.42 11.08 -16.90
C6 BMA F . 4.92 12.52 -16.89
O2 BMA F . 3.83 7.85 -16.91
O3 BMA F . 5.18 8.17 -19.26
O4 BMA F . 5.40 10.99 -19.31
O5 BMA F . 4.90 10.39 -15.76
O6 BMA F . 3.91 12.68 -17.88
C1 MAN F . 6.27 7.31 -19.69
C2 MAN F . 6.43 7.45 -21.24
C3 MAN F . 5.35 6.67 -21.98
C4 MAN F . 5.25 5.24 -21.44
C5 MAN F . 4.94 5.29 -19.95
C6 MAN F . 4.82 3.92 -19.33
O2 MAN F . 7.67 6.88 -21.68
O3 MAN F . 5.58 6.64 -23.39
O4 MAN F . 4.20 4.55 -22.11
O5 MAN F . 6.04 5.97 -19.28
O6 MAN F . 4.33 4.09 -18.00
C1 MAN F . 2.85 13.48 -17.31
C2 MAN F . 1.56 12.63 -17.32
C3 MAN F . 0.99 12.54 -18.73
C4 MAN F . 0.82 13.94 -19.33
C5 MAN F . 2.17 14.64 -19.37
C6 MAN F . 2.09 16.06 -19.91
O2 MAN F . 0.54 13.23 -16.53
O3 MAN F . -0.26 11.84 -18.75
O4 MAN F . 0.30 13.85 -20.65
O5 MAN F . 2.70 14.73 -18.02
O6 MAN F . 3.09 16.23 -20.91
C1 NAG G . 32.26 -11.61 -33.32
C2 NAG G . 33.25 -11.39 -34.47
C3 NAG G . 32.85 -10.16 -35.29
C4 NAG G . 31.40 -10.29 -35.76
C5 NAG G . 30.50 -10.50 -34.56
C6 NAG G . 29.06 -10.73 -34.95
C7 NAG G . 35.40 -12.28 -33.71
C8 NAG G . 36.77 -11.95 -33.19
N2 NAG G . 34.61 -11.24 -33.97
O3 NAG G . 33.72 -10.04 -36.41
O4 NAG G . 31.01 -9.11 -36.47
O5 NAG G . 30.92 -11.65 -33.84
O6 NAG G . 28.95 -11.71 -35.98
O7 NAG G . 35.04 -13.44 -33.90
C1 NAG G . 30.76 -9.41 -37.87
C2 NAG G . 29.50 -8.70 -38.32
C3 NAG G . 29.23 -8.97 -39.80
C4 NAG G . 30.46 -8.66 -40.64
C5 NAG G . 31.70 -9.34 -40.06
C6 NAG G . 32.98 -8.94 -40.76
C7 NAG G . 27.59 -8.21 -36.85
C8 NAG G . 26.44 -8.79 -36.08
N2 NAG G . 28.34 -9.09 -37.52
O3 NAG G . 28.13 -8.19 -40.24
O4 NAG G . 30.27 -9.14 -41.96
O5 NAG G . 31.86 -9.01 -38.67
O6 NAG G . 33.81 -10.06 -41.00
O7 NAG G . 27.81 -7.01 -36.87
C1 MAN G . 30.06 -8.09 -42.94
C2 MAN G . 31.40 -7.88 -43.69
C3 MAN G . 31.60 -6.41 -44.00
C4 MAN G . 30.28 -5.76 -44.41
C5 MAN G . 29.28 -5.81 -43.25
C6 MAN G . 27.85 -6.01 -43.72
O2 MAN G . 31.37 -8.54 -44.97
O3 MAN G . 32.59 -6.21 -45.01
O4 MAN G . 30.50 -4.41 -44.80
O5 MAN G . 29.62 -6.88 -42.33
O6 MAN G . 27.89 -6.66 -44.99
C1 MAN G . 33.88 -6.09 -44.36
C2 MAN G . 34.61 -4.86 -44.99
C3 MAN G . 35.17 -5.20 -46.38
C4 MAN G . 35.94 -6.52 -46.34
C5 MAN G . 35.03 -7.62 -45.83
C6 MAN G . 35.73 -8.98 -45.78
O2 MAN G . 35.75 -4.48 -44.20
O3 MAN G . 35.98 -4.15 -46.88
O4 MAN G . 36.41 -6.83 -47.64
O5 MAN G . 34.62 -7.30 -44.50
O6 MAN G . 34.73 -9.97 -45.56
C1 MAN G . 26.68 -6.36 -45.71
C2 MAN G . 25.84 -7.66 -45.83
C3 MAN G . 26.44 -8.60 -46.88
C4 MAN G . 26.67 -7.85 -48.19
C5 MAN G . 27.60 -6.67 -47.94
C6 MAN G . 27.90 -5.87 -49.19
O2 MAN G . 24.51 -7.39 -46.26
O3 MAN G . 25.61 -9.74 -47.11
O4 MAN G . 27.25 -8.72 -49.15
O5 MAN G . 26.98 -5.78 -46.98
O6 MAN G . 28.94 -4.94 -48.89
C1 NAG H . 45.97 4.05 -24.96
C2 NAG H . 45.51 5.40 -24.44
C3 NAG H . 43.99 5.39 -24.23
C4 NAG H . 43.26 4.86 -25.47
C5 NAG H . 43.91 3.60 -26.02
C6 NAG H . 43.37 3.19 -27.36
C7 NAG H . 47.29 6.49 -23.17
C8 NAG H . 47.88 6.74 -21.81
N2 NAG H . 46.20 5.74 -23.20
O3 NAG H . 43.55 6.71 -23.95
O4 NAG H . 41.93 4.52 -25.09
O5 NAG H . 45.32 3.77 -26.17
O6 NAG H . 44.42 3.04 -28.31
O7 NAG H . 47.82 6.93 -24.19
C1 NAG H . 40.92 5.45 -25.47
C2 NAG H . 39.62 4.66 -25.42
C3 NAG H . 38.43 5.56 -25.73
C4 NAG H . 38.42 6.74 -24.78
C5 NAG H . 39.75 7.49 -24.90
C6 NAG H . 39.87 8.64 -23.92
C7 NAG H . 39.15 2.33 -26.00
C8 NAG H . 39.27 1.26 -27.04
N2 NAG H . 39.66 3.53 -26.31
O3 NAG H . 37.24 4.81 -25.60
O4 NAG H . 37.33 7.61 -25.05
O5 NAG H . 40.84 6.59 -24.61
O6 NAG H . 40.46 8.21 -22.70
O7 NAG H . 38.63 2.13 -24.90
C1 MAN H . 36.41 7.47 -23.94
C2 MAN H . 35.19 6.63 -24.40
C3 MAN H . 34.33 7.43 -25.35
C4 MAN H . 33.92 8.75 -24.74
C5 MAN H . 35.09 9.56 -24.18
C6 MAN H . 34.56 10.61 -23.21
O2 MAN H . 34.34 6.32 -23.30
O3 MAN H . 33.14 6.72 -25.63
O4 MAN H . 33.22 9.53 -25.70
O5 MAN H . 36.00 8.74 -23.41
O6 MAN H . 33.82 9.92 -22.19
C1 MAN H . 33.19 6.16 -26.95
C2 MAN H . 31.74 5.92 -27.36
C3 MAN H . 31.11 4.88 -26.45
C4 MAN H . 31.97 3.62 -26.43
C5 MAN H . 33.40 3.97 -26.02
C6 MAN H . 34.35 2.80 -26.06
O2 MAN H . 31.65 5.36 -28.68
O3 MAN H . 29.78 4.58 -26.81
O4 MAN H . 31.44 2.69 -25.52
O5 MAN H . 33.92 4.97 -26.93
O6 MAN H . 35.63 3.23 -25.60
C1 MAN H . 32.42 10.31 -22.22
C2 MAN H . 31.91 10.49 -20.76
C3 MAN H . 31.62 9.15 -20.08
C4 MAN H . 30.76 8.26 -20.99
C5 MAN H . 31.48 8.06 -22.32
C6 MAN H . 30.70 7.19 -23.29
O2 MAN H . 30.68 11.23 -20.71
O3 MAN H . 30.98 9.31 -18.83
O4 MAN H . 30.58 6.99 -20.37
O5 MAN H . 31.63 9.35 -22.94
O6 MAN H . 30.95 5.82 -22.96
C1 NAG I . 42.29 -0.33 -4.95
C2 NAG I . 41.23 -0.15 -3.86
C3 NAG I . 41.70 0.88 -2.83
C4 NAG I . 43.08 0.51 -2.30
C5 NAG I . 44.05 0.32 -3.46
C6 NAG I . 45.41 -0.16 -3.01
C7 NAG I . 38.80 -0.34 -4.24
C8 NAG I . 37.60 0.25 -4.92
N2 NAG I . 39.97 0.29 -4.45
O3 NAG I . 40.76 0.93 -1.75
O4 NAG I . 43.60 1.56 -1.47
O5 NAG I . 43.53 -0.68 -4.34
O6 NAG I . 45.31 -1.05 -1.91
O7 NAG I . 38.73 -1.35 -3.54
C1 NAG I . 43.32 1.29 -0.09
C2 NAG I . 44.53 1.66 0.76
C3 NAG I . 44.22 1.50 2.25
C4 NAG I . 42.94 2.24 2.61
C5 NAG I . 41.80 1.84 1.67
C6 NAG I . 40.55 2.65 1.88
C7 NAG I . 46.89 1.37 0.14
C8 NAG I . 47.96 0.38 -0.22
N2 NAG I . 45.68 0.84 0.39
O3 NAG I . 45.30 1.99 3.01
O4 NAG I . 42.57 1.96 3.95
O5 NAG I . 42.20 2.06 0.31
O6 NAG I . 39.92 2.94 0.64
O7 NAG I . 47.10 2.58 0.19
C1 NAG J . 61.58 -13.30 -30.29
C2 NAG J . 62.27 -12.40 -31.29
C3 NAG J . 62.93 -13.23 -32.35
C4 NAG J . 63.98 -14.12 -31.69
C5 NAG J . 63.34 -14.93 -30.56
C6 NAG J . 64.36 -15.66 -29.71
C7 NAG J . 61.51 -10.09 -31.71
C8 NAG J . 60.51 -9.23 -32.44
N2 NAG J . 61.39 -11.41 -31.89
O3 NAG J . 63.50 -12.36 -33.33
O4 NAG J . 64.57 -15.00 -32.67
O5 NAG J . 62.57 -14.11 -29.65
O6 NAG J . 65.64 -15.58 -30.32
O7 NAG J . 62.34 -9.61 -30.94
C1 NAG J . 65.67 -14.44 -33.48
C2 NAG J . 65.98 -15.34 -34.68
C3 NAG J . 67.04 -14.68 -35.56
C4 NAG J . 66.57 -13.30 -36.00
C5 NAG J . 66.29 -12.45 -34.77
C6 NAG J . 65.66 -11.11 -35.12
C7 NAG J . 65.92 -17.78 -34.76
C8 NAG J . 64.84 -17.61 -35.78
N2 NAG J . 66.43 -16.65 -34.26
O3 NAG J . 67.32 -15.50 -36.68
O4 NAG J . 67.57 -12.65 -36.79
O5 NAG J . 65.34 -13.12 -33.94
O6 NAG J . 66.64 -10.18 -35.55
O7 NAG J . 66.32 -18.88 -34.41
C1 NAG K . 32.57 -16.18 -10.19
C2 NAG K . 31.93 -15.87 -8.83
C3 NAG K . 32.78 -14.87 -8.07
C4 NAG K . 34.17 -15.47 -7.92
C5 NAG K . 34.76 -15.83 -9.28
C6 NAG K . 36.10 -16.53 -9.20
C7 NAG K . 29.51 -16.05 -8.50
C8 NAG K . 28.15 -15.48 -8.83
N2 NAG K . 30.57 -15.40 -9.00
O3 NAG K . 32.19 -14.62 -6.81
O4 NAG K . 34.99 -14.52 -7.24
O5 NAG K . 33.89 -16.72 -9.99
O6 NAG K . 36.00 -17.89 -9.60
O7 NAG K . 29.66 -17.08 -7.84
C1 NAG K . 35.04 -14.92 -5.86
C2 NAG K . 36.30 -14.26 -5.33
C3 NAG K . 36.49 -14.57 -3.84
C4 NAG K . 35.23 -14.22 -3.07
C5 NAG K . 34.02 -14.90 -3.69
C6 NAG K . 32.72 -14.57 -3.01
C7 NAG K . 37.94 -13.96 -7.12
C8 NAG K . 39.13 -14.55 -7.81
N2 NAG K . 37.45 -14.68 -6.10
O3 NAG K . 37.59 -13.82 -3.36
O4 NAG K . 35.36 -14.62 -1.71
O5 NAG K . 33.91 -14.51 -5.07
O6 NAG K . 32.19 -13.33 -3.45
O7 NAG K . 37.45 -12.90 -7.46
C1 NAG L . 10.22 -13.64 -20.09
C2 NAG L . 10.07 -12.54 -19.07
C3 NAG L . 8.79 -12.69 -18.29
C4 NAG L . 7.59 -12.82 -19.20
C5 NAG L . 7.84 -13.94 -20.21
C6 NAG L . 6.74 -14.08 -21.22
C7 NAG L . 11.70 -11.42 -17.65
C8 NAG L . 12.89 -11.60 -16.76
N2 NAG L . 11.21 -12.54 -18.18
O3 NAG L . 8.65 -11.53 -17.48
O4 NAG L . 6.45 -13.14 -18.43
O5 NAG L . 9.06 -13.69 -20.93
O6 NAG L . 7.00 -15.16 -22.11
O7 NAG L . 11.21 -10.32 -17.88
C1 NAG L . 5.59 -11.98 -18.41
C2 NAG L . 4.15 -12.39 -18.75
C3 NAG L . 3.21 -11.20 -18.66
C4 NAG L . 3.36 -10.51 -17.32
C5 NAG L . 4.83 -10.15 -17.07
C6 NAG L . 5.06 -9.53 -15.72
C7 NAG L . 3.16 -13.90 -20.41
C8 NAG L . 3.25 -14.42 -21.83
N2 NAG L . 4.08 -12.99 -20.07
O3 NAG L . 1.88 -11.62 -18.87
O4 NAG L . 2.57 -9.32 -17.28
O5 NAG L . 5.62 -11.34 -17.13
O6 NAG L . 4.22 -10.11 -14.73
O7 NAG L . 2.31 -14.30 -19.63
C1 BMA L . 1.47 -9.57 -16.39
C2 BMA L . 1.14 -8.26 -15.65
C3 BMA L . -0.14 -8.44 -14.83
C4 BMA L . -1.25 -9.02 -15.70
C5 BMA L . -0.78 -10.34 -16.33
C6 BMA L . -1.83 -10.98 -17.21
O2 BMA L . 0.89 -7.21 -16.56
O3 BMA L . -0.56 -7.22 -14.26
O4 BMA L . -2.40 -9.27 -14.90
O5 BMA L . 0.35 -10.04 -17.14
O6 BMA L . -3.09 -10.44 -16.87
C1 MAN L . 0.38 -6.85 -13.23
C2 MAN L . -0.38 -6.85 -11.86
C3 MAN L . -1.30 -5.63 -11.76
C4 MAN L . -0.55 -4.34 -12.12
C5 MAN L . 0.04 -4.49 -13.52
C6 MAN L . 0.79 -3.26 -13.97
O2 MAN L . 0.53 -6.74 -10.76
O3 MAN L . -1.87 -5.52 -10.46
O4 MAN L . -1.45 -3.25 -12.09
O5 MAN L . 0.96 -5.59 -13.51
O6 MAN L . 1.12 -3.41 -15.35
C1 MAN L . -4.03 -10.79 -17.90
C2 MAN L . -3.65 -9.99 -19.17
C3 MAN L . -4.01 -8.52 -18.98
C4 MAN L . -5.46 -8.35 -18.53
C5 MAN L . -5.67 -9.14 -17.23
C6 MAN L . -7.10 -9.07 -16.73
O2 MAN L . -4.41 -10.42 -20.30
O3 MAN L . -3.77 -7.77 -20.17
O4 MAN L . -5.75 -6.99 -18.30
O5 MAN L . -5.36 -10.52 -17.48
O6 MAN L . -7.93 -9.77 -17.65
C1 NAG M . 57.72 -3.13 -5.27
C2 NAG M . 56.75 -2.26 -4.49
C3 NAG M . 57.41 -1.76 -3.22
C4 NAG M . 57.95 -2.94 -2.41
C5 NAG M . 58.84 -3.82 -3.29
C6 NAG M . 59.29 -5.08 -2.59
C7 NAG M . 54.99 -0.95 -5.59
C8 NAG M . 54.67 0.25 -6.43
N2 NAG M . 56.28 -1.14 -5.30
O3 NAG M . 56.46 -1.03 -2.43
O4 NAG M . 58.72 -2.46 -1.31
O5 NAG M . 58.12 -4.23 -4.47
O6 NAG M . 58.60 -5.26 -1.36
O7 NAG M . 54.12 -1.71 -5.20
C1 NAG N . 35.95 -33.28 -21.99
C2 NAG N . 36.89 -33.79 -20.90
C3 NAG N . 37.71 -34.97 -21.43
C4 NAG N . 36.80 -36.04 -22.00
C5 NAG N . 35.87 -35.43 -23.04
C6 NAG N . 34.84 -36.42 -23.56
C7 NAG N . 37.52 -32.09 -19.26
C8 NAG N . 38.52 -31.03 -18.89
N2 NAG N . 37.75 -32.74 -20.40
O3 NAG N . 38.50 -35.50 -20.37
O4 NAG N . 37.57 -37.06 -22.60
O5 NAG N . 35.12 -34.35 -22.47
O6 NAG N . 35.35 -37.16 -24.67
O7 NAG N . 36.56 -32.34 -18.55
#